data_5Z5C
#
_entry.id   5Z5C
#
_cell.length_a   57.760
_cell.length_b   136.160
_cell.length_c   171.680
_cell.angle_alpha   90.00
_cell.angle_beta   90.00
_cell.angle_gamma   90.00
#
_symmetry.space_group_name_H-M   'P 2 21 21'
#
loop_
_entity.id
_entity.type
_entity.pdbx_description
1 polymer 'Cysteine synthase'
2 non-polymer "PYRIDOXAL-5'-PHOSPHATE"
3 non-polymer 'CHLORIDE ION'
4 water water
#
_entity_poly.entity_id   1
_entity_poly.type   'polypeptide(L)'
_entity_poly.pdbx_seq_one_letter_code
;GPLGSEQ(MLY)(MLY)M(MLY)YLENLVG(MLY)TPMLELIFDY(MLY)GEERRIFV(MLY)NESYNLTGSIKDRMAFY
TL(MLY)(MLY)AYE(MLY)NEI(MLY)(MLY)GAPIVEATSGNTGIAFSAMGAILGHPVIIYMPDWMSEER(MLY)SLI
RSFGA(MLY)IILVSR(MLY)EGGFLGSIE(MLY)T(MLY)EFA(MLY)NNPDTYLPSQFSNLYNSEAHYYGIGLEIVNE
M(MLY)SLNLNIDGFVAGVGTGGTVMGIG(MLY)RI(MLY)ENFSNA(MLY)ICPLEPLNSPTLSTGY(MLY)VA(MLY)
HRIEGISDEFIPDLV(MLY)LD(MLY)LDNVVSVDDGDAIVMAQ(MLY)LA(MLY)CGLGVGISSGANFIGALMLQN
(MLY)LG(MLY)DSVIVTVFPDDN(MLY)(MLY)YLSTDLMREE(MLY)V(MLY)EDFLS(MLY)DITL(MLY)EI
(MLY)NVLRVI
;
_entity_poly.pdbx_strand_id   A,B,C,D
#
loop_
_chem_comp.id
_chem_comp.type
_chem_comp.name
_chem_comp.formula
CL non-polymer 'CHLORIDE ION' 'Cl -1'
PLP non-polymer PYRIDOXAL-5'-PHOSPHATE 'C8 H10 N O6 P'
#
# COMPACT_ATOMS: atom_id res chain seq x y z
N MLY A 9 -9.32 5.62 -8.73
CA MLY A 9 -10.02 6.93 -8.98
CB MLY A 9 -11.54 6.72 -9.11
CG MLY A 9 -12.13 5.73 -8.10
CD MLY A 9 -12.35 6.39 -6.74
CE MLY A 9 -11.36 5.87 -5.70
NZ MLY A 9 -10.70 7.00 -5.01
C MLY A 9 -9.66 7.94 -7.90
O MLY A 9 -8.74 7.70 -7.06
N MET A 10 -10.32 9.12 -7.94
CA MET A 10 -10.00 10.31 -7.16
C MET A 10 -11.24 10.89 -6.44
N MLY A 11 -12.01 10.03 -5.85
CA MLY A 11 -12.82 10.47 -4.74
CB MLY A 11 -13.43 9.27 -4.03
CG MLY A 11 -14.69 9.67 -3.28
CD MLY A 11 -15.88 9.78 -4.23
CE MLY A 11 -17.13 10.21 -3.47
NZ MLY A 11 -16.95 11.59 -2.99
C MLY A 11 -11.95 11.25 -3.77
O MLY A 11 -12.43 12.23 -3.15
N TYR A 12 -10.69 10.85 -3.60
CA TYR A 12 -9.89 11.55 -2.62
C TYR A 12 -9.19 12.86 -3.15
N LEU A 13 -8.87 12.93 -4.45
CA LEU A 13 -8.26 14.17 -4.97
C LEU A 13 -9.17 15.34 -5.00
N GLU A 14 -10.49 15.11 -4.95
CA GLU A 14 -11.44 16.22 -4.80
C GLU A 14 -11.26 16.99 -3.48
N ASN A 15 -10.61 16.36 -2.49
CA ASN A 15 -10.33 17.07 -1.23
C ASN A 15 -9.29 18.16 -1.40
N LEU A 16 -8.66 18.27 -2.57
CA LEU A 16 -7.71 19.34 -2.86
C LEU A 16 -8.37 20.61 -3.39
N VAL A 17 -9.67 20.58 -3.65
CA VAL A 17 -10.36 21.74 -4.26
C VAL A 17 -11.67 22.00 -3.58
N GLY A 18 -12.19 23.20 -3.71
CA GLY A 18 -13.50 23.45 -3.21
C GLY A 18 -13.58 23.64 -1.70
N MLY A 19 -14.83 23.80 -1.27
CA MLY A 19 -15.23 24.04 0.15
CB MLY A 19 -14.84 22.87 1.06
CG MLY A 19 -15.25 21.51 0.51
CD MLY A 19 -16.76 21.38 0.43
CE MLY A 19 -17.17 19.93 0.16
NZ MLY A 19 -18.65 19.87 0.10
CH1 MLY A 19 -19.08 18.73 -0.74
CH2 MLY A 19 -19.21 19.72 1.45
C MLY A 19 -14.54 25.27 0.66
O MLY A 19 -13.93 25.26 1.76
N THR A 20 -14.64 26.34 -0.09
CA THR A 20 -13.93 27.57 0.18
C THR A 20 -14.82 28.49 1.07
N PRO A 21 -14.22 29.54 1.67
CA PRO A 21 -15.04 30.45 2.49
C PRO A 21 -15.98 31.35 1.70
N MET A 22 -17.18 31.56 2.26
CA MET A 22 -18.11 32.62 1.82
C MET A 22 -18.00 33.79 2.78
N LEU A 23 -17.72 34.99 2.28
CA LEU A 23 -17.58 36.20 3.13
C LEU A 23 -18.81 37.11 2.93
N GLU A 24 -19.28 37.70 4.03
CA GLU A 24 -20.23 38.80 3.95
C GLU A 24 -19.42 40.09 4.13
N LEU A 25 -19.36 40.92 3.10
CA LEU A 25 -18.56 42.15 3.15
C LEU A 25 -19.50 43.35 3.25
N ILE A 26 -19.23 44.20 4.23
CA ILE A 26 -19.95 45.44 4.49
C ILE A 26 -19.10 46.60 3.98
N PHE A 27 -19.74 47.45 3.22
CA PHE A 27 -19.09 48.63 2.73
C PHE A 27 -20.07 49.83 2.68
N ASP A 28 -19.52 51.00 2.46
CA ASP A 28 -20.33 52.19 2.13
C ASP A 28 -20.16 52.53 0.68
N TYR A 29 -21.28 52.80 0.01
CA TYR A 29 -21.28 53.36 -1.34
C TYR A 29 -21.98 54.71 -1.28
N MLY A 30 -21.31 55.75 -1.82
CA MLY A 30 -21.70 57.18 -1.70
CB MLY A 30 -21.57 57.91 -3.04
CG MLY A 30 -22.02 57.06 -4.23
CD MLY A 30 -22.21 57.92 -5.48
CE MLY A 30 -23.65 57.91 -5.97
NZ MLY A 30 -23.69 57.65 -7.42
CH1 MLY A 30 -25.06 57.29 -7.82
CH2 MLY A 30 -23.27 58.87 -8.14
C MLY A 30 -23.12 57.31 -1.22
O MLY A 30 -24.02 57.08 -2.03
N GLY A 31 -23.32 57.57 0.07
CA GLY A 31 -22.45 57.12 1.19
C GLY A 31 -23.29 56.25 2.12
N GLU A 32 -23.97 55.28 1.52
CA GLU A 32 -24.95 54.38 2.11
C GLU A 32 -24.29 53.01 2.40
N GLU A 33 -24.76 52.33 3.44
CA GLU A 33 -24.23 51.05 3.83
C GLU A 33 -24.80 49.92 2.98
N ARG A 34 -23.93 48.96 2.63
CA ARG A 34 -24.36 47.85 1.77
C ARG A 34 -23.56 46.61 2.10
N ARG A 35 -24.02 45.50 1.53
CA ARG A 35 -23.32 44.27 1.64
C ARG A 35 -23.42 43.42 0.37
N ILE A 36 -22.35 42.67 0.17
CA ILE A 36 -22.37 41.58 -0.81
C ILE A 36 -21.64 40.35 -0.27
N PHE A 37 -21.91 39.23 -0.91
CA PHE A 37 -21.45 37.94 -0.46
C PHE A 37 -20.50 37.41 -1.53
N VAL A 38 -19.37 36.86 -1.09
CA VAL A 38 -18.28 36.55 -2.02
C VAL A 38 -17.60 35.23 -1.64
N MLY A 39 -17.42 34.33 -2.61
CA MLY A 39 -16.59 33.13 -2.41
CB MLY A 39 -17.02 32.03 -3.37
CG MLY A 39 -18.43 31.53 -3.05
CD MLY A 39 -18.44 30.66 -1.79
CE MLY A 39 -18.14 29.20 -2.11
NZ MLY A 39 -17.98 28.44 -0.87
C MLY A 39 -15.13 33.44 -2.63
O MLY A 39 -14.73 34.03 -3.65
N ASN A 40 -14.29 33.08 -1.66
CA ASN A 40 -12.85 33.34 -1.75
C ASN A 40 -12.18 32.06 -2.35
N GLU A 41 -11.86 32.09 -3.63
CA GLU A 41 -11.39 30.89 -4.33
C GLU A 41 -9.90 30.71 -4.39
N SER A 42 -9.19 31.52 -3.63
CA SER A 42 -7.78 31.30 -3.40
C SER A 42 -7.48 29.99 -2.61
N TYR A 43 -8.48 29.46 -1.88
CA TYR A 43 -8.29 28.36 -0.96
C TYR A 43 -8.43 27.03 -1.76
N ASN A 44 -7.51 26.82 -2.70
CA ASN A 44 -7.62 25.76 -3.69
C ASN A 44 -6.20 25.39 -4.05
N LEU A 45 -6.03 24.14 -4.54
CA LEU A 45 -4.72 23.56 -4.89
C LEU A 45 -3.71 24.56 -5.42
N THR A 46 -4.03 25.28 -6.49
CA THR A 46 -3.14 26.21 -7.13
C THR A 46 -3.56 27.68 -6.91
N GLY A 47 -4.53 27.94 -6.01
CA GLY A 47 -4.97 29.29 -5.64
C GLY A 47 -6.03 29.93 -6.50
N SER A 48 -6.84 29.15 -7.22
CA SER A 48 -7.86 29.73 -8.08
C SER A 48 -9.05 28.83 -8.24
N ILE A 49 -10.14 29.46 -8.62
CA ILE A 49 -11.38 28.80 -8.96
C ILE A 49 -11.19 27.72 -10.03
N LYS A 50 -10.16 27.88 -10.89
CA LYS A 50 -9.95 26.94 -12.02
C LYS A 50 -9.59 25.58 -11.59
N ASP A 51 -9.09 25.43 -10.39
CA ASP A 51 -8.78 24.14 -9.83
C ASP A 51 -9.99 23.20 -9.77
N ARG A 52 -11.13 23.80 -9.42
CA ARG A 52 -12.38 23.06 -9.35
C ARG A 52 -12.69 22.46 -10.73
N MET A 53 -12.54 23.29 -11.75
CA MET A 53 -12.92 22.96 -13.11
C MET A 53 -11.92 21.97 -13.74
N ALA A 54 -10.61 22.19 -13.55
CA ALA A 54 -9.57 21.24 -14.02
C ALA A 54 -9.75 19.84 -13.42
N PHE A 55 -10.00 19.79 -12.12
CA PHE A 55 -10.19 18.51 -11.50
C PHE A 55 -11.44 17.78 -12.07
N TYR A 56 -12.57 18.51 -12.15
CA TYR A 56 -13.81 17.94 -12.61
C TYR A 56 -13.72 17.46 -14.09
N THR A 57 -13.06 18.23 -14.93
CA THR A 57 -12.89 17.88 -16.33
C THR A 57 -12.11 16.58 -16.50
N LEU A 58 -10.99 16.47 -15.79
CA LEU A 58 -10.22 15.25 -15.83
C LEU A 58 -10.89 14.03 -15.24
N MLY A 59 -11.61 14.21 -14.14
CA MLY A 59 -12.36 13.13 -13.53
CB MLY A 59 -13.08 13.64 -12.28
CG MLY A 59 -13.80 12.53 -11.55
CD MLY A 59 -14.41 13.04 -10.25
CE MLY A 59 -15.19 11.94 -9.55
NZ MLY A 59 -16.37 11.61 -10.35
C MLY A 59 -13.37 12.59 -14.51
O MLY A 59 -13.45 11.38 -14.65
N MLY A 60 -14.13 13.45 -15.21
CA MLY A 60 -15.12 13.00 -16.22
CB MLY A 60 -15.97 14.18 -16.69
CG MLY A 60 -16.87 14.77 -15.60
CD MLY A 60 -17.99 13.83 -15.16
CE MLY A 60 -18.98 13.56 -16.27
NZ MLY A 60 -20.01 12.61 -15.79
C MLY A 60 -14.41 12.41 -17.42
O MLY A 60 -14.91 11.47 -18.00
N ALA A 61 -13.31 13.00 -17.86
CA ALA A 61 -12.57 12.49 -19.01
C ALA A 61 -12.10 11.03 -18.77
N TYR A 62 -11.56 10.78 -17.59
CA TYR A 62 -11.21 9.44 -17.10
C TYR A 62 -12.42 8.49 -17.08
N GLU A 63 -13.54 8.94 -16.51
CA GLU A 63 -14.79 8.17 -16.50
C GLU A 63 -15.20 7.68 -17.89
N MLY A 64 -15.14 8.56 -18.91
CA MLY A 64 -15.63 8.26 -20.24
CB MLY A 64 -16.32 9.50 -20.81
CG MLY A 64 -17.40 10.06 -19.89
CD MLY A 64 -18.54 9.06 -19.59
CE MLY A 64 -19.43 8.86 -20.82
NZ MLY A 64 -20.58 7.97 -20.53
CH1 MLY A 64 -20.20 6.56 -20.65
CH2 MLY A 64 -21.18 8.23 -19.20
C MLY A 64 -14.50 7.85 -21.14
O MLY A 64 -14.66 7.87 -22.36
N ASN A 65 -13.32 7.47 -20.62
CA ASN A 65 -12.09 7.19 -21.40
C ASN A 65 -11.80 8.10 -22.60
N GLU A 66 -11.92 9.41 -22.39
CA GLU A 66 -11.60 10.43 -23.38
C GLU A 66 -10.11 10.75 -23.34
N ILE A 67 -9.43 10.28 -22.30
CA ILE A 67 -8.01 10.51 -22.13
C ILE A 67 -7.31 9.18 -21.86
N MLY A 68 -6.21 8.90 -22.56
CA MLY A 68 -5.38 7.66 -22.39
CB MLY A 68 -4.71 7.26 -23.72
CG MLY A 68 -5.54 6.26 -24.52
CD MLY A 68 -6.90 6.82 -24.93
CE MLY A 68 -6.79 8.00 -25.90
NZ MLY A 68 -6.21 7.58 -27.18
C MLY A 68 -4.31 7.91 -21.37
O MLY A 68 -3.84 9.05 -21.19
N MLY A 69 -3.86 6.84 -20.74
CA MLY A 69 -2.79 6.94 -19.73
CB MLY A 69 -2.46 5.55 -19.22
CG MLY A 69 -1.67 5.61 -17.91
CD MLY A 69 -0.17 5.34 -18.13
CE MLY A 69 0.19 3.91 -17.78
NZ MLY A 69 -0.12 3.66 -16.37
C MLY A 69 -1.57 7.58 -20.33
O MLY A 69 -1.20 7.27 -21.45
N GLY A 70 -0.98 8.55 -19.64
CA GLY A 70 0.19 9.28 -20.14
C GLY A 70 -0.03 10.19 -21.34
N ALA A 71 -1.28 10.39 -21.80
CA ALA A 71 -1.47 11.20 -22.98
C ALA A 71 -1.24 12.70 -22.61
N PRO A 72 -0.83 13.53 -23.57
CA PRO A 72 -0.62 14.94 -23.32
C PRO A 72 -1.93 15.69 -23.17
N ILE A 73 -1.99 16.57 -22.16
CA ILE A 73 -3.09 17.49 -21.99
C ILE A 73 -2.67 18.84 -22.58
N VAL A 74 -3.47 19.40 -23.47
CA VAL A 74 -3.06 20.61 -24.19
C VAL A 74 -4.13 21.63 -24.23
N GLU A 75 -3.79 22.83 -23.84
CA GLU A 75 -4.81 23.83 -23.52
C GLU A 75 -4.33 25.26 -23.73
N ALA A 76 -5.27 26.16 -24.03
CA ALA A 76 -5.04 27.59 -24.14
C ALA A 76 -5.66 28.31 -22.97
N THR A 77 -4.95 29.28 -22.42
CA THR A 77 -5.34 29.83 -21.11
C THR A 77 -5.02 31.31 -20.96
N SER A 78 -5.73 32.00 -20.05
CA SER A 78 -5.31 33.30 -19.58
C SER A 78 -4.38 33.16 -18.37
N GLY A 79 -4.15 31.93 -17.90
CA GLY A 79 -3.19 31.70 -16.81
C GLY A 79 -3.67 30.63 -15.86
N ASN A 80 -4.82 30.88 -15.21
CA ASN A 80 -5.20 30.05 -14.10
C ASN A 80 -5.60 28.65 -14.49
N THR A 81 -6.27 28.50 -15.63
CA THR A 81 -6.62 27.23 -16.13
C THR A 81 -5.36 26.41 -16.48
N GLY A 82 -4.34 27.05 -17.02
CA GLY A 82 -3.15 26.31 -17.41
C GLY A 82 -2.38 25.83 -16.18
N ILE A 83 -2.33 26.72 -15.19
CA ILE A 83 -1.74 26.42 -13.90
C ILE A 83 -2.51 25.21 -13.31
N ALA A 84 -3.84 25.26 -13.35
CA ALA A 84 -4.63 24.23 -12.71
C ALA A 84 -4.39 22.87 -13.44
N PHE A 85 -4.52 22.86 -14.76
CA PHE A 85 -4.24 21.64 -15.54
C PHE A 85 -2.78 21.15 -15.46
N SER A 86 -1.80 22.03 -15.35
CA SER A 86 -0.40 21.62 -15.13
C SER A 86 -0.28 20.92 -13.77
N ALA A 87 -0.92 21.44 -12.72
CA ALA A 87 -0.80 20.76 -11.43
C ALA A 87 -1.54 19.42 -11.43
N MET A 88 -2.80 19.40 -11.89
CA MET A 88 -3.59 18.17 -11.82
C MET A 88 -3.08 17.16 -12.88
N GLY A 89 -2.65 17.68 -14.02
CA GLY A 89 -2.00 16.86 -15.05
C GLY A 89 -0.81 16.14 -14.50
N ALA A 90 0.10 16.86 -13.89
CA ALA A 90 1.23 16.25 -13.24
C ALA A 90 0.81 15.18 -12.20
N ILE A 91 -0.21 15.45 -11.37
CA ILE A 91 -0.67 14.50 -10.33
C ILE A 91 -1.08 13.17 -10.92
N LEU A 92 -1.76 13.23 -12.07
CA LEU A 92 -2.29 12.08 -12.74
C LEU A 92 -1.36 11.52 -13.81
N GLY A 93 -0.10 12.02 -13.86
CA GLY A 93 0.92 11.46 -14.74
C GLY A 93 0.83 11.89 -16.20
N HIS A 94 0.32 13.08 -16.49
CA HIS A 94 0.21 13.53 -17.89
C HIS A 94 1.20 14.62 -18.24
N PRO A 95 1.86 14.51 -19.44
CA PRO A 95 2.52 15.72 -19.92
C PRO A 95 1.49 16.84 -20.18
N VAL A 96 1.89 18.08 -19.97
CA VAL A 96 1.03 19.22 -20.19
C VAL A 96 1.73 20.24 -21.00
N ILE A 97 0.95 20.79 -21.93
CA ILE A 97 1.46 21.79 -22.85
C ILE A 97 0.42 22.89 -22.89
N ILE A 98 0.85 24.11 -22.56
CA ILE A 98 -0.03 25.26 -22.43
C ILE A 98 0.37 26.36 -23.42
N TYR A 99 -0.61 26.86 -24.20
CA TYR A 99 -0.45 28.11 -24.91
C TYR A 99 -1.15 29.28 -24.21
N MET A 100 -0.48 30.42 -24.11
CA MET A 100 -0.98 31.55 -23.37
C MET A 100 -0.52 32.82 -24.06
N PRO A 101 -1.42 33.82 -24.19
CA PRO A 101 -1.01 35.11 -24.68
C PRO A 101 0.13 35.73 -23.89
N ASP A 102 1.07 36.36 -24.63
CA ASP A 102 2.31 36.88 -24.02
C ASP A 102 2.15 38.11 -23.12
N TRP A 103 0.96 38.69 -23.06
CA TRP A 103 0.71 39.85 -22.21
C TRP A 103 0.11 39.52 -20.83
N MET A 104 -0.07 38.24 -20.52
CA MET A 104 -0.58 37.90 -19.22
C MET A 104 0.55 38.07 -18.19
N SER A 105 0.24 38.18 -16.92
CA SER A 105 1.33 38.43 -15.92
C SER A 105 2.46 37.35 -15.96
N GLU A 106 3.71 37.80 -15.84
CA GLU A 106 4.89 36.89 -15.98
C GLU A 106 4.87 35.80 -14.90
N GLU A 107 4.29 36.08 -13.73
CA GLU A 107 4.12 35.07 -12.68
C GLU A 107 3.35 33.85 -13.21
N ARG A 108 2.46 34.07 -14.19
CA ARG A 108 1.71 32.92 -14.76
C ARG A 108 2.63 31.92 -15.49
N MLY A 109 3.48 32.47 -16.36
CA MLY A 109 4.47 31.70 -17.09
CB MLY A 109 5.32 32.60 -17.97
CG MLY A 109 6.24 31.75 -18.86
CD MLY A 109 7.18 32.60 -19.72
CE MLY A 109 8.41 31.79 -20.09
NZ MLY A 109 8.94 32.17 -21.42
CH1 MLY A 109 9.43 33.56 -21.41
CH2 MLY A 109 10.07 31.27 -21.75
C MLY A 109 5.34 30.94 -16.12
O MLY A 109 5.51 29.70 -16.27
N SER A 110 5.88 31.62 -15.13
CA SER A 110 6.75 30.93 -14.14
C SER A 110 6.09 29.76 -13.42
N LEU A 111 4.85 29.94 -12.95
CA LEU A 111 4.13 28.88 -12.27
C LEU A 111 3.85 27.69 -13.17
N ILE A 112 3.37 27.95 -14.41
CA ILE A 112 3.12 26.86 -15.31
C ILE A 112 4.40 26.01 -15.51
N ARG A 113 5.54 26.70 -15.78
CA ARG A 113 6.83 25.99 -15.93
C ARG A 113 7.24 25.25 -14.64
N SER A 114 6.96 25.81 -13.45
CA SER A 114 7.29 25.13 -12.17
C SER A 114 6.56 23.79 -12.02
N PHE A 115 5.36 23.70 -12.58
CA PHE A 115 4.56 22.47 -12.51
C PHE A 115 4.95 21.42 -13.54
N GLY A 116 5.98 21.70 -14.32
CA GLY A 116 6.55 20.71 -15.28
C GLY A 116 5.93 20.74 -16.66
N ALA A 117 5.14 21.78 -16.92
CA ALA A 117 4.43 21.90 -18.16
C ALA A 117 5.30 22.63 -19.12
N MLY A 118 5.11 22.33 -20.40
CA MLY A 118 5.68 23.15 -21.49
CB MLY A 118 5.69 22.36 -22.80
CG MLY A 118 7.06 21.76 -23.16
CD MLY A 118 7.86 21.26 -21.95
CE MLY A 118 8.34 19.81 -22.09
NZ MLY A 118 7.87 19.03 -20.94
C MLY A 118 4.79 24.37 -21.62
O MLY A 118 3.58 24.24 -21.72
N ILE A 119 5.36 25.56 -21.55
CA ILE A 119 4.59 26.79 -21.76
C ILE A 119 5.03 27.52 -23.03
N ILE A 120 4.11 27.82 -23.93
CA ILE A 120 4.40 28.61 -25.13
C ILE A 120 3.58 29.91 -25.09
N LEU A 121 4.27 31.05 -25.09
CA LEU A 121 3.63 32.35 -25.13
C LEU A 121 3.24 32.70 -26.57
N VAL A 122 2.11 33.37 -26.73
CA VAL A 122 1.59 33.63 -28.07
C VAL A 122 1.37 35.13 -28.19
N SER A 123 2.01 35.75 -29.18
CA SER A 123 1.94 37.23 -29.34
C SER A 123 0.64 37.67 -29.98
N ARG A 124 0.32 38.97 -29.88
CA ARG A 124 -0.83 39.55 -30.58
C ARG A 124 -0.80 39.31 -32.11
N MLY A 125 0.38 39.51 -32.73
CA MLY A 125 0.69 39.17 -34.15
CB MLY A 125 2.18 39.35 -34.41
CG MLY A 125 2.53 40.54 -35.30
CD MLY A 125 3.80 40.25 -36.11
CE MLY A 125 4.59 41.50 -36.42
NZ MLY A 125 5.78 41.16 -37.21
C MLY A 125 0.33 37.74 -34.43
O MLY A 125 -0.16 37.39 -35.53
N GLU A 126 0.62 36.84 -33.47
CA GLU A 126 0.35 35.39 -33.67
C GLU A 126 -1.15 35.04 -33.34
N GLY A 127 -1.96 36.04 -33.05
CA GLY A 127 -3.40 35.88 -32.90
C GLY A 127 -3.88 35.76 -31.48
N GLY A 128 -3.03 36.07 -30.51
CA GLY A 128 -3.45 36.09 -29.10
C GLY A 128 -4.24 34.89 -28.67
N PHE A 129 -5.41 35.13 -28.06
CA PHE A 129 -6.28 34.02 -27.59
C PHE A 129 -6.72 33.10 -28.71
N LEU A 130 -7.27 33.64 -29.81
CA LEU A 130 -7.73 32.76 -30.92
C LEU A 130 -6.59 31.93 -31.53
N GLY A 131 -5.43 32.55 -31.73
CA GLY A 131 -4.23 31.86 -32.12
C GLY A 131 -3.79 30.76 -31.18
N SER A 132 -3.91 31.03 -29.86
CA SER A 132 -3.54 30.03 -28.86
C SER A 132 -4.41 28.80 -28.99
N ILE A 133 -5.71 29.03 -29.14
CA ILE A 133 -6.69 27.94 -29.31
C ILE A 133 -6.34 27.14 -30.57
N GLU A 134 -6.07 27.82 -31.68
CA GLU A 134 -5.76 27.09 -32.94
C GLU A 134 -4.50 26.25 -32.81
N MLY A 135 -3.50 26.77 -32.10
CA MLY A 135 -2.24 26.02 -31.87
CB MLY A 135 -1.23 26.86 -31.13
CG MLY A 135 -0.51 27.83 -32.06
CD MLY A 135 0.30 28.84 -31.25
CE MLY A 135 0.97 29.91 -32.12
NZ MLY A 135 1.99 29.32 -33.01
CH1 MLY A 135 2.63 30.40 -33.80
CH2 MLY A 135 3.03 28.62 -32.23
C MLY A 135 -2.53 24.76 -31.09
O MLY A 135 -1.89 23.73 -31.35
N THR A 136 -3.54 24.77 -30.19
CA THR A 136 -3.92 23.54 -29.47
C THR A 136 -4.50 22.49 -30.49
N MLY A 137 -5.34 22.95 -31.40
CA MLY A 137 -5.95 22.05 -32.41
CB MLY A 137 -7.05 22.78 -33.20
CG MLY A 137 -8.21 23.26 -32.32
CD MLY A 137 -9.21 24.05 -33.16
CE MLY A 137 -10.40 24.55 -32.35
NZ MLY A 137 -11.08 25.62 -33.09
C MLY A 137 -4.88 21.54 -33.34
O MLY A 137 -4.86 20.38 -33.71
N GLU A 138 -3.91 22.39 -33.68
CA GLU A 138 -2.74 22.00 -34.49
C GLU A 138 -1.93 20.86 -33.87
N PHE A 139 -1.63 21.04 -32.58
CA PHE A 139 -0.97 20.02 -31.81
C PHE A 139 -1.79 18.74 -31.82
N ALA A 140 -3.11 18.83 -31.60
CA ALA A 140 -3.96 17.61 -31.58
C ALA A 140 -3.91 16.86 -32.94
N MLY A 141 -3.99 17.64 -34.03
CA MLY A 141 -3.89 17.13 -35.41
CB MLY A 141 -4.08 18.27 -36.42
CG MLY A 141 -4.95 17.84 -37.60
CD MLY A 141 -4.22 16.87 -38.52
CE MLY A 141 -4.88 16.79 -39.90
NZ MLY A 141 -4.02 17.44 -40.90
C MLY A 141 -2.55 16.47 -35.62
O MLY A 141 -2.49 15.39 -36.17
N ASN A 142 -1.47 17.08 -35.16
CA ASN A 142 -0.17 16.47 -35.33
C ASN A 142 0.12 15.26 -34.44
N ASN A 143 -0.54 15.16 -33.28
CA ASN A 143 -0.23 14.14 -32.27
C ASN A 143 -1.53 13.49 -31.84
N PRO A 144 -1.88 12.38 -32.48
CA PRO A 144 -3.18 11.74 -32.31
C PRO A 144 -3.61 11.41 -30.86
N ASP A 145 -2.72 11.18 -29.93
CA ASP A 145 -3.23 10.86 -28.57
C ASP A 145 -3.62 12.08 -27.65
N THR A 146 -3.75 13.29 -28.22
CA THR A 146 -3.80 14.49 -27.42
C THR A 146 -5.19 14.60 -26.76
N TYR A 147 -5.22 14.86 -25.46
CA TYR A 147 -6.44 15.32 -24.85
C TYR A 147 -6.59 16.87 -24.83
N LEU A 148 -7.69 17.36 -25.40
CA LEU A 148 -7.98 18.78 -25.40
C LEU A 148 -9.13 19.05 -24.42
N PRO A 149 -8.81 19.58 -23.23
CA PRO A 149 -9.95 19.95 -22.36
C PRO A 149 -10.92 21.02 -22.91
N SER A 150 -10.45 21.83 -23.88
CA SER A 150 -11.26 22.81 -24.59
C SER A 150 -12.19 23.62 -23.67
N GLN A 151 -11.61 24.30 -22.69
CA GLN A 151 -12.36 25.02 -21.67
C GLN A 151 -13.34 26.02 -22.26
N PHE A 152 -13.05 26.56 -23.46
CA PHE A 152 -13.92 27.53 -24.11
C PHE A 152 -15.23 26.96 -24.69
N SER A 153 -15.34 25.64 -24.81
CA SER A 153 -16.59 25.04 -25.31
C SER A 153 -17.06 23.83 -24.56
N ASN A 154 -16.27 23.31 -23.65
CA ASN A 154 -16.59 22.01 -23.04
C ASN A 154 -17.61 22.18 -21.94
N LEU A 155 -18.73 21.47 -22.04
CA LEU A 155 -19.75 21.59 -21.07
C LEU A 155 -19.32 21.10 -19.69
N TYR A 156 -18.32 20.22 -19.57
CA TYR A 156 -17.76 19.92 -18.23
C TYR A 156 -17.28 21.19 -17.45
N ASN A 157 -16.88 22.25 -18.14
CA ASN A 157 -16.38 23.45 -17.49
C ASN A 157 -17.53 24.02 -16.64
N SER A 158 -18.65 24.35 -17.30
CA SER A 158 -19.81 24.90 -16.57
C SER A 158 -20.42 23.88 -15.63
N GLU A 159 -20.42 22.60 -16.04
CA GLU A 159 -20.88 21.56 -15.12
C GLU A 159 -20.10 21.52 -13.81
N ALA A 160 -18.79 21.67 -13.89
CA ALA A 160 -17.97 21.65 -12.67
C ALA A 160 -18.53 22.68 -11.65
N HIS A 161 -18.88 23.86 -12.14
CA HIS A 161 -19.33 24.92 -11.26
C HIS A 161 -20.79 24.77 -10.84
N TYR A 162 -21.62 24.16 -11.70
CA TYR A 162 -22.98 23.75 -11.32
C TYR A 162 -22.98 22.76 -10.10
N TYR A 163 -22.08 21.77 -10.15
CA TYR A 163 -21.98 20.78 -9.05
C TYR A 163 -21.17 21.20 -7.82
N GLY A 164 -20.20 22.09 -8.00
CA GLY A 164 -19.25 22.42 -6.94
C GLY A 164 -19.57 23.76 -6.32
N ILE A 165 -18.89 24.81 -6.80
CA ILE A 165 -19.04 26.15 -6.22
C ILE A 165 -20.53 26.65 -6.20
N GLY A 166 -21.29 26.42 -7.28
CA GLY A 166 -22.69 26.77 -7.37
C GLY A 166 -23.57 26.20 -6.27
N LEU A 167 -23.41 24.90 -6.02
CA LEU A 167 -24.11 24.24 -4.95
C LEU A 167 -23.64 24.68 -3.54
N GLU A 168 -22.36 24.98 -3.37
CA GLU A 168 -21.88 25.53 -2.09
C GLU A 168 -22.56 26.90 -1.85
N ILE A 169 -22.64 27.72 -2.91
CA ILE A 169 -23.29 29.02 -2.82
C ILE A 169 -24.73 28.94 -2.30
N VAL A 170 -25.51 28.10 -2.96
CA VAL A 170 -26.91 27.89 -2.64
C VAL A 170 -27.07 27.41 -1.19
N ASN A 171 -26.28 26.42 -0.77
CA ASN A 171 -26.34 25.90 0.59
C ASN A 171 -25.91 26.91 1.65
N GLU A 172 -24.91 27.72 1.33
CA GLU A 172 -24.39 28.74 2.25
C GLU A 172 -25.43 29.88 2.48
N MET A 173 -26.05 30.33 1.39
CA MET A 173 -27.08 31.36 1.49
C MET A 173 -28.39 30.80 2.10
N MLY A 174 -28.70 29.56 1.79
CA MLY A 174 -29.79 28.86 2.49
CB MLY A 174 -29.87 27.41 2.01
CG MLY A 174 -31.30 27.00 1.75
CD MLY A 174 -31.91 26.34 2.98
CE MLY A 174 -33.42 26.55 3.03
NZ MLY A 174 -33.96 25.89 4.23
C MLY A 174 -29.56 28.88 3.97
O MLY A 174 -30.49 29.18 4.75
N SER A 175 -28.33 28.59 4.40
CA SER A 175 -28.04 28.54 5.80
C SER A 175 -28.23 29.89 6.50
N LEU A 176 -28.20 31.02 5.77
CA LEU A 176 -28.48 32.35 6.32
C LEU A 176 -29.96 32.76 6.25
N ASN A 177 -30.82 31.86 5.77
CA ASN A 177 -32.19 32.15 5.42
C ASN A 177 -32.28 33.36 4.53
N LEU A 178 -31.41 33.47 3.54
CA LEU A 178 -31.42 34.57 2.62
C LEU A 178 -31.67 34.05 1.19
N ASN A 179 -32.57 34.74 0.50
CA ASN A 179 -32.86 34.47 -0.88
C ASN A 179 -31.85 35.19 -1.77
N ILE A 180 -31.36 34.51 -2.79
CA ILE A 180 -30.39 35.14 -3.67
C ILE A 180 -31.17 35.90 -4.73
N ASP A 181 -30.89 37.18 -4.86
CA ASP A 181 -31.55 38.06 -5.83
C ASP A 181 -30.68 38.22 -7.09
N GLY A 182 -29.35 38.11 -6.95
CA GLY A 182 -28.51 38.21 -8.13
C GLY A 182 -27.13 37.64 -7.95
N PHE A 183 -26.50 37.28 -9.08
CA PHE A 183 -25.13 36.78 -9.11
C PHE A 183 -24.42 37.42 -10.31
N VAL A 184 -23.14 37.79 -10.10
CA VAL A 184 -22.33 38.45 -11.12
C VAL A 184 -21.00 37.70 -11.21
N ALA A 185 -20.49 37.48 -12.43
CA ALA A 185 -19.12 37.01 -12.58
C ALA A 185 -18.56 37.38 -13.95
N GLY A 186 -17.33 37.88 -13.94
CA GLY A 186 -16.57 38.11 -15.15
C GLY A 186 -16.52 36.84 -16.00
N VAL A 187 -16.62 37.03 -17.32
CA VAL A 187 -16.65 35.96 -18.30
C VAL A 187 -15.31 35.87 -19.01
N GLY A 188 -14.65 34.74 -18.76
CA GLY A 188 -13.52 34.28 -19.59
C GLY A 188 -14.02 33.23 -20.54
N THR A 189 -14.13 31.99 -20.05
CA THR A 189 -14.82 30.91 -20.73
C THR A 189 -16.33 30.93 -20.60
N GLY A 190 -16.81 31.55 -19.53
CA GLY A 190 -18.19 31.52 -19.21
C GLY A 190 -18.59 30.41 -18.28
N GLY A 191 -17.71 29.43 -18.02
CA GLY A 191 -17.98 28.38 -17.05
C GLY A 191 -18.57 28.85 -15.72
N THR A 192 -17.89 29.78 -15.06
CA THR A 192 -18.29 30.27 -13.75
C THR A 192 -19.73 30.76 -13.80
N VAL A 193 -20.02 31.72 -14.66
CA VAL A 193 -21.36 32.33 -14.69
C VAL A 193 -22.45 31.38 -15.15
N MET A 194 -22.14 30.52 -16.10
CA MET A 194 -23.13 29.62 -16.67
C MET A 194 -23.45 28.52 -15.67
N GLY A 195 -22.42 27.95 -15.05
CA GLY A 195 -22.61 26.84 -14.16
C GLY A 195 -23.27 27.27 -12.81
N ILE A 196 -22.75 28.32 -12.22
CA ILE A 196 -23.33 28.92 -10.98
C ILE A 196 -24.73 29.41 -11.25
N GLY A 197 -24.92 30.12 -12.37
CA GLY A 197 -26.23 30.66 -12.74
C GLY A 197 -27.30 29.59 -12.86
N MLY A 198 -26.96 28.48 -13.53
CA MLY A 198 -27.89 27.37 -13.66
CB MLY A 198 -27.25 26.24 -14.44
CG MLY A 198 -28.25 25.15 -14.78
CD MLY A 198 -27.54 23.98 -15.44
CE MLY A 198 -28.54 22.98 -15.99
NZ MLY A 198 -28.13 21.57 -15.78
CH1 MLY A 198 -28.71 20.74 -16.87
CH2 MLY A 198 -26.66 21.39 -15.77
C MLY A 198 -28.28 26.86 -12.30
O MLY A 198 -29.47 26.60 -12.06
N ARG A 199 -27.29 26.68 -11.40
CA ARG A 199 -27.58 26.19 -10.07
C ARG A 199 -28.45 27.20 -9.29
N ILE A 200 -28.04 28.47 -9.27
CA ILE A 200 -28.84 29.49 -8.54
C ILE A 200 -30.29 29.60 -9.05
N MLY A 201 -30.50 29.55 -10.37
CA MLY A 201 -31.86 29.72 -10.98
CB MLY A 201 -31.76 29.92 -12.49
CG MLY A 201 -31.59 31.38 -12.90
CD MLY A 201 -32.73 31.81 -13.83
CE MLY A 201 -32.48 33.19 -14.42
NZ MLY A 201 -32.83 33.19 -15.85
C MLY A 201 -32.75 28.55 -10.68
O MLY A 201 -33.96 28.73 -10.59
N GLU A 202 -32.20 27.35 -10.48
CA GLU A 202 -33.04 26.20 -10.05
C GLU A 202 -33.64 26.43 -8.67
N ASN A 203 -32.96 27.21 -7.84
CA ASN A 203 -33.39 27.53 -6.50
C ASN A 203 -34.02 28.89 -6.33
N PHE A 204 -33.83 29.80 -7.30
CA PHE A 204 -34.40 31.15 -7.26
C PHE A 204 -34.67 31.59 -8.67
N SER A 205 -35.83 31.21 -9.19
CA SER A 205 -36.12 31.38 -10.63
C SER A 205 -36.09 32.84 -11.09
N ASN A 206 -36.16 33.76 -10.14
CA ASN A 206 -36.15 35.21 -10.38
C ASN A 206 -34.80 35.85 -10.16
N ALA A 207 -33.81 35.10 -9.66
CA ALA A 207 -32.46 35.67 -9.52
C ALA A 207 -31.92 36.12 -10.88
N MLY A 208 -31.27 37.28 -10.91
CA MLY A 208 -30.60 37.74 -12.13
CB MLY A 208 -30.63 39.28 -12.17
CG MLY A 208 -31.97 39.81 -12.71
CD MLY A 208 -31.86 40.48 -14.10
CE MLY A 208 -30.49 41.12 -14.34
NZ MLY A 208 -30.51 42.05 -15.47
C MLY A 208 -29.17 37.23 -12.18
O MLY A 208 -28.37 37.38 -11.23
N ILE A 209 -28.81 36.60 -13.29
CA ILE A 209 -27.44 36.03 -13.45
C ILE A 209 -26.76 36.90 -14.49
N CYS A 210 -25.78 37.70 -14.06
CA CYS A 210 -25.19 38.71 -14.92
C CYS A 210 -23.71 38.43 -15.26
N PRO A 211 -23.38 38.30 -16.58
CA PRO A 211 -21.98 38.19 -17.01
C PRO A 211 -21.35 39.56 -16.99
N LEU A 212 -20.05 39.62 -16.71
CA LEU A 212 -19.30 40.87 -16.62
C LEU A 212 -18.18 40.94 -17.66
N GLU A 213 -17.96 42.15 -18.15
CA GLU A 213 -16.97 42.48 -19.19
C GLU A 213 -16.19 43.73 -18.79
N PRO A 214 -14.97 43.90 -19.32
CA PRO A 214 -14.34 45.17 -19.15
C PRO A 214 -15.08 46.26 -19.99
N LEU A 215 -15.28 47.44 -19.39
CA LEU A 215 -15.88 48.57 -20.12
C LEU A 215 -15.00 48.94 -21.31
N ASN A 216 -13.69 48.82 -21.11
CA ASN A 216 -12.65 49.02 -22.15
C ASN A 216 -12.75 48.09 -23.38
N SER A 217 -13.25 46.88 -23.18
CA SER A 217 -13.41 45.87 -24.24
C SER A 217 -14.74 45.16 -24.11
N PRO A 218 -15.88 45.85 -24.42
CA PRO A 218 -17.22 45.34 -24.14
C PRO A 218 -17.75 44.34 -25.19
N THR A 219 -17.09 43.18 -25.25
CA THR A 219 -17.32 42.20 -26.30
C THR A 219 -18.67 41.50 -26.13
N LEU A 220 -19.01 41.16 -24.91
CA LEU A 220 -20.30 40.52 -24.65
C LEU A 220 -21.48 41.42 -24.99
N SER A 221 -21.41 42.67 -24.52
CA SER A 221 -22.56 43.59 -24.73
C SER A 221 -22.70 44.11 -26.15
N THR A 222 -21.60 44.25 -26.89
CA THR A 222 -21.69 44.73 -28.27
C THR A 222 -21.78 43.61 -29.30
N GLY A 223 -21.14 42.47 -29.02
CA GLY A 223 -21.01 41.35 -29.97
C GLY A 223 -19.81 41.47 -30.86
N TYR A 224 -18.99 42.50 -30.67
CA TYR A 224 -17.85 42.69 -31.57
C TYR A 224 -16.63 43.41 -30.99
N MLY A 225 -16.82 44.37 -30.10
CA MLY A 225 -15.73 45.30 -29.74
CB MLY A 225 -16.27 46.53 -29.02
CG MLY A 225 -15.16 47.57 -28.78
CD MLY A 225 -15.69 49.00 -28.80
CE MLY A 225 -14.55 49.98 -29.07
NZ MLY A 225 -14.33 50.11 -30.52
C MLY A 225 -14.71 44.59 -28.87
O MLY A 225 -15.07 44.02 -27.82
N VAL A 226 -13.47 44.62 -29.31
CA VAL A 226 -12.33 43.97 -28.63
C VAL A 226 -11.18 44.97 -28.52
N ALA A 227 -10.62 45.11 -27.33
CA ALA A 227 -9.54 46.06 -27.11
C ALA A 227 -8.69 45.58 -25.96
N MLY A 228 -7.52 46.19 -25.80
CA MLY A 228 -6.63 45.83 -24.69
CB MLY A 228 -5.31 46.58 -24.81
CG MLY A 228 -4.54 46.15 -26.06
CD MLY A 228 -3.38 47.10 -26.35
CE MLY A 228 -2.05 46.50 -25.92
NZ MLY A 228 -1.03 47.55 -25.87
C MLY A 228 -7.29 46.21 -23.40
O MLY A 228 -8.01 47.21 -23.32
N HIS A 229 -7.10 45.36 -22.41
CA HIS A 229 -7.56 45.63 -21.05
C HIS A 229 -6.73 44.79 -20.07
N ARG A 230 -6.71 45.20 -18.80
CA ARG A 230 -5.87 44.59 -17.81
C ARG A 230 -6.58 43.65 -16.81
N ILE A 231 -7.86 43.31 -17.05
CA ILE A 231 -8.64 42.42 -16.17
C ILE A 231 -8.37 40.93 -16.51
N GLU A 232 -7.21 40.47 -16.05
CA GLU A 232 -6.69 39.18 -16.43
C GLU A 232 -7.68 38.10 -16.04
N GLY A 233 -7.94 37.19 -16.99
CA GLY A 233 -8.85 36.05 -16.79
C GLY A 233 -10.17 36.17 -17.51
N ILE A 234 -10.59 37.41 -17.84
CA ILE A 234 -11.84 37.65 -18.51
C ILE A 234 -11.63 38.30 -19.87
N SER A 235 -12.65 38.21 -20.71
CA SER A 235 -12.76 38.94 -21.98
C SER A 235 -11.57 38.60 -22.89
N ASP A 236 -11.57 37.34 -23.33
CA ASP A 236 -10.42 36.76 -24.03
C ASP A 236 -10.47 36.94 -25.55
N GLU A 237 -10.84 38.14 -26.01
CA GLU A 237 -10.92 38.53 -27.44
C GLU A 237 -12.06 37.95 -28.26
N PHE A 238 -12.99 37.20 -27.67
CA PHE A 238 -14.12 36.64 -28.42
C PHE A 238 -15.20 36.23 -27.42
N ILE A 239 -16.38 35.89 -27.94
CA ILE A 239 -17.45 35.37 -27.08
C ILE A 239 -17.33 33.84 -27.15
N PRO A 240 -17.08 33.19 -26.02
CA PRO A 240 -16.86 31.76 -26.02
C PRO A 240 -18.16 31.03 -26.24
N ASP A 241 -18.10 29.90 -26.94
CA ASP A 241 -19.26 29.03 -27.17
C ASP A 241 -20.00 28.57 -25.90
N LEU A 242 -19.25 28.37 -24.83
CA LEU A 242 -19.87 27.97 -23.56
C LEU A 242 -20.90 29.01 -23.06
N VAL A 243 -20.64 30.29 -23.28
CA VAL A 243 -21.52 31.32 -22.74
C VAL A 243 -22.72 31.54 -23.64
N MLY A 244 -23.93 31.57 -23.04
CA MLY A 244 -25.22 31.71 -23.76
CB MLY A 244 -26.09 30.48 -23.56
CG MLY A 244 -25.42 29.19 -24.04
CD MLY A 244 -24.92 29.31 -25.49
CE MLY A 244 -24.41 27.98 -26.02
NZ MLY A 244 -24.11 28.05 -27.47
CH1 MLY A 244 -25.34 27.86 -28.25
CH2 MLY A 244 -23.44 29.31 -27.86
C MLY A 244 -25.90 32.94 -23.25
O MLY A 244 -26.63 32.89 -22.26
N LEU A 245 -25.56 34.05 -23.88
CA LEU A 245 -25.94 35.37 -23.38
C LEU A 245 -27.44 35.57 -23.32
N ASP A 246 -28.18 34.84 -24.17
CA ASP A 246 -29.63 34.88 -24.12
C ASP A 246 -30.25 34.01 -23.05
N MLY A 247 -29.45 33.21 -22.35
CA MLY A 247 -29.90 32.45 -21.16
CB MLY A 247 -29.30 31.04 -21.18
CG MLY A 247 -30.28 29.99 -21.70
CD MLY A 247 -29.82 29.45 -23.06
CE MLY A 247 -30.62 28.21 -23.45
NZ MLY A 247 -29.72 27.22 -24.06
C MLY A 247 -29.47 33.14 -19.90
O MLY A 247 -29.79 32.66 -18.85
N LEU A 248 -28.73 34.24 -20.00
CA LEU A 248 -28.29 35.02 -18.87
C LEU A 248 -29.04 36.34 -18.89
N ASP A 249 -28.91 37.10 -17.81
CA ASP A 249 -29.51 38.42 -17.81
C ASP A 249 -28.50 39.46 -18.33
N ASN A 250 -28.67 40.72 -18.00
CA ASN A 250 -27.94 41.78 -18.68
C ASN A 250 -26.44 41.91 -18.31
N VAL A 251 -25.63 42.30 -19.30
CA VAL A 251 -24.19 42.39 -19.17
C VAL A 251 -23.84 43.56 -18.23
N VAL A 252 -22.87 43.36 -17.34
CA VAL A 252 -22.36 44.47 -16.51
C VAL A 252 -20.93 44.76 -16.98
N SER A 253 -20.58 46.04 -17.05
CA SER A 253 -19.31 46.52 -17.66
C SER A 253 -18.49 47.34 -16.64
N VAL A 254 -17.25 46.92 -16.32
CA VAL A 254 -16.41 47.62 -15.34
C VAL A 254 -15.08 48.07 -16.00
N ASP A 255 -14.68 49.32 -15.75
CA ASP A 255 -13.38 49.85 -16.20
C ASP A 255 -12.21 49.09 -15.51
N ASP A 256 -11.21 48.66 -16.29
CA ASP A 256 -10.06 47.95 -15.72
C ASP A 256 -9.29 48.73 -14.63
N GLY A 257 -9.25 50.04 -14.79
CA GLY A 257 -8.77 50.97 -13.73
C GLY A 257 -9.58 50.91 -12.43
N ASP A 258 -10.89 50.91 -12.57
CA ASP A 258 -11.84 50.81 -11.46
C ASP A 258 -11.70 49.46 -10.72
N ALA A 259 -11.57 48.37 -11.50
CA ALA A 259 -11.29 47.04 -10.95
C ALA A 259 -10.00 46.98 -10.09
N ILE A 260 -8.92 47.56 -10.62
CA ILE A 260 -7.62 47.61 -9.97
C ILE A 260 -7.69 48.38 -8.67
N VAL A 261 -8.34 49.56 -8.69
CA VAL A 261 -8.47 50.32 -7.48
C VAL A 261 -9.30 49.50 -6.49
N MET A 262 -10.40 48.89 -6.93
CA MET A 262 -11.18 48.04 -6.02
C MET A 262 -10.38 46.84 -5.44
N ALA A 263 -9.54 46.20 -6.25
CA ALA A 263 -8.74 45.07 -5.76
C ALA A 263 -7.70 45.57 -4.72
N GLN A 264 -7.17 46.77 -4.97
CA GLN A 264 -6.25 47.42 -4.01
C GLN A 264 -6.94 47.70 -2.66
N MLY A 265 -8.16 48.18 -2.69
CA MLY A 265 -8.94 48.41 -1.44
CB MLY A 265 -10.30 49.01 -1.74
CG MLY A 265 -10.16 50.49 -2.02
CD MLY A 265 -11.52 51.16 -2.22
CE MLY A 265 -11.36 52.43 -3.04
NZ MLY A 265 -11.43 53.66 -2.21
CH1 MLY A 265 -10.61 53.57 -1.00
CH2 MLY A 265 -10.95 54.79 -3.03
C MLY A 265 -9.15 47.12 -0.69
O MLY A 265 -8.99 47.08 0.54
N LEU A 266 -9.58 46.08 -1.42
CA LEU A 266 -9.79 44.76 -0.82
C LEU A 266 -8.58 44.20 -0.07
N ALA A 267 -7.39 44.39 -0.64
CA ALA A 267 -6.13 43.93 -0.01
C ALA A 267 -5.81 44.71 1.28
N MLY A 268 -6.01 46.02 1.22
CA MLY A 268 -5.91 46.92 2.42
CB MLY A 268 -6.20 48.37 2.03
CG MLY A 268 -4.93 49.13 1.70
CD MLY A 268 -5.26 50.53 1.18
CE MLY A 268 -4.20 51.54 1.58
NZ MLY A 268 -2.89 51.10 1.09
C MLY A 268 -6.91 46.51 3.48
O MLY A 268 -6.73 46.90 4.63
N CYS A 269 -7.96 45.77 3.17
CA CYS A 269 -8.88 45.30 4.22
C CYS A 269 -8.63 43.80 4.56
N GLY A 270 -7.55 43.22 4.04
CA GLY A 270 -7.14 41.88 4.43
C GLY A 270 -7.34 40.79 3.37
N LEU A 271 -7.92 41.18 2.23
CA LEU A 271 -8.37 40.27 1.19
C LEU A 271 -7.53 40.53 -0.03
N GLY A 272 -6.41 39.83 -0.09
CA GLY A 272 -5.49 39.96 -1.18
C GLY A 272 -5.99 39.20 -2.39
N VAL A 273 -6.56 39.92 -3.34
CA VAL A 273 -7.26 39.30 -4.49
C VAL A 273 -6.75 39.78 -5.85
N GLY A 274 -7.09 39.09 -6.93
CA GLY A 274 -6.65 39.48 -8.26
C GLY A 274 -7.48 40.60 -8.86
N ILE A 275 -7.06 41.10 -10.03
CA ILE A 275 -7.75 42.22 -10.65
C ILE A 275 -9.24 41.89 -10.95
N SER A 276 -9.51 40.67 -11.47
CA SER A 276 -10.90 40.25 -11.76
C SER A 276 -11.78 40.17 -10.52
N SER A 277 -11.18 39.99 -9.34
CA SER A 277 -11.95 40.01 -8.08
C SER A 277 -12.48 41.41 -7.77
N GLY A 278 -11.60 42.39 -7.94
CA GLY A 278 -11.95 43.79 -7.91
C GLY A 278 -13.07 44.10 -8.89
N ALA A 279 -12.93 43.64 -10.12
CA ALA A 279 -13.96 43.80 -11.16
C ALA A 279 -15.31 43.22 -10.72
N ASN A 280 -15.31 41.97 -10.27
CA ASN A 280 -16.52 41.31 -9.76
C ASN A 280 -17.20 42.04 -8.57
N PHE A 281 -16.41 42.57 -7.66
CA PHE A 281 -16.94 43.36 -6.53
C PHE A 281 -17.73 44.56 -7.11
N ILE A 282 -17.11 45.34 -8.02
CA ILE A 282 -17.78 46.48 -8.60
C ILE A 282 -18.99 46.06 -9.36
N GLY A 283 -18.92 44.92 -10.07
CA GLY A 283 -20.06 44.37 -10.78
C GLY A 283 -21.28 44.03 -9.95
N ALA A 284 -21.02 43.41 -8.82
CA ALA A 284 -22.05 42.98 -7.88
C ALA A 284 -22.77 44.22 -7.27
N LEU A 285 -21.99 45.24 -6.95
CA LEU A 285 -22.53 46.57 -6.61
C LEU A 285 -23.41 47.12 -7.77
N MET A 286 -22.90 47.12 -9.02
CA MET A 286 -23.68 47.62 -10.14
C MET A 286 -24.99 46.85 -10.27
N LEU A 287 -24.96 45.53 -10.08
CA LEU A 287 -26.20 44.76 -9.98
C LEU A 287 -27.05 45.11 -8.76
N GLN A 288 -26.41 45.27 -7.63
CA GLN A 288 -27.14 45.66 -6.47
C GLN A 288 -27.98 46.96 -6.71
N ASN A 289 -27.34 47.97 -7.29
CA ASN A 289 -28.05 49.17 -7.74
C ASN A 289 -29.27 48.91 -8.61
N MLY A 290 -29.23 47.91 -9.48
CA MLY A 290 -30.40 47.57 -10.30
CB MLY A 290 -30.03 46.57 -11.40
CG MLY A 290 -29.49 47.26 -12.65
CD MLY A 290 -29.17 46.23 -13.75
CE MLY A 290 -27.84 46.56 -14.43
NZ MLY A 290 -27.61 45.77 -15.65
CH1 MLY A 290 -27.43 44.34 -15.33
CH2 MLY A 290 -28.69 45.93 -16.65
C MLY A 290 -31.49 46.97 -9.46
O MLY A 290 -32.67 47.20 -9.75
N LEU A 291 -31.20 46.10 -8.51
CA LEU A 291 -32.28 45.32 -7.91
C LEU A 291 -32.79 45.90 -6.62
N GLY A 292 -32.10 46.88 -6.05
CA GLY A 292 -32.38 47.44 -4.72
C GLY A 292 -31.22 47.31 -3.71
N MLY A 293 -30.84 48.46 -3.13
CA MLY A 293 -30.03 48.70 -1.88
CB MLY A 293 -30.72 49.71 -0.98
CG MLY A 293 -30.99 51.05 -1.69
CD MLY A 293 -32.50 51.26 -1.92
CE MLY A 293 -33.03 50.33 -3.00
NZ MLY A 293 -34.43 50.62 -3.32
C MLY A 293 -29.85 47.43 -1.09
O MLY A 293 -28.73 47.14 -0.67
N ASP A 294 -30.96 46.76 -0.81
CA ASP A 294 -31.08 45.63 0.12
C ASP A 294 -30.98 44.22 -0.53
N SER A 295 -30.76 44.17 -1.84
CA SER A 295 -30.84 42.92 -2.58
C SER A 295 -29.60 42.09 -2.20
N VAL A 296 -29.78 40.79 -2.21
CA VAL A 296 -28.75 39.82 -1.86
C VAL A 296 -27.99 39.39 -3.15
N ILE A 297 -26.80 39.98 -3.36
CA ILE A 297 -25.93 39.71 -4.48
C ILE A 297 -24.69 38.85 -4.05
N VAL A 298 -24.42 37.85 -4.86
CA VAL A 298 -23.29 36.96 -4.66
C VAL A 298 -22.30 37.12 -5.82
N THR A 299 -21.00 37.08 -5.53
CA THR A 299 -20.00 36.98 -6.60
C THR A 299 -18.84 36.11 -6.11
N VAL A 300 -17.76 36.09 -6.90
CA VAL A 300 -16.61 35.32 -6.55
C VAL A 300 -15.35 36.15 -6.69
N PHE A 301 -14.34 35.78 -5.89
CA PHE A 301 -12.98 36.26 -6.03
C PHE A 301 -12.12 35.09 -6.60
N PRO A 302 -11.87 35.08 -7.91
CA PRO A 302 -11.23 33.90 -8.52
C PRO A 302 -9.85 33.53 -8.04
N ASP A 303 -9.03 34.50 -7.63
CA ASP A 303 -7.67 34.18 -7.17
C ASP A 303 -7.14 35.29 -6.26
N ASP A 304 -5.95 35.05 -5.74
CA ASP A 304 -5.25 36.00 -4.86
C ASP A 304 -4.37 37.05 -5.61
N ASN A 305 -3.72 37.95 -4.84
CA ASN A 305 -2.95 39.04 -5.44
C ASN A 305 -1.49 38.63 -5.83
N MLY A 306 -1.03 37.40 -5.54
CA MLY A 306 0.41 37.09 -5.64
CB MLY A 306 0.75 35.77 -4.96
CG MLY A 306 0.61 35.87 -3.45
CD MLY A 306 1.22 34.65 -2.76
CE MLY A 306 1.05 34.72 -1.25
NZ MLY A 306 -0.37 34.55 -0.88
C MLY A 306 0.84 37.00 -7.07
O MLY A 306 1.98 37.23 -7.35
N MLY A 307 -0.06 36.62 -8.01
CA MLY A 307 0.35 36.52 -9.41
CB MLY A 307 -0.61 35.60 -10.17
CG MLY A 307 -0.39 34.14 -9.77
CD MLY A 307 -1.08 33.16 -10.72
CE MLY A 307 -2.54 33.54 -10.98
NZ MLY A 307 -3.36 33.30 -9.78
C MLY A 307 0.37 37.88 -10.05
O MLY A 307 0.63 37.95 -11.25
N TYR A 308 0.15 38.97 -9.29
CA TYR A 308 -0.05 40.30 -9.88
C TYR A 308 0.92 41.34 -9.44
N LEU A 309 1.97 40.93 -8.70
CA LEU A 309 2.94 41.90 -8.22
C LEU A 309 3.66 42.60 -9.39
N SER A 310 3.77 41.94 -10.54
CA SER A 310 4.43 42.57 -11.69
C SER A 310 3.51 43.51 -12.49
N THR A 311 2.23 43.65 -12.09
CA THR A 311 1.22 44.26 -12.90
C THR A 311 0.84 45.61 -12.32
N ASP A 312 -0.09 46.28 -12.99
CA ASP A 312 -0.57 47.60 -12.58
C ASP A 312 -1.34 47.58 -11.23
N LEU A 313 -1.70 46.39 -10.76
CA LEU A 313 -2.26 46.24 -9.41
C LEU A 313 -1.35 46.82 -8.30
N MET A 314 -0.05 46.71 -8.50
CA MET A 314 0.94 47.24 -7.55
C MET A 314 1.38 48.67 -7.85
N ARG A 315 0.72 49.36 -8.75
CA ARG A 315 1.09 50.71 -9.19
C ARG A 315 -0.07 51.62 -8.86
N GLU A 316 0.14 52.92 -9.03
CA GLU A 316 -0.83 53.93 -8.64
C GLU A 316 -1.74 54.16 -9.81
N GLU A 317 -3.01 53.84 -9.64
CA GLU A 317 -3.93 53.94 -10.76
C GLU A 317 -4.53 55.34 -10.78
N MLY A 318 -4.47 55.98 -11.95
CA MLY A 318 -5.23 57.18 -12.27
CB MLY A 318 -5.02 57.54 -13.74
CG MLY A 318 -5.21 59.03 -14.02
CD MLY A 318 -4.53 59.46 -15.31
CE MLY A 318 -5.51 60.03 -16.32
NZ MLY A 318 -6.42 58.98 -16.80
C MLY A 318 -6.69 56.95 -12.00
O MLY A 318 -7.33 56.18 -12.73
N VAL A 319 -7.23 57.54 -10.93
CA VAL A 319 -8.68 57.48 -10.67
C VAL A 319 -9.36 58.34 -11.74
N MLY A 320 -10.57 57.95 -12.13
CA MLY A 320 -11.39 58.74 -13.05
CB MLY A 320 -11.61 57.98 -14.36
CG MLY A 320 -10.44 58.15 -15.31
CD MLY A 320 -10.04 56.81 -15.93
CE MLY A 320 -9.10 56.99 -17.11
NZ MLY A 320 -9.65 56.25 -18.27
C MLY A 320 -12.72 59.05 -12.42
O MLY A 320 -13.15 58.40 -11.46
N GLU A 321 -13.39 60.05 -12.99
CA GLU A 321 -14.67 60.55 -12.51
C GLU A 321 -15.73 59.44 -12.42
N ASP A 322 -15.86 58.66 -13.47
CA ASP A 322 -16.87 57.60 -13.47
C ASP A 322 -16.49 56.28 -12.73
N PHE A 323 -15.37 56.20 -12.02
CA PHE A 323 -15.05 54.96 -11.23
C PHE A 323 -16.06 54.87 -10.08
N LEU A 324 -16.72 53.71 -9.90
CA LEU A 324 -17.54 53.51 -8.68
C LEU A 324 -16.64 53.37 -7.44
N SER A 325 -15.41 52.84 -7.60
CA SER A 325 -14.45 52.69 -6.48
C SER A 325 -14.10 54.00 -5.74
N MLY A 326 -14.14 55.14 -6.41
CA MLY A 326 -13.84 56.44 -5.72
CB MLY A 326 -13.79 57.59 -6.73
CG MLY A 326 -15.17 58.12 -7.08
CD MLY A 326 -15.13 59.02 -8.32
CE MLY A 326 -15.58 60.44 -7.99
NZ MLY A 326 -17.05 60.50 -7.94
C MLY A 326 -14.86 56.70 -4.65
O MLY A 326 -14.54 57.36 -3.65
N ASP A 327 -16.07 56.15 -4.79
CA ASP A 327 -17.12 56.29 -3.79
C ASP A 327 -17.36 55.05 -2.92
N ILE A 328 -16.42 54.10 -2.87
CA ILE A 328 -16.61 52.91 -2.01
C ILE A 328 -15.69 53.00 -0.84
N THR A 329 -16.17 52.63 0.34
CA THR A 329 -15.33 52.52 1.54
C THR A 329 -15.64 51.17 2.18
N LEU A 330 -14.63 50.30 2.27
CA LEU A 330 -14.83 49.00 2.87
C LEU A 330 -14.97 49.16 4.38
N MLY A 331 -15.94 48.48 4.99
CA MLY A 331 -16.18 48.64 6.44
CB MLY A 331 -17.66 48.83 6.74
CG MLY A 331 -18.11 50.26 6.45
CD MLY A 331 -18.91 50.87 7.61
CE MLY A 331 -18.36 52.23 8.03
NZ MLY A 331 -19.36 53.28 7.81
C MLY A 331 -15.65 47.43 7.16
O MLY A 331 -14.76 47.59 8.02
N GLU A 332 -16.18 46.26 6.86
CA GLU A 332 -15.81 45.03 7.59
C GLU A 332 -16.31 43.73 7.00
N ILE A 333 -15.71 42.66 7.46
CA ILE A 333 -16.20 41.32 7.19
C ILE A 333 -17.16 40.98 8.31
N MLY A 334 -18.42 40.86 7.95
CA MLY A 334 -19.55 40.71 8.86
CB MLY A 334 -20.78 41.36 8.24
CG MLY A 334 -22.10 41.05 8.95
CD MLY A 334 -22.18 41.69 10.32
CE MLY A 334 -23.62 42.03 10.70
NZ MLY A 334 -24.07 41.13 11.78
C MLY A 334 -19.77 39.26 9.18
O MLY A 334 -20.32 38.95 10.23
N ASN A 335 -19.36 38.34 8.29
CA ASN A 335 -19.57 36.90 8.47
C ASN A 335 -18.68 36.11 7.49
N VAL A 336 -18.38 34.87 7.88
CA VAL A 336 -17.63 33.92 7.07
C VAL A 336 -18.25 32.57 7.35
N LEU A 337 -18.69 31.90 6.27
CA LEU A 337 -19.28 30.56 6.31
C LEU A 337 -18.37 29.59 5.56
N ARG A 338 -18.44 28.32 5.94
CA ARG A 338 -17.68 27.26 5.25
C ARG A 338 -18.16 25.91 5.71
N VAL A 339 -18.63 25.07 4.78
CA VAL A 339 -18.96 23.65 5.09
C VAL A 339 -17.97 22.68 4.47
N GLY B 4 -21.83 36.81 24.20
CA GLY B 4 -20.70 37.72 23.81
C GLY B 4 -21.07 38.58 22.62
N SER B 5 -20.14 38.65 21.64
CA SER B 5 -20.26 39.44 20.38
C SER B 5 -18.88 39.49 19.65
N GLU B 6 -17.87 40.02 20.34
CA GLU B 6 -16.48 39.78 19.96
C GLU B 6 -16.24 38.27 19.82
N GLN B 7 -16.78 37.51 20.77
CA GLN B 7 -16.77 36.03 20.70
C GLN B 7 -17.39 35.44 19.39
N MLY B 8 -18.55 35.97 19.00
CA MLY B 8 -19.22 35.72 17.71
CB MLY B 8 -20.43 36.64 17.57
CG MLY B 8 -21.72 35.86 17.31
CD MLY B 8 -22.89 36.82 17.10
CE MLY B 8 -23.70 36.46 15.86
NZ MLY B 8 -22.90 36.69 14.65
C MLY B 8 -18.27 35.98 16.57
O MLY B 8 -18.13 35.15 15.69
N MLY B 9 -17.61 37.15 16.60
CA MLY B 9 -16.72 37.59 15.52
CB MLY B 9 -16.18 39.00 15.82
CG MLY B 9 -15.41 39.56 14.62
CD MLY B 9 -15.26 41.07 14.69
CE MLY B 9 -15.40 41.69 13.30
NZ MLY B 9 -14.85 43.04 13.28
C MLY B 9 -15.60 36.60 15.36
O MLY B 9 -15.41 36.07 14.25
N MET B 10 -14.92 36.26 16.45
CA MET B 10 -13.80 35.34 16.44
C MET B 10 -14.21 33.93 16.05
N MLY B 11 -15.42 33.51 16.42
CA MLY B 11 -15.98 32.20 15.98
CB MLY B 11 -17.35 31.99 16.61
CG MLY B 11 -18.17 30.88 15.95
CD MLY B 11 -17.75 29.49 16.42
CE MLY B 11 -18.62 28.40 15.82
NZ MLY B 11 -20.01 28.52 16.30
C MLY B 11 -16.07 32.14 14.48
O MLY B 11 -15.71 31.10 13.87
N TYR B 12 -16.52 33.21 13.81
CA TYR B 12 -16.61 33.17 12.33
C TYR B 12 -15.28 33.42 11.57
N LEU B 13 -14.41 34.26 12.13
CA LEU B 13 -13.18 34.60 11.44
C LEU B 13 -12.26 33.39 11.37
N GLU B 14 -12.40 32.47 12.33
CA GLU B 14 -11.61 31.25 12.34
C GLU B 14 -11.85 30.35 11.09
N ASN B 15 -13.00 30.54 10.43
CA ASN B 15 -13.25 29.88 9.15
C ASN B 15 -12.30 30.32 8.04
N LEU B 16 -11.53 31.39 8.26
CA LEU B 16 -10.54 31.83 7.31
C LEU B 16 -9.19 31.09 7.37
N VAL B 17 -9.02 30.23 8.39
CA VAL B 17 -7.76 29.57 8.67
C VAL B 17 -7.97 28.14 9.06
N GLY B 18 -6.92 27.33 8.86
CA GLY B 18 -6.94 25.91 9.16
C GLY B 18 -7.81 25.04 8.29
N MLY B 19 -8.03 23.80 8.78
CA MLY B 19 -8.79 22.71 8.13
CB MLY B 19 -10.27 23.06 8.04
CG MLY B 19 -10.84 23.51 9.39
CD MLY B 19 -12.19 24.22 9.21
CE MLY B 19 -12.11 25.71 9.58
NZ MLY B 19 -11.59 26.51 8.46
C MLY B 19 -8.22 22.47 6.76
O MLY B 19 -8.96 22.39 5.78
N THR B 20 -6.90 22.35 6.71
CA THR B 20 -6.14 22.15 5.48
C THR B 20 -6.00 20.69 5.12
N PRO B 21 -5.76 20.41 3.85
CA PRO B 21 -5.56 18.98 3.45
C PRO B 21 -4.37 18.29 4.11
N MET B 22 -4.56 17.03 4.51
CA MET B 22 -3.46 16.12 4.86
C MET B 22 -3.21 15.25 3.63
N LEU B 23 -1.98 15.16 3.16
CA LEU B 23 -1.68 14.39 1.96
C LEU B 23 -0.78 13.20 2.29
N GLU B 24 -1.07 12.01 1.74
CA GLU B 24 -0.17 10.88 1.80
C GLU B 24 0.60 10.87 0.51
N LEU B 25 1.89 11.17 0.62
CA LEU B 25 2.81 11.18 -0.53
C LEU B 25 3.70 9.95 -0.57
N ILE B 26 3.59 9.22 -1.68
CA ILE B 26 4.38 8.00 -1.95
C ILE B 26 5.49 8.34 -2.93
N PHE B 27 6.68 7.85 -2.63
CA PHE B 27 7.85 8.07 -3.44
C PHE B 27 8.82 6.88 -3.31
N ASP B 28 9.79 6.84 -4.20
CA ASP B 28 10.91 5.86 -4.17
C ASP B 28 12.13 6.57 -3.65
N TYR B 29 12.78 5.95 -2.68
CA TYR B 29 14.11 6.37 -2.23
C TYR B 29 15.06 5.17 -2.43
N MLY B 30 16.05 5.39 -3.29
CA MLY B 30 16.96 4.42 -3.97
CB MLY B 30 18.41 4.80 -3.67
CG MLY B 30 18.60 5.26 -2.23
CD MLY B 30 20.07 5.23 -1.82
CE MLY B 30 20.35 6.14 -0.64
NZ MLY B 30 21.74 5.98 -0.21
C MLY B 30 16.74 2.98 -3.58
O MLY B 30 17.38 2.53 -2.63
N GLY B 31 15.91 2.19 -4.26
CA GLY B 31 14.67 2.55 -4.93
C GLY B 31 13.57 1.72 -4.23
N GLU B 32 13.41 1.97 -2.93
CA GLU B 32 12.37 1.34 -2.13
C GLU B 32 11.23 2.34 -1.90
N GLU B 33 10.03 1.79 -1.79
CA GLU B 33 8.86 2.58 -1.72
C GLU B 33 8.69 3.08 -0.30
N ARG B 34 8.49 4.40 -0.21
CA ARG B 34 8.23 5.07 1.05
C ARG B 34 7.00 5.96 0.96
N ARG B 35 6.59 6.44 2.12
CA ARG B 35 5.57 7.47 2.21
C ARG B 35 5.81 8.43 3.37
N ILE B 36 5.40 9.67 3.14
CA ILE B 36 5.40 10.76 4.14
C ILE B 36 3.97 11.40 4.16
N PHE B 37 3.53 11.82 5.34
CA PHE B 37 2.25 12.51 5.51
C PHE B 37 2.53 13.98 5.72
N VAL B 38 1.79 14.85 5.02
CA VAL B 38 2.11 16.25 5.02
C VAL B 38 0.82 17.12 5.04
N MLY B 39 0.86 18.18 5.83
CA MLY B 39 -0.21 19.18 5.81
CB MLY B 39 -0.42 19.81 7.18
CG MLY B 39 -1.00 18.82 8.18
CD MLY B 39 -2.50 18.62 7.96
CE MLY B 39 -3.35 19.65 8.71
NZ MLY B 39 -4.79 19.36 8.47
C MLY B 39 0.15 20.26 4.81
O MLY B 39 1.25 20.85 4.88
N ASN B 40 -0.78 20.54 3.91
CA ASN B 40 -0.62 21.65 2.98
C ASN B 40 -1.25 22.98 3.48
N GLU B 41 -0.38 23.85 4.01
CA GLU B 41 -0.78 25.09 4.68
C GLU B 41 -0.89 26.34 3.77
N SER B 42 -0.75 26.15 2.43
CA SER B 42 -1.14 27.16 1.44
C SER B 42 -2.67 27.48 1.47
N TYR B 43 -3.50 26.56 1.95
CA TYR B 43 -4.95 26.70 1.98
C TYR B 43 -5.40 27.55 3.23
N ASN B 44 -4.98 28.80 3.27
CA ASN B 44 -5.11 29.69 4.40
C ASN B 44 -5.30 31.07 3.83
N LEU B 45 -5.75 32.01 4.67
CA LEU B 45 -6.06 33.39 4.23
C LEU B 45 -5.03 34.03 3.33
N THR B 46 -3.77 34.06 3.74
CA THR B 46 -2.70 34.74 2.97
C THR B 46 -1.73 33.71 2.40
N GLY B 47 -2.09 32.44 2.44
CA GLY B 47 -1.29 31.37 1.81
C GLY B 47 -0.26 30.68 2.72
N SER B 48 -0.28 30.92 4.05
CA SER B 48 0.71 30.28 4.92
C SER B 48 0.18 29.78 6.25
N ILE B 49 0.94 28.85 6.83
CA ILE B 49 0.71 28.43 8.22
C ILE B 49 0.65 29.60 9.23
N LYS B 50 1.35 30.68 8.94
CA LYS B 50 1.40 31.84 9.84
C LYS B 50 0.03 32.49 10.08
N ASP B 51 -0.90 32.29 9.14
CA ASP B 51 -2.28 32.75 9.33
C ASP B 51 -2.94 32.12 10.57
N ARG B 52 -2.70 30.82 10.83
CA ARG B 52 -3.25 30.14 11.98
C ARG B 52 -2.75 30.81 13.28
N MET B 53 -1.48 31.15 13.26
CA MET B 53 -0.75 31.70 14.38
C MET B 53 -1.16 33.15 14.63
N ALA B 54 -1.20 33.98 13.60
CA ALA B 54 -1.67 35.35 13.73
C ALA B 54 -3.11 35.47 14.25
N PHE B 55 -3.99 34.62 13.75
CA PHE B 55 -5.36 34.61 14.19
C PHE B 55 -5.50 34.17 15.65
N TYR B 56 -4.86 33.05 16.00
CA TYR B 56 -4.90 32.60 17.40
C TYR B 56 -4.42 33.64 18.36
N THR B 57 -3.31 34.28 17.98
CA THR B 57 -2.64 35.30 18.79
C THR B 57 -3.56 36.47 19.06
N LEU B 58 -4.10 37.06 17.98
CA LEU B 58 -4.96 38.19 18.14
C LEU B 58 -6.24 37.82 18.91
N MLY B 59 -6.77 36.63 18.69
CA MLY B 59 -8.01 36.18 19.38
CB MLY B 59 -8.45 34.85 18.82
CG MLY B 59 -9.69 34.33 19.56
CD MLY B 59 -10.15 32.98 19.00
CE MLY B 59 -11.18 32.35 19.95
NZ MLY B 59 -11.70 31.06 19.46
CH1 MLY B 59 -12.17 31.14 18.07
CH2 MLY B 59 -10.69 30.00 19.61
C MLY B 59 -7.82 36.06 20.87
O MLY B 59 -8.65 36.54 21.65
N MLY B 60 -6.76 35.36 21.29
CA MLY B 60 -6.52 35.12 22.73
CB MLY B 60 -5.38 34.13 22.92
CG MLY B 60 -5.10 33.91 24.41
CD MLY B 60 -4.30 32.64 24.65
CE MLY B 60 -4.12 32.39 26.15
NZ MLY B 60 -3.45 31.09 26.38
CH1 MLY B 60 -2.84 31.07 27.72
CH2 MLY B 60 -4.44 30.01 26.29
C MLY B 60 -6.19 36.44 23.39
O MLY B 60 -6.63 36.69 24.54
N ALA B 61 -5.44 37.31 22.68
CA ALA B 61 -5.14 38.68 23.13
C ALA B 61 -6.39 39.53 23.37
N TYR B 62 -7.39 39.39 22.51
CA TYR B 62 -8.70 39.99 22.71
C TYR B 62 -9.32 39.35 23.94
N GLU B 63 -9.42 38.01 23.98
CA GLU B 63 -9.98 37.32 25.15
C GLU B 63 -9.37 37.80 26.49
N MLY B 64 -8.05 38.02 26.53
CA MLY B 64 -7.31 38.36 27.78
CB MLY B 64 -5.90 37.74 27.74
CG MLY B 64 -5.94 36.21 27.84
CD MLY B 64 -5.65 35.72 29.25
CE MLY B 64 -4.16 35.82 29.58
NZ MLY B 64 -3.54 34.48 29.55
C MLY B 64 -7.20 39.86 27.95
O MLY B 64 -6.32 40.34 28.65
N ASN B 65 -8.12 40.62 27.36
CA ASN B 65 -8.05 42.08 27.24
C ASN B 65 -6.62 42.68 27.11
N GLU B 66 -5.71 42.03 26.39
CA GLU B 66 -4.32 42.53 26.22
C GLU B 66 -4.12 43.45 25.01
N ILE B 67 -5.19 43.71 24.27
CA ILE B 67 -5.16 44.63 23.14
C ILE B 67 -6.52 45.32 23.12
N MLY B 68 -6.52 46.63 22.91
CA MLY B 68 -7.74 47.43 22.80
CB MLY B 68 -7.55 48.79 23.47
CG MLY B 68 -7.17 48.65 24.94
CD MLY B 68 -7.41 49.97 25.68
CE MLY B 68 -6.41 50.19 26.81
NZ MLY B 68 -6.31 51.64 27.07
C MLY B 68 -8.05 47.66 21.34
O MLY B 68 -7.18 47.57 20.50
N MLY B 69 -9.30 47.97 21.06
CA MLY B 69 -9.78 48.35 19.72
CB MLY B 69 -11.22 48.83 19.82
CG MLY B 69 -11.89 48.97 18.45
CD MLY B 69 -12.91 50.11 18.44
CE MLY B 69 -12.28 51.42 17.97
NZ MLY B 69 -12.22 51.44 16.51
C MLY B 69 -8.92 49.45 19.15
O MLY B 69 -8.65 50.43 19.83
N GLY B 70 -8.46 49.29 17.91
CA GLY B 70 -7.78 50.35 17.17
C GLY B 70 -6.30 50.46 17.49
N ALA B 71 -5.83 49.66 18.45
CA ALA B 71 -4.43 49.67 18.85
C ALA B 71 -3.49 49.20 17.73
N PRO B 72 -2.36 49.88 17.53
CA PRO B 72 -1.41 49.40 16.53
C PRO B 72 -0.78 48.03 16.89
N ILE B 73 -0.69 47.16 15.89
CA ILE B 73 0.04 45.91 15.99
C ILE B 73 1.41 46.14 15.34
N VAL B 74 2.46 45.86 16.08
CA VAL B 74 3.81 46.21 15.65
C VAL B 74 4.73 45.00 15.75
N GLU B 75 5.52 44.74 14.71
CA GLU B 75 6.39 43.53 14.64
C GLU B 75 7.58 43.79 13.70
N ALA B 76 8.60 42.97 13.85
CA ALA B 76 9.78 42.96 12.97
C ALA B 76 9.84 41.62 12.22
N THR B 77 9.80 41.68 10.89
CA THR B 77 9.71 40.51 9.97
C THR B 77 9.70 41.07 8.53
N SER B 78 10.13 40.23 7.61
CA SER B 78 9.95 40.46 6.15
C SER B 78 9.21 39.31 5.46
N GLY B 79 8.73 38.33 6.23
CA GLY B 79 8.18 37.10 5.68
C GLY B 79 6.68 36.91 5.88
N ASN B 80 6.29 35.64 5.98
CA ASN B 80 4.88 35.22 6.18
C ASN B 80 4.20 35.77 7.46
N THR B 81 4.96 36.07 8.50
CA THR B 81 4.39 36.66 9.72
C THR B 81 3.89 38.10 9.51
N GLY B 82 4.68 38.91 8.82
CA GLY B 82 4.26 40.25 8.49
C GLY B 82 3.01 40.20 7.63
N ILE B 83 3.01 39.28 6.66
CA ILE B 83 1.89 39.16 5.74
C ILE B 83 0.63 38.80 6.53
N ALA B 84 0.71 37.82 7.42
CA ALA B 84 -0.41 37.31 8.17
C ALA B 84 -1.02 38.31 9.20
N PHE B 85 -0.15 38.97 9.98
CA PHE B 85 -0.59 40.01 10.89
C PHE B 85 -1.09 41.21 10.11
N SER B 86 -0.44 41.57 8.99
CA SER B 86 -0.94 42.70 8.20
C SER B 86 -2.41 42.47 7.79
N ALA B 87 -2.69 41.29 7.22
CA ALA B 87 -4.06 40.98 6.78
C ALA B 87 -5.06 40.85 7.93
N MET B 88 -4.73 40.07 8.95
CA MET B 88 -5.66 39.83 10.07
C MET B 88 -5.79 41.08 10.94
N GLY B 89 -4.68 41.81 11.10
CA GLY B 89 -4.72 43.14 11.72
C GLY B 89 -5.73 44.07 11.06
N ALA B 90 -5.70 44.12 9.73
CA ALA B 90 -6.59 44.98 8.98
C ALA B 90 -8.03 44.48 9.12
N ILE B 91 -8.25 43.17 9.03
CA ILE B 91 -9.59 42.59 9.27
C ILE B 91 -10.18 43.02 10.64
N LEU B 92 -9.32 43.05 11.67
CA LEU B 92 -9.79 43.39 13.03
C LEU B 92 -9.80 44.91 13.35
N GLY B 93 -9.51 45.75 12.36
CA GLY B 93 -9.51 47.22 12.57
C GLY B 93 -8.22 47.78 13.14
N HIS B 94 -7.09 47.08 13.04
CA HIS B 94 -5.81 47.62 13.56
C HIS B 94 -4.82 48.09 12.52
N PRO B 95 -4.25 49.29 12.72
CA PRO B 95 -3.13 49.62 11.83
C PRO B 95 -1.98 48.67 12.19
N VAL B 96 -1.12 48.40 11.21
CA VAL B 96 -0.05 47.43 11.41
C VAL B 96 1.24 48.10 10.96
N ILE B 97 2.24 47.95 11.81
CA ILE B 97 3.54 48.55 11.58
C ILE B 97 4.58 47.43 11.51
N ILE B 98 5.30 47.37 10.39
CA ILE B 98 6.33 46.37 10.23
C ILE B 98 7.67 47.03 10.09
N TYR B 99 8.61 46.60 10.93
CA TYR B 99 10.01 47.02 10.80
C TYR B 99 10.81 45.90 10.13
N MET B 100 11.61 46.29 9.15
CA MET B 100 12.51 45.37 8.45
C MET B 100 13.74 46.14 7.94
N PRO B 101 14.82 45.40 7.59
CA PRO B 101 16.03 46.04 7.03
C PRO B 101 15.81 46.64 5.65
N ASP B 102 16.63 47.66 5.31
CA ASP B 102 16.42 48.46 4.09
C ASP B 102 16.90 47.82 2.76
N TRP B 103 17.63 46.71 2.86
CA TRP B 103 18.08 45.91 1.70
C TRP B 103 17.12 44.73 1.33
N MET B 104 15.99 44.58 2.03
CA MET B 104 14.98 43.53 1.70
C MET B 104 14.36 43.84 0.35
N SER B 105 14.05 42.81 -0.42
CA SER B 105 13.64 42.99 -1.82
C SER B 105 12.29 43.71 -1.98
N GLU B 106 12.11 44.28 -3.17
CA GLU B 106 10.91 45.02 -3.57
C GLU B 106 9.67 44.10 -3.44
N GLU B 107 9.80 42.86 -3.91
CA GLU B 107 8.74 41.88 -3.89
C GLU B 107 8.13 41.69 -2.50
N ARG B 108 8.96 41.56 -1.46
CA ARG B 108 8.46 41.38 -0.08
C ARG B 108 7.72 42.61 0.42
N MLY B 109 8.30 43.79 0.12
CA MLY B 109 7.78 45.07 0.60
CB MLY B 109 8.75 46.21 0.27
CG MLY B 109 10.03 46.13 1.12
CD MLY B 109 10.92 47.35 0.94
CE MLY B 109 11.68 47.31 -0.39
NZ MLY B 109 12.52 48.51 -0.57
CH1 MLY B 109 13.80 48.37 0.17
CH2 MLY B 109 12.81 48.71 -2.00
C MLY B 109 6.44 45.31 -0.03
O MLY B 109 5.45 45.57 0.70
N SER B 110 6.36 45.15 -1.36
CA SER B 110 5.09 45.35 -2.10
C SER B 110 3.97 44.45 -1.60
N LEU B 111 4.24 43.17 -1.33
CA LEU B 111 3.18 42.29 -0.87
C LEU B 111 2.64 42.74 0.51
N ILE B 112 3.57 43.01 1.43
CA ILE B 112 3.17 43.44 2.78
C ILE B 112 2.47 44.77 2.71
N ARG B 113 2.97 45.68 1.86
CA ARG B 113 2.33 46.99 1.65
C ARG B 113 0.93 46.86 1.10
N SER B 114 0.67 45.78 0.31
CA SER B 114 -0.66 45.59 -0.29
C SER B 114 -1.72 45.44 0.77
N PHE B 115 -1.33 44.85 1.89
CA PHE B 115 -2.27 44.53 2.96
C PHE B 115 -2.45 45.70 3.99
N GLY B 116 -2.02 46.90 3.62
CA GLY B 116 -2.28 48.11 4.39
C GLY B 116 -1.27 48.40 5.49
N ALA B 117 -0.22 47.60 5.65
CA ALA B 117 0.73 47.87 6.73
C ALA B 117 1.68 49.02 6.41
N MLY B 118 2.15 49.67 7.47
CA MLY B 118 3.15 50.70 7.35
CB MLY B 118 2.94 51.77 8.44
CG MLY B 118 1.47 52.17 8.54
CD MLY B 118 1.19 53.50 7.83
CE MLY B 118 0.48 53.27 6.50
NZ MLY B 118 0.43 54.52 5.75
C MLY B 118 4.49 50.07 7.49
O MLY B 118 4.72 49.35 8.44
N ILE B 119 5.38 50.30 6.52
CA ILE B 119 6.72 49.71 6.57
C ILE B 119 7.79 50.74 6.96
N ILE B 120 8.57 50.39 7.99
CA ILE B 120 9.70 51.20 8.48
C ILE B 120 11.01 50.43 8.31
N LEU B 121 11.89 51.05 7.53
CA LEU B 121 13.11 50.43 7.06
C LEU B 121 14.23 50.83 8.02
N VAL B 122 15.08 49.86 8.32
CA VAL B 122 16.21 50.00 9.24
C VAL B 122 17.49 49.69 8.45
N SER B 123 18.46 50.61 8.50
CA SER B 123 19.73 50.45 7.76
C SER B 123 20.73 49.53 8.48
N ARG B 124 21.83 49.25 7.76
CA ARG B 124 22.99 48.42 8.21
C ARG B 124 23.48 48.95 9.55
N MLY B 125 23.58 50.28 9.55
CA MLY B 125 24.23 51.09 10.59
CB MLY B 125 24.55 52.48 10.03
CG MLY B 125 25.25 52.40 8.66
CD MLY B 125 24.28 52.71 7.51
CE MLY B 125 24.12 54.22 7.30
NZ MLY B 125 24.92 54.66 6.15
C MLY B 125 23.30 51.22 11.77
O MLY B 125 23.77 51.24 12.91
N GLU B 126 21.99 51.29 11.50
CA GLU B 126 20.98 51.28 12.57
C GLU B 126 20.78 49.91 13.22
N GLY B 127 21.46 48.87 12.69
CA GLY B 127 21.69 47.63 13.43
C GLY B 127 20.80 46.50 12.98
N GLY B 128 21.16 45.84 11.87
CA GLY B 128 20.37 44.70 11.40
C GLY B 128 19.00 45.16 10.96
N PHE B 129 17.91 44.48 11.27
CA PHE B 129 17.72 43.10 11.81
C PHE B 129 17.48 43.04 13.33
N LEU B 130 18.55 42.95 14.13
CA LEU B 130 18.40 42.91 15.60
C LEU B 130 17.79 44.24 16.06
N GLY B 131 18.23 45.34 15.43
CA GLY B 131 17.68 46.66 15.69
C GLY B 131 16.27 46.88 15.16
N SER B 132 15.83 46.09 14.18
CA SER B 132 14.41 46.10 13.78
C SER B 132 13.51 45.63 14.95
N ILE B 133 13.94 44.63 15.73
CA ILE B 133 13.10 44.16 16.85
C ILE B 133 13.18 45.17 18.03
N GLU B 134 14.29 45.90 18.11
CA GLU B 134 14.50 46.93 19.12
C GLU B 134 13.58 48.12 18.93
N MLY B 135 13.40 48.58 17.69
CA MLY B 135 12.48 49.69 17.42
CB MLY B 135 12.61 50.13 15.97
CG MLY B 135 13.96 50.80 15.73
CD MLY B 135 13.87 51.90 14.69
CE MLY B 135 15.26 52.41 14.35
NZ MLY B 135 15.15 53.61 13.52
C MLY B 135 11.07 49.29 17.72
O MLY B 135 10.30 50.13 18.18
N THR B 136 10.70 48.02 17.56
CA THR B 136 9.33 47.60 17.98
C THR B 136 9.10 47.82 19.49
N MLY B 137 10.14 47.55 20.28
CA MLY B 137 10.07 47.76 21.74
CB MLY B 137 11.26 47.08 22.42
CG MLY B 137 11.04 45.57 22.46
CD MLY B 137 12.37 44.81 22.46
CE MLY B 137 12.26 43.52 23.28
NZ MLY B 137 13.21 42.52 22.75
C MLY B 137 10.06 49.23 22.07
O MLY B 137 9.35 49.64 23.00
N GLU B 138 10.82 50.04 21.34
CA GLU B 138 10.77 51.51 21.49
C GLU B 138 9.36 52.02 21.25
N PHE B 139 8.77 51.56 20.13
CA PHE B 139 7.45 52.04 19.73
C PHE B 139 6.39 51.82 20.81
N ALA B 140 6.46 50.69 21.49
CA ALA B 140 5.49 50.34 22.54
C ALA B 140 5.56 51.28 23.77
N MLY B 141 6.78 51.66 24.15
CA MLY B 141 6.97 52.58 25.30
CB MLY B 141 8.43 52.61 25.70
CG MLY B 141 8.77 51.38 26.54
CD MLY B 141 10.26 51.01 26.44
CE MLY B 141 10.44 49.50 26.43
NZ MLY B 141 11.82 49.16 26.83
C MLY B 141 6.48 53.95 24.96
O MLY B 141 5.98 54.63 25.84
N ASN B 142 6.59 54.38 23.70
CA ASN B 142 6.07 55.69 23.28
C ASN B 142 4.59 55.71 22.89
N ASN B 143 4.02 54.54 22.62
CA ASN B 143 2.58 54.37 22.36
C ASN B 143 2.03 53.16 23.17
N PRO B 144 1.69 53.36 24.47
CA PRO B 144 1.34 52.24 25.38
C PRO B 144 0.12 51.38 25.02
N ASP B 145 -0.66 51.72 23.99
CA ASP B 145 -1.71 50.80 23.49
C ASP B 145 -1.16 49.72 22.53
N THR B 146 0.11 49.86 22.15
CA THR B 146 0.76 48.96 21.21
C THR B 146 0.64 47.50 21.61
N TYR B 147 0.16 46.66 20.69
CA TYR B 147 0.39 45.23 20.83
C TYR B 147 1.60 44.74 20.05
N LEU B 148 2.48 44.00 20.74
CA LEU B 148 3.67 43.38 20.15
C LEU B 148 3.41 41.89 20.05
N PRO B 149 3.27 41.35 18.84
CA PRO B 149 3.15 39.89 18.72
C PRO B 149 4.30 39.08 19.32
N SER B 150 5.52 39.62 19.23
CA SER B 150 6.71 39.04 19.89
C SER B 150 6.90 37.56 19.48
N GLN B 151 6.83 37.36 18.16
CA GLN B 151 6.65 36.05 17.55
C GLN B 151 7.71 35.08 18.04
N PHE B 152 8.95 35.56 18.16
CA PHE B 152 10.08 34.73 18.60
C PHE B 152 10.07 34.31 20.10
N SER B 153 9.24 34.94 20.92
CA SER B 153 9.12 34.61 22.36
C SER B 153 7.69 34.37 22.87
N ASN B 154 6.66 34.64 22.08
CA ASN B 154 5.28 34.66 22.59
C ASN B 154 4.72 33.22 22.62
N LEU B 155 4.31 32.76 23.80
CA LEU B 155 3.70 31.42 23.95
C LEU B 155 2.40 31.18 23.17
N TYR B 156 1.67 32.26 22.89
CA TYR B 156 0.47 32.20 22.03
C TYR B 156 0.80 31.56 20.65
N ASN B 157 2.02 31.80 20.16
CA ASN B 157 2.51 31.25 18.92
C ASN B 157 2.54 29.70 18.96
N SER B 158 3.36 29.11 19.83
CA SER B 158 3.38 27.67 19.98
C SER B 158 2.01 27.12 20.33
N GLU B 159 1.27 27.83 21.18
CA GLU B 159 -0.07 27.40 21.55
C GLU B 159 -1.01 27.32 20.36
N ALA B 160 -0.90 28.30 19.45
CA ALA B 160 -1.73 28.31 18.21
C ALA B 160 -1.65 26.95 17.51
N HIS B 161 -0.44 26.41 17.42
CA HIS B 161 -0.19 25.17 16.72
C HIS B 161 -0.50 23.94 17.55
N TYR B 162 -0.41 24.07 18.89
CA TYR B 162 -0.94 23.03 19.77
C TYR B 162 -2.46 22.83 19.63
N TYR B 163 -3.23 23.94 19.64
CA TYR B 163 -4.72 23.90 19.59
C TYR B 163 -5.29 23.73 18.19
N GLY B 164 -4.56 24.22 17.19
CA GLY B 164 -4.98 24.16 15.78
C GLY B 164 -4.39 22.99 15.00
N ILE B 165 -3.34 23.28 14.24
CA ILE B 165 -2.78 22.31 13.25
C ILE B 165 -2.33 21.01 13.92
N GLY B 166 -1.73 21.11 15.11
CA GLY B 166 -1.36 19.91 15.87
C GLY B 166 -2.53 18.96 16.10
N LEU B 167 -3.65 19.52 16.52
CA LEU B 167 -4.82 18.69 16.82
C LEU B 167 -5.42 18.09 15.56
N GLU B 168 -5.42 18.87 14.47
CA GLU B 168 -5.82 18.37 13.17
C GLU B 168 -4.98 17.14 12.78
N ILE B 169 -3.66 17.24 13.03
CA ILE B 169 -2.76 16.15 12.71
C ILE B 169 -3.12 14.91 13.48
N VAL B 170 -3.26 15.04 14.78
CA VAL B 170 -3.58 13.85 15.60
C VAL B 170 -4.93 13.27 15.19
N ASN B 171 -5.94 14.12 14.96
CA ASN B 171 -7.24 13.62 14.57
C ASN B 171 -7.22 12.91 13.18
N GLU B 172 -6.47 13.42 12.24
CA GLU B 172 -6.60 12.85 10.92
C GLU B 172 -5.74 11.55 10.82
N MET B 173 -4.58 11.51 11.46
CA MET B 173 -3.83 10.25 11.57
C MET B 173 -4.61 9.16 12.35
N MLY B 174 -5.33 9.55 13.40
CA MLY B 174 -6.19 8.58 14.11
CB MLY B 174 -6.77 9.20 15.38
CG MLY B 174 -7.39 8.16 16.29
CD MLY B 174 -7.52 8.66 17.73
CE MLY B 174 -6.27 8.35 18.57
NZ MLY B 174 -5.47 9.58 18.79
C MLY B 174 -7.30 8.10 13.19
O MLY B 174 -7.59 6.92 13.20
N SER B 175 -7.91 8.93 12.34
CA SER B 175 -8.93 8.40 11.42
C SER B 175 -8.39 7.41 10.36
N LEU B 176 -7.09 7.44 10.12
CA LEU B 176 -6.45 6.40 9.32
C LEU B 176 -5.94 5.21 10.13
N ASN B 177 -6.15 5.21 11.45
CA ASN B 177 -5.57 4.16 12.35
C ASN B 177 -4.08 4.00 12.14
N LEU B 178 -3.39 5.13 12.06
CA LEU B 178 -1.95 5.13 12.02
C LEU B 178 -1.44 5.83 13.25
N ASN B 179 -0.58 5.15 13.98
CA ASN B 179 0.26 5.78 14.98
C ASN B 179 1.28 6.69 14.31
N ILE B 180 1.63 7.80 14.95
CA ILE B 180 2.67 8.71 14.47
C ILE B 180 3.99 8.35 15.14
N ASP B 181 4.99 8.00 14.33
CA ASP B 181 6.33 7.65 14.81
C ASP B 181 7.22 8.87 14.89
N GLY B 182 6.93 9.86 14.06
CA GLY B 182 7.67 11.10 14.14
C GLY B 182 7.09 12.26 13.34
N PHE B 183 7.61 13.43 13.65
CA PHE B 183 7.27 14.69 13.02
C PHE B 183 8.55 15.55 12.93
N VAL B 184 8.72 16.26 11.81
CA VAL B 184 9.84 17.15 11.56
C VAL B 184 9.29 18.48 11.07
N ALA B 185 9.86 19.59 11.55
CA ALA B 185 9.58 20.91 11.01
C ALA B 185 10.76 21.86 11.18
N GLY B 186 11.07 22.58 10.09
CA GLY B 186 11.99 23.71 10.12
C GLY B 186 11.56 24.73 11.18
N VAL B 187 12.56 25.32 11.84
CA VAL B 187 12.33 26.28 12.91
C VAL B 187 12.66 27.67 12.42
N GLY B 188 11.65 28.54 12.45
CA GLY B 188 11.82 29.98 12.35
C GLY B 188 11.62 30.61 13.71
N THR B 189 10.37 30.82 14.10
CA THR B 189 10.04 31.14 15.49
C THR B 189 10.11 29.89 16.39
N GLY B 190 9.92 28.72 15.81
CA GLY B 190 9.81 27.50 16.56
C GLY B 190 8.41 27.16 17.00
N GLY B 191 7.45 28.02 16.67
CA GLY B 191 6.10 27.82 17.13
C GLY B 191 5.51 26.55 16.55
N THR B 192 5.86 26.23 15.31
CA THR B 192 5.34 25.04 14.67
C THR B 192 5.82 23.74 15.34
N VAL B 193 7.13 23.57 15.46
CA VAL B 193 7.64 22.33 16.03
C VAL B 193 7.25 22.12 17.50
N MET B 194 7.32 23.18 18.30
CA MET B 194 6.98 23.13 19.73
C MET B 194 5.50 22.82 19.96
N GLY B 195 4.62 23.52 19.25
CA GLY B 195 3.19 23.34 19.43
C GLY B 195 2.68 22.00 18.97
N ILE B 196 3.10 21.59 17.75
CA ILE B 196 2.69 20.33 17.18
C ILE B 196 3.28 19.18 18.00
N GLY B 197 4.53 19.36 18.43
CA GLY B 197 5.23 18.35 19.25
C GLY B 197 4.56 18.09 20.58
N MLY B 198 4.22 19.17 21.27
CA MLY B 198 3.50 19.08 22.55
CB MLY B 198 3.13 20.48 23.03
CG MLY B 198 2.53 20.45 24.44
CD MLY B 198 2.04 21.83 24.88
CE MLY B 198 1.10 21.69 26.09
NZ MLY B 198 0.69 23.00 26.65
CH1 MLY B 198 1.79 23.62 27.42
CH2 MLY B 198 0.18 23.92 25.63
C MLY B 198 2.26 18.25 22.34
O MLY B 198 2.05 17.27 23.06
N ARG B 199 1.48 18.58 21.31
CA ARG B 199 0.25 17.83 20.98
C ARG B 199 0.49 16.39 20.61
N ILE B 200 1.47 16.15 19.74
CA ILE B 200 1.71 14.76 19.30
C ILE B 200 2.19 13.87 20.45
N MLY B 201 3.06 14.41 21.32
CA MLY B 201 3.67 13.62 22.41
CB MLY B 201 4.88 14.37 22.97
CG MLY B 201 6.09 14.22 22.06
CD MLY B 201 7.30 13.65 22.79
CE MLY B 201 8.32 14.73 23.09
NZ MLY B 201 9.49 14.13 23.74
C MLY B 201 2.68 13.34 23.51
O MLY B 201 2.89 12.41 24.28
N GLU B 202 1.62 14.13 23.64
CA GLU B 202 0.51 13.78 24.54
C GLU B 202 -0.21 12.53 24.08
N ASN B 203 -0.21 12.29 22.76
CA ASN B 203 -0.92 11.19 22.17
C ASN B 203 -0.03 10.00 21.80
N PHE B 204 1.26 10.24 21.53
CA PHE B 204 2.23 9.18 21.15
C PHE B 204 3.55 9.53 21.84
N SER B 205 3.70 9.04 23.08
CA SER B 205 4.78 9.47 23.97
C SER B 205 6.16 9.11 23.40
N ASN B 206 6.23 8.08 22.58
CA ASN B 206 7.43 7.73 21.86
C ASN B 206 7.70 8.42 20.49
N ALA B 207 6.81 9.33 20.07
CA ALA B 207 7.03 10.06 18.85
C ALA B 207 8.32 10.83 18.95
N MLY B 208 9.10 10.83 17.87
CA MLY B 208 10.28 11.71 17.74
CB MLY B 208 11.34 11.04 16.88
CG MLY B 208 11.85 9.74 17.51
CD MLY B 208 12.69 10.02 18.76
CE MLY B 208 13.42 8.76 19.22
NZ MLY B 208 13.40 8.70 20.69
C MLY B 208 9.88 13.03 17.12
O MLY B 208 9.38 13.05 15.99
N ILE B 209 10.07 14.13 17.83
CA ILE B 209 9.82 15.49 17.33
C ILE B 209 11.15 16.20 17.07
N CYS B 210 11.51 16.28 15.79
CA CYS B 210 12.82 16.75 15.38
C CYS B 210 12.71 18.12 14.73
N PRO B 211 13.37 19.14 15.32
CA PRO B 211 13.38 20.44 14.67
C PRO B 211 14.41 20.43 13.58
N LEU B 212 14.18 21.27 12.57
CA LEU B 212 15.02 21.26 11.40
C LEU B 212 15.70 22.59 11.24
N GLU B 213 16.95 22.55 10.78
CA GLU B 213 17.74 23.75 10.50
C GLU B 213 18.41 23.54 9.13
N PRO B 214 18.89 24.59 8.49
CA PRO B 214 19.76 24.44 7.32
C PRO B 214 21.20 24.07 7.72
N LEU B 215 21.76 23.07 7.04
CA LEU B 215 23.18 22.72 7.18
C LEU B 215 24.15 23.88 6.89
N ASN B 216 23.72 24.80 6.01
CA ASN B 216 24.45 26.05 5.66
C ASN B 216 24.45 27.10 6.79
N SER B 217 23.53 27.00 7.76
CA SER B 217 23.48 27.91 8.91
C SER B 217 22.79 27.22 10.07
N PRO B 218 23.55 26.39 10.79
CA PRO B 218 22.94 25.54 11.80
C PRO B 218 22.75 26.25 13.12
N THR B 219 21.72 27.09 13.18
CA THR B 219 21.43 27.91 14.34
C THR B 219 20.94 27.10 15.51
N LEU B 220 20.31 25.96 15.25
CA LEU B 220 19.90 25.07 16.35
C LEU B 220 21.09 24.27 16.97
N SER B 221 21.96 23.71 16.14
CA SER B 221 23.06 22.87 16.63
C SER B 221 24.24 23.66 17.20
N THR B 222 24.46 24.89 16.71
CA THR B 222 25.52 25.80 17.25
C THR B 222 25.03 26.98 18.13
N GLY B 223 23.76 27.34 18.05
CA GLY B 223 23.27 28.54 18.73
C GLY B 223 23.23 29.79 17.87
N TYR B 224 24.00 29.84 16.77
CA TYR B 224 24.29 31.12 16.10
C TYR B 224 23.82 31.21 14.64
N MLY B 225 23.43 32.44 14.26
CA MLY B 225 23.34 32.89 12.86
CB MLY B 225 22.74 34.29 12.79
CG MLY B 225 22.91 34.90 11.38
CD MLY B 225 21.62 35.57 10.90
CE MLY B 225 21.73 35.96 9.43
NZ MLY B 225 20.84 37.07 9.13
C MLY B 225 24.70 32.90 12.25
O MLY B 225 25.48 33.87 12.39
N VAL B 226 24.92 31.86 11.47
CA VAL B 226 26.22 31.53 10.93
C VAL B 226 26.39 32.12 9.53
N ALA B 227 25.40 31.94 8.68
CA ALA B 227 25.47 32.43 7.30
C ALA B 227 24.09 32.60 6.67
N MLY B 228 24.03 33.37 5.59
CA MLY B 228 22.80 33.47 4.79
CB MLY B 228 22.91 34.61 3.78
CG MLY B 228 23.05 35.96 4.49
CD MLY B 228 22.55 37.12 3.62
CE MLY B 228 23.48 38.33 3.70
NZ MLY B 228 22.80 39.48 4.31
C MLY B 228 22.57 32.15 4.07
O MLY B 228 23.52 31.43 3.78
N HIS B 229 21.31 31.78 3.87
CA HIS B 229 20.97 30.53 3.18
C HIS B 229 19.64 30.77 2.50
N ARG B 230 19.19 29.83 1.69
CA ARG B 230 18.05 30.09 0.80
C ARG B 230 16.75 29.44 1.26
N ILE B 231 16.74 28.85 2.46
CA ILE B 231 15.54 28.25 3.03
C ILE B 231 14.72 29.34 3.75
N GLU B 232 14.02 30.15 2.95
CA GLU B 232 13.25 31.27 3.46
C GLU B 232 12.24 30.82 4.53
N GLY B 233 12.19 31.59 5.61
CA GLY B 233 11.30 31.35 6.72
C GLY B 233 11.92 30.62 7.90
N ILE B 234 13.04 29.88 7.71
CA ILE B 234 13.70 29.22 8.85
C ILE B 234 15.10 29.77 9.14
N SER B 235 15.52 29.60 10.40
CA SER B 235 16.79 30.10 10.95
C SER B 235 17.36 31.37 10.27
N ASP B 236 16.78 32.50 10.62
CA ASP B 236 17.22 33.77 10.07
C ASP B 236 17.99 34.64 11.08
N GLU B 237 18.20 34.18 12.33
CA GLU B 237 18.65 35.10 13.39
C GLU B 237 19.42 34.54 14.61
N PHE B 238 18.84 33.58 15.33
CA PHE B 238 19.36 33.09 16.63
C PHE B 238 18.39 32.01 17.08
N ILE B 239 18.82 30.97 17.81
CA ILE B 239 17.81 30.03 18.38
C ILE B 239 16.79 30.92 19.07
N PRO B 240 15.52 30.91 18.64
CA PRO B 240 14.63 31.80 19.36
C PRO B 240 14.28 31.26 20.73
N ASP B 241 14.04 32.18 21.64
CA ASP B 241 13.57 31.92 22.99
C ASP B 241 12.47 30.83 23.07
N LEU B 242 11.52 30.83 22.13
CA LEU B 242 10.46 29.80 22.07
C LEU B 242 10.98 28.38 21.94
N VAL B 243 12.06 28.19 21.19
CA VAL B 243 12.57 26.86 21.00
C VAL B 243 13.27 26.36 22.26
N MLY B 244 12.83 25.19 22.73
CA MLY B 244 13.36 24.56 23.89
CB MLY B 244 12.25 24.47 24.94
CG MLY B 244 12.46 25.49 26.06
CD MLY B 244 12.26 26.93 25.59
CE MLY B 244 11.97 27.86 26.76
NZ MLY B 244 12.97 28.96 26.82
C MLY B 244 13.86 23.20 23.50
O MLY B 244 13.13 22.21 23.53
N LEU B 245 15.12 23.16 23.05
CA LEU B 245 15.75 21.96 22.46
C LEU B 245 15.71 20.70 23.32
N ASP B 246 15.94 20.90 24.62
CA ASP B 246 15.73 19.87 25.66
C ASP B 246 14.38 19.15 25.60
N MLY B 247 13.32 19.83 25.15
CA MLY B 247 11.96 19.22 25.04
CB MLY B 247 10.89 20.29 25.24
CG MLY B 247 10.54 20.48 26.71
CD MLY B 247 11.66 21.16 27.49
CE MLY B 247 11.12 22.08 28.59
NZ MLY B 247 12.13 23.08 28.96
C MLY B 247 11.77 18.55 23.70
O MLY B 247 10.76 17.88 23.48
N LEU B 248 12.72 18.68 22.77
CA LEU B 248 12.63 18.03 21.47
C LEU B 248 13.64 16.89 21.31
N ASP B 249 13.49 16.09 20.27
CA ASP B 249 14.45 15.06 19.96
C ASP B 249 15.50 15.69 19.06
N ASN B 250 16.33 14.90 18.41
CA ASN B 250 17.56 15.43 17.75
C ASN B 250 17.32 16.29 16.49
N VAL B 251 18.13 17.34 16.37
CA VAL B 251 18.16 18.27 15.27
C VAL B 251 18.42 17.56 13.95
N VAL B 252 17.61 17.84 12.92
CA VAL B 252 17.92 17.37 11.54
C VAL B 252 18.36 18.60 10.71
N SER B 253 19.39 18.38 9.89
CA SER B 253 20.05 19.43 9.13
C SER B 253 19.89 19.10 7.67
N VAL B 254 19.46 20.09 6.87
CA VAL B 254 19.30 19.88 5.41
C VAL B 254 20.01 20.99 4.66
N ASP B 255 20.72 20.63 3.60
CA ASP B 255 21.39 21.62 2.79
C ASP B 255 20.36 22.36 1.92
N ASP B 256 20.48 23.69 1.83
CA ASP B 256 19.48 24.50 1.12
C ASP B 256 19.27 24.11 -0.37
N GLY B 257 20.32 23.60 -1.02
CA GLY B 257 20.24 23.09 -2.40
C GLY B 257 19.35 21.87 -2.52
N ASP B 258 19.52 20.97 -1.57
CA ASP B 258 18.74 19.71 -1.43
C ASP B 258 17.24 20.04 -1.19
N ALA B 259 16.99 21.07 -0.37
CA ALA B 259 15.63 21.59 -0.16
C ALA B 259 15.07 22.14 -1.48
N ILE B 260 15.85 22.93 -2.19
CA ILE B 260 15.40 23.52 -3.45
C ILE B 260 15.04 22.44 -4.46
N VAL B 261 15.92 21.43 -4.62
CA VAL B 261 15.64 20.36 -5.56
C VAL B 261 14.37 19.61 -5.12
N MET B 262 14.25 19.34 -3.84
CA MET B 262 13.08 18.61 -3.37
C MET B 262 11.78 19.39 -3.65
N ALA B 263 11.79 20.69 -3.38
CA ALA B 263 10.66 21.60 -3.67
C ALA B 263 10.35 21.67 -5.18
N GLN B 264 11.42 21.64 -6.01
CA GLN B 264 11.24 21.55 -7.46
C GLN B 264 10.52 20.27 -7.83
N MLY B 265 10.94 19.14 -7.25
CA MLY B 265 10.32 17.85 -7.53
CB MLY B 265 11.06 16.74 -6.80
CG MLY B 265 12.25 16.26 -7.62
CD MLY B 265 13.06 15.19 -6.88
CE MLY B 265 14.46 15.05 -7.47
NZ MLY B 265 14.54 13.84 -8.32
CH1 MLY B 265 13.77 14.02 -9.55
CH2 MLY B 265 15.97 13.64 -8.67
C MLY B 265 8.88 17.87 -7.10
O MLY B 265 7.99 17.44 -7.85
N LEU B 266 8.61 18.38 -5.91
CA LEU B 266 7.24 18.52 -5.42
C LEU B 266 6.38 19.29 -6.42
N ALA B 267 6.84 20.44 -6.89
CA ALA B 267 6.04 21.20 -7.88
C ALA B 267 5.78 20.37 -9.15
N MLY B 268 6.76 19.60 -9.59
CA MLY B 268 6.58 18.77 -10.80
CB MLY B 268 7.94 18.22 -11.26
CG MLY B 268 8.72 19.23 -12.08
CD MLY B 268 9.98 18.60 -12.67
CE MLY B 268 11.00 19.64 -13.06
NZ MLY B 268 10.63 20.23 -14.36
C MLY B 268 5.64 17.62 -10.55
O MLY B 268 5.24 16.97 -11.50
N CYS B 269 5.25 17.29 -9.31
CA CYS B 269 4.13 16.35 -9.08
CA CYS B 269 4.16 16.35 -8.99
C CYS B 269 2.85 17.11 -8.68
N GLY B 270 2.77 18.39 -9.00
CA GLY B 270 1.51 19.18 -8.79
C GLY B 270 1.31 19.82 -7.42
N LEU B 271 2.37 19.84 -6.60
CA LEU B 271 2.38 20.48 -5.28
C LEU B 271 3.34 21.66 -5.27
N GLY B 272 2.80 22.83 -5.60
CA GLY B 272 3.57 24.05 -5.70
C GLY B 272 3.90 24.60 -4.32
N VAL B 273 5.10 24.35 -3.83
CA VAL B 273 5.48 24.68 -2.44
C VAL B 273 6.71 25.54 -2.33
N GLY B 274 6.83 26.16 -1.17
CA GLY B 274 8.00 26.95 -0.82
C GLY B 274 9.21 26.10 -0.51
N ILE B 275 10.37 26.77 -0.42
CA ILE B 275 11.64 26.11 -0.23
C ILE B 275 11.65 25.37 1.11
N SER B 276 11.13 25.98 2.17
CA SER B 276 11.02 25.31 3.48
C SER B 276 10.17 24.03 3.48
N SER B 277 9.21 23.96 2.55
CA SER B 277 8.48 22.70 2.39
C SER B 277 9.40 21.57 1.88
N GLY B 278 10.25 21.91 0.89
CA GLY B 278 11.16 20.92 0.32
C GLY B 278 12.13 20.46 1.40
N ALA B 279 12.56 21.40 2.24
CA ALA B 279 13.40 21.15 3.40
C ALA B 279 12.76 20.16 4.34
N ASN B 280 11.51 20.44 4.72
CA ASN B 280 10.72 19.53 5.58
C ASN B 280 10.55 18.13 5.01
N PHE B 281 10.36 18.01 3.71
CA PHE B 281 10.21 16.71 3.09
C PHE B 281 11.48 15.87 3.28
N ILE B 282 12.63 16.48 2.97
CA ILE B 282 13.94 15.86 3.10
C ILE B 282 14.14 15.53 4.57
N GLY B 283 13.86 16.50 5.44
CA GLY B 283 13.84 16.30 6.89
C GLY B 283 13.12 15.06 7.33
N ALA B 284 11.88 14.93 6.89
CA ALA B 284 11.05 13.83 7.28
C ALA B 284 11.62 12.47 6.81
N LEU B 285 12.26 12.47 5.63
CA LEU B 285 12.86 11.25 5.08
C LEU B 285 14.09 10.83 5.89
N MET B 286 14.91 11.82 6.24
CA MET B 286 16.01 11.58 7.18
C MET B 286 15.50 10.87 8.44
N LEU B 287 14.41 11.39 9.03
CA LEU B 287 13.91 10.81 10.27
C LEU B 287 13.39 9.42 10.04
N GLN B 288 12.66 9.22 8.95
CA GLN B 288 12.26 7.89 8.51
C GLN B 288 13.48 6.93 8.37
N ASN B 289 14.59 7.45 7.83
CA ASN B 289 15.83 6.66 7.65
C ASN B 289 16.44 6.19 8.99
N MLY B 290 16.29 6.98 10.08
CA MLY B 290 16.72 6.56 11.46
CB MLY B 290 16.77 7.77 12.40
CG MLY B 290 17.61 8.91 11.83
CD MLY B 290 18.14 9.83 12.93
CE MLY B 290 17.30 11.11 13.05
NZ MLY B 290 18.12 12.21 13.60
C MLY B 290 15.75 5.58 12.05
O MLY B 290 16.17 4.72 12.82
N LEU B 291 14.44 5.74 11.80
CA LEU B 291 13.44 4.95 12.49
C LEU B 291 13.01 3.64 11.85
N GLY B 292 13.22 3.47 10.54
CA GLY B 292 12.72 2.33 9.80
C GLY B 292 11.92 2.82 8.62
N MLY B 293 12.06 2.14 7.48
CA MLY B 293 11.52 2.58 6.19
CB MLY B 293 11.91 1.60 5.08
CG MLY B 293 11.33 0.21 5.29
CD MLY B 293 12.41 -0.85 5.24
CE MLY B 293 11.83 -2.27 5.34
NZ MLY B 293 12.59 -3.06 6.33
C MLY B 293 10.02 2.74 6.23
O MLY B 293 9.47 3.53 5.45
N ASP B 294 9.34 1.99 7.12
CA ASP B 294 7.88 1.91 7.17
C ASP B 294 7.30 2.74 8.35
N SER B 295 8.14 3.46 9.08
CA SER B 295 7.67 4.33 10.14
C SER B 295 6.79 5.48 9.55
N VAL B 296 5.86 5.96 10.37
CA VAL B 296 4.87 6.93 9.97
C VAL B 296 5.34 8.31 10.42
N ILE B 297 5.70 9.11 9.43
CA ILE B 297 6.33 10.41 9.69
C ILE B 297 5.47 11.50 9.05
N VAL B 298 5.22 12.56 9.82
CA VAL B 298 4.40 13.71 9.42
C VAL B 298 5.26 14.96 9.30
N THR B 299 4.97 15.78 8.29
CA THR B 299 5.51 17.12 8.31
C THR B 299 4.48 18.15 7.79
N VAL B 300 4.92 19.37 7.54
CA VAL B 300 4.09 20.43 6.99
C VAL B 300 4.78 21.12 5.83
N PHE B 301 3.98 21.60 4.89
CA PHE B 301 4.38 22.49 3.84
C PHE B 301 3.85 23.87 4.20
N PRO B 302 4.71 24.75 4.69
CA PRO B 302 4.18 26.00 5.26
C PRO B 302 3.60 27.05 4.31
N ASP B 303 4.05 27.05 3.06
CA ASP B 303 3.53 27.99 2.08
C ASP B 303 3.66 27.50 0.62
N ASP B 304 3.09 28.24 -0.32
CA ASP B 304 3.13 27.82 -1.73
C ASP B 304 4.36 28.46 -2.43
N ASN B 305 4.54 28.17 -3.71
CA ASN B 305 5.71 28.62 -4.42
C ASN B 305 5.59 30.03 -5.01
N MLY B 306 4.42 30.70 -4.87
CA MLY B 306 4.16 31.95 -5.65
CB MLY B 306 2.71 32.41 -5.52
CG MLY B 306 1.74 31.46 -6.21
CD MLY B 306 0.33 32.05 -6.24
CE MLY B 306 -0.67 31.13 -6.93
NZ MLY B 306 -0.74 29.83 -6.25
C MLY B 306 5.07 33.06 -5.19
O MLY B 306 5.34 33.91 -6.01
N MLY B 307 5.57 33.11 -3.94
CA MLY B 307 6.47 34.23 -3.54
CB MLY B 307 6.39 34.49 -2.04
CG MLY B 307 4.99 34.93 -1.62
CD MLY B 307 4.95 35.28 -0.13
CE MLY B 307 5.45 34.12 0.74
NZ MLY B 307 4.53 32.98 0.67
C MLY B 307 7.91 33.91 -3.88
O MLY B 307 8.77 34.67 -3.50
N TYR B 308 8.21 32.80 -4.54
CA TYR B 308 9.60 32.37 -4.71
C TYR B 308 9.95 32.27 -6.17
N LEU B 309 9.24 33.03 -7.04
CA LEU B 309 9.39 32.88 -8.50
C LEU B 309 10.64 33.58 -9.07
N SER B 310 11.40 34.32 -8.29
CA SER B 310 12.69 34.78 -8.75
C SER B 310 13.81 34.25 -7.87
N THR B 311 13.56 33.20 -7.09
CA THR B 311 14.60 32.58 -6.29
C THR B 311 15.25 31.41 -7.05
N ASP B 312 16.21 30.75 -6.43
CA ASP B 312 16.82 29.57 -7.05
C ASP B 312 15.87 28.37 -7.24
N LEU B 313 14.71 28.43 -6.59
CA LEU B 313 13.63 27.48 -6.90
C LEU B 313 13.41 27.38 -8.41
N MET B 314 13.66 28.47 -9.16
CA MET B 314 13.49 28.48 -10.63
C MET B 314 14.71 28.06 -11.47
N ARG B 315 15.83 27.75 -10.85
CA ARG B 315 17.07 27.46 -11.57
C ARG B 315 17.56 26.04 -11.28
N GLU B 316 18.36 25.51 -12.20
CA GLU B 316 19.00 24.21 -12.01
C GLU B 316 20.03 24.27 -10.89
N GLU B 317 19.87 23.40 -9.88
CA GLU B 317 20.80 23.33 -8.73
C GLU B 317 21.87 22.27 -8.93
N MLY B 318 23.12 22.60 -8.62
CA MLY B 318 24.14 21.56 -8.64
CB MLY B 318 25.53 22.17 -8.43
CG MLY B 318 26.63 21.12 -8.30
CD MLY B 318 26.77 20.24 -9.55
CE MLY B 318 27.54 20.94 -10.66
NZ MLY B 318 28.97 20.71 -10.48
C MLY B 318 23.83 20.54 -7.59
O MLY B 318 23.54 20.88 -6.44
N VAL B 319 23.84 19.28 -8.01
CA VAL B 319 23.53 18.13 -7.17
C VAL B 319 24.83 17.70 -6.47
N MLY B 320 24.88 17.73 -5.14
CA MLY B 320 26.09 17.38 -4.38
CB MLY B 320 26.31 18.37 -3.25
CG MLY B 320 26.32 19.81 -3.77
CD MLY B 320 27.34 20.68 -3.04
CE MLY B 320 26.83 21.07 -1.65
NZ MLY B 320 27.98 21.16 -0.73
C MLY B 320 25.95 15.99 -3.83
O MLY B 320 24.86 15.40 -3.79
N GLU B 321 27.09 15.48 -3.39
CA GLU B 321 27.24 14.10 -2.98
C GLU B 321 26.21 13.64 -1.97
N ASP B 322 26.04 14.46 -0.94
CA ASP B 322 25.21 14.11 0.21
C ASP B 322 23.69 14.43 0.03
N PHE B 323 23.25 15.03 -1.07
CA PHE B 323 21.79 15.34 -1.21
C PHE B 323 20.96 14.06 -1.15
N LEU B 324 19.89 14.05 -0.35
CA LEU B 324 18.95 12.92 -0.42
C LEU B 324 18.11 13.01 -1.71
N SER B 325 17.84 14.23 -2.15
CA SER B 325 16.88 14.43 -3.24
C SER B 325 17.28 13.79 -4.55
N MLY B 326 18.58 13.66 -4.82
CA MLY B 326 19.04 13.00 -6.07
CB MLY B 326 20.56 13.09 -6.21
CG MLY B 326 21.30 12.09 -5.31
CD MLY B 326 22.79 12.41 -5.23
CE MLY B 326 23.63 11.14 -5.29
NZ MLY B 326 23.38 10.33 -4.08
C MLY B 326 18.58 11.56 -6.12
O MLY B 326 18.32 11.07 -7.20
N ASP B 327 18.40 10.86 -4.99
CA ASP B 327 17.84 9.48 -5.00
C ASP B 327 16.31 9.34 -4.78
N ILE B 328 15.56 10.43 -4.91
CA ILE B 328 14.11 10.44 -4.67
C ILE B 328 13.36 10.57 -5.98
N THR B 329 12.43 9.66 -6.23
CA THR B 329 11.46 9.81 -7.31
C THR B 329 10.04 9.79 -6.72
N LEU B 330 9.27 10.89 -6.89
CA LEU B 330 7.89 10.95 -6.43
C LEU B 330 7.02 10.07 -7.33
N MLY B 331 6.10 9.33 -6.73
CA MLY B 331 5.26 8.41 -7.46
CB MLY B 331 5.32 7.04 -6.81
CG MLY B 331 6.71 6.43 -6.94
CD MLY B 331 6.98 5.95 -8.38
CE MLY B 331 6.82 4.44 -8.50
NZ MLY B 331 7.98 3.87 -9.21
C MLY B 331 3.85 8.90 -7.51
O MLY B 331 3.31 9.03 -8.62
N GLU B 332 3.21 9.13 -6.35
CA GLU B 332 1.79 9.55 -6.34
C GLU B 332 1.34 10.21 -5.02
N ILE B 333 0.29 11.01 -5.13
CA ILE B 333 -0.53 11.37 -4.02
C ILE B 333 -1.50 10.18 -3.85
N MLY B 334 -1.29 9.38 -2.81
CA MLY B 334 -2.02 8.14 -2.53
CB MLY B 334 -1.10 7.21 -1.73
CG MLY B 334 -1.81 5.96 -1.20
CD MLY B 334 -2.36 5.10 -2.33
CE MLY B 334 -2.94 3.80 -1.79
NZ MLY B 334 -3.43 2.99 -2.91
C MLY B 334 -3.29 8.43 -1.77
O MLY B 334 -4.22 7.63 -1.80
N ASN B 335 -3.39 9.57 -1.09
CA ASN B 335 -4.63 9.87 -0.30
C ASN B 335 -4.58 11.33 0.07
N VAL B 336 -5.78 11.88 0.28
CA VAL B 336 -5.97 13.26 0.75
C VAL B 336 -7.18 13.29 1.73
N LEU B 337 -6.94 13.79 2.93
CA LEU B 337 -7.93 13.92 3.98
C LEU B 337 -8.21 15.37 4.25
N ARG B 338 -9.49 15.73 4.34
CA ARG B 338 -9.90 17.09 4.64
C ARG B 338 -11.07 16.98 5.63
N VAL B 339 -10.86 17.41 6.87
CA VAL B 339 -11.83 17.25 7.96
C VAL B 339 -12.43 18.58 8.45
N MLY C 8 13.99 -7.35 9.45
CA MLY C 8 12.53 -7.53 9.64
CB MLY C 8 11.77 -6.93 8.45
CG MLY C 8 10.35 -6.50 8.84
CD MLY C 8 10.34 -5.19 9.61
CE MLY C 8 9.35 -5.25 10.78
NZ MLY C 8 9.95 -5.97 11.91
C MLY C 8 12.21 -9.00 9.80
O MLY C 8 12.91 -9.92 9.26
N MLY C 9 11.18 -9.21 10.62
CA MLY C 9 10.45 -10.47 10.82
CB MLY C 9 9.23 -10.17 11.70
CG MLY C 9 8.27 -11.34 11.80
CD MLY C 9 7.19 -11.06 12.84
CE MLY C 9 7.67 -11.43 14.24
NZ MLY C 9 7.10 -12.71 14.64
C MLY C 9 9.99 -11.06 9.51
O MLY C 9 10.06 -12.27 9.29
N MET C 10 9.48 -10.18 8.66
CA MET C 10 8.93 -10.52 7.37
C MET C 10 9.99 -10.97 6.39
N MLY C 11 11.17 -10.39 6.49
CA MLY C 11 12.26 -10.88 5.71
CB MLY C 11 13.51 -10.07 6.00
CG MLY C 11 14.60 -10.34 4.96
CD MLY C 11 14.38 -9.50 3.71
CE MLY C 11 15.58 -9.58 2.77
NZ MLY C 11 15.41 -10.71 1.85
C MLY C 11 12.48 -12.34 6.02
O MLY C 11 12.61 -13.12 5.08
N TYR C 12 12.48 -12.78 7.27
CA TYR C 12 12.73 -14.22 7.47
C TYR C 12 11.50 -15.12 7.26
N LEU C 13 10.28 -14.64 7.48
CA LEU C 13 9.12 -15.52 7.31
C LEU C 13 8.90 -15.89 5.82
N GLU C 14 9.44 -15.05 4.92
CA GLU C 14 9.45 -15.31 3.47
C GLU C 14 10.10 -16.66 3.11
N ASN C 15 10.98 -17.15 3.97
CA ASN C 15 11.63 -18.44 3.77
C ASN C 15 10.72 -19.64 4.01
N LEU C 16 9.49 -19.40 4.49
CA LEU C 16 8.47 -20.43 4.56
C LEU C 16 7.60 -20.60 3.31
N VAL C 17 7.78 -19.74 2.30
CA VAL C 17 6.91 -19.80 1.09
C VAL C 17 7.72 -19.67 -0.18
N GLY C 18 7.19 -20.17 -1.28
CA GLY C 18 7.86 -20.02 -2.55
C GLY C 18 9.09 -20.85 -2.73
N MLY C 19 9.82 -20.49 -3.79
CA MLY C 19 11.05 -21.18 -4.33
CB MLY C 19 12.23 -21.01 -3.39
CG MLY C 19 12.40 -19.56 -2.97
CD MLY C 19 13.15 -18.74 -4.01
CE MLY C 19 13.71 -17.46 -3.43
NZ MLY C 19 12.94 -16.29 -3.93
C MLY C 19 10.76 -22.64 -4.56
O MLY C 19 11.53 -23.52 -4.16
N THR C 20 9.62 -22.91 -5.19
CA THR C 20 9.20 -24.26 -5.44
C THR C 20 9.88 -24.86 -6.71
N PRO C 21 9.76 -26.16 -6.89
CA PRO C 21 10.33 -26.80 -8.14
C PRO C 21 9.51 -26.44 -9.40
N MET C 22 10.20 -26.20 -10.50
CA MET C 22 9.56 -26.17 -11.83
C MET C 22 9.89 -27.51 -12.49
N LEU C 23 8.88 -28.22 -12.97
CA LEU C 23 9.04 -29.55 -13.54
C LEU C 23 8.83 -29.44 -15.06
N GLU C 24 9.63 -30.17 -15.79
CA GLU C 24 9.43 -30.36 -17.22
C GLU C 24 8.89 -31.75 -17.40
N LEU C 25 7.62 -31.84 -17.80
CA LEU C 25 6.91 -33.11 -17.97
C LEU C 25 6.79 -33.46 -19.48
N ILE C 26 7.13 -34.69 -19.82
CA ILE C 26 7.06 -35.18 -21.22
C ILE C 26 5.93 -36.19 -21.20
N PHE C 27 5.10 -36.13 -22.22
CA PHE C 27 4.05 -37.09 -22.37
C PHE C 27 3.73 -37.39 -23.83
N ASP C 28 3.06 -38.51 -24.04
CA ASP C 28 2.45 -38.84 -25.32
C ASP C 28 0.97 -38.36 -25.37
N TYR C 29 0.61 -37.62 -26.44
CA TYR C 29 -0.78 -37.24 -26.76
C TYR C 29 -1.16 -37.68 -28.23
N MLY C 30 -2.08 -38.64 -28.35
CA MLY C 30 -2.50 -39.22 -29.65
CB MLY C 30 -3.32 -38.22 -30.46
CG MLY C 30 -4.65 -37.90 -29.79
CD MLY C 30 -5.72 -37.52 -30.83
CE MLY C 30 -6.69 -36.51 -30.25
NZ MLY C 30 -7.85 -36.34 -31.13
C MLY C 30 -1.27 -39.61 -30.43
O MLY C 30 -1.08 -39.14 -31.54
N GLY C 31 -0.35 -40.30 -29.78
CA GLY C 31 0.93 -40.70 -30.37
C GLY C 31 1.98 -39.63 -30.60
N GLU C 32 1.70 -38.35 -30.33
CA GLU C 32 2.73 -37.28 -30.42
C GLU C 32 3.44 -37.08 -29.07
N GLU C 33 4.74 -36.83 -29.09
CA GLU C 33 5.45 -36.46 -27.88
C GLU C 33 5.27 -34.96 -27.62
N ARG C 34 4.93 -34.64 -26.37
CA ARG C 34 4.71 -33.26 -25.91
C ARG C 34 5.44 -32.96 -24.59
N ARG C 35 5.54 -31.66 -24.31
CA ARG C 35 6.27 -31.11 -23.18
C ARG C 35 5.45 -29.95 -22.57
N ILE C 36 5.25 -29.96 -21.24
CA ILE C 36 4.55 -28.88 -20.48
C ILE C 36 5.41 -28.57 -19.24
N PHE C 37 5.52 -27.29 -18.87
CA PHE C 37 6.28 -26.87 -17.68
C PHE C 37 5.31 -26.51 -16.54
N VAL C 38 5.60 -26.98 -15.30
CA VAL C 38 4.69 -26.82 -14.21
C VAL C 38 5.39 -26.52 -12.93
N MLY C 39 4.83 -25.56 -12.20
CA MLY C 39 5.29 -25.24 -10.87
CB MLY C 39 5.00 -23.77 -10.56
CG MLY C 39 5.95 -22.85 -11.31
CD MLY C 39 7.37 -22.94 -10.74
CE MLY C 39 7.60 -21.94 -9.60
NZ MLY C 39 8.99 -22.07 -9.16
C MLY C 39 4.57 -26.10 -9.87
O MLY C 39 3.35 -26.15 -9.92
N ASN C 40 5.30 -26.78 -9.00
CA ASN C 40 4.77 -27.68 -7.95
C ASN C 40 4.64 -26.91 -6.60
N GLU C 41 3.42 -26.45 -6.33
CA GLU C 41 3.16 -25.54 -5.16
C GLU C 41 2.80 -26.18 -3.84
N SER C 42 2.94 -27.49 -3.76
CA SER C 42 2.84 -28.18 -2.48
C SER C 42 4.02 -27.92 -1.54
N TYR C 43 5.11 -27.43 -2.09
CA TYR C 43 6.31 -27.17 -1.32
C TYR C 43 6.22 -25.77 -0.60
N ASN C 44 5.28 -25.62 0.29
CA ASN C 44 4.87 -24.33 0.86
C ASN C 44 4.38 -24.70 2.28
N LEU C 45 4.37 -23.71 3.16
CA LEU C 45 4.00 -23.90 4.62
C LEU C 45 2.84 -24.83 4.91
N THR C 46 1.69 -24.57 4.26
CA THR C 46 0.52 -25.42 4.41
C THR C 46 0.17 -26.24 3.19
N GLY C 47 1.07 -26.26 2.19
CA GLY C 47 0.97 -27.13 1.05
C GLY C 47 0.27 -26.59 -0.19
N SER C 48 0.20 -25.27 -0.36
CA SER C 48 -0.51 -24.67 -1.48
C SER C 48 0.06 -23.35 -1.91
N ILE C 49 -0.19 -23.03 -3.19
CA ILE C 49 0.16 -21.73 -3.75
C ILE C 49 -0.45 -20.56 -2.92
N LYS C 50 -1.51 -20.83 -2.21
CA LYS C 50 -2.17 -19.75 -1.43
C LYS C 50 -1.31 -19.25 -0.27
N ASP C 51 -0.36 -20.06 0.23
CA ASP C 51 0.62 -19.59 1.24
C ASP C 51 1.40 -18.35 0.78
N ARG C 52 1.78 -18.31 -0.52
CA ARG C 52 2.49 -17.19 -1.11
C ARG C 52 1.64 -15.94 -1.00
N MET C 53 0.35 -16.08 -1.30
CA MET C 53 -0.58 -14.97 -1.33
C MET C 53 -0.93 -14.47 0.10
N ALA C 54 -1.19 -15.39 1.02
CA ALA C 54 -1.52 -15.03 2.42
C ALA C 54 -0.31 -14.30 3.06
N PHE C 55 0.90 -14.82 2.83
CA PHE C 55 2.13 -14.19 3.38
C PHE C 55 2.34 -12.79 2.84
N TYR C 56 2.32 -12.68 1.52
CA TYR C 56 2.48 -11.40 0.90
C TYR C 56 1.43 -10.37 1.36
N THR C 57 0.17 -10.78 1.46
CA THR C 57 -0.92 -9.89 1.81
C THR C 57 -0.72 -9.36 3.23
N LEU C 58 -0.43 -10.26 4.17
CA LEU C 58 -0.16 -9.85 5.53
C LEU C 58 1.11 -9.04 5.71
N MLY C 59 2.16 -9.41 5.01
CA MLY C 59 3.39 -8.64 4.99
CB MLY C 59 4.39 -9.30 4.06
CG MLY C 59 5.58 -8.40 3.75
CD MLY C 59 6.67 -9.19 3.01
CE MLY C 59 7.72 -8.26 2.42
NZ MLY C 59 8.85 -9.07 1.92
C MLY C 59 3.12 -7.22 4.54
O MLY C 59 3.54 -6.27 5.22
N MLY C 60 2.36 -7.06 3.46
CA MLY C 60 2.15 -5.74 2.94
CB MLY C 60 1.58 -5.81 1.54
CG MLY C 60 1.59 -4.42 0.90
CD MLY C 60 1.53 -4.50 -0.62
CE MLY C 60 1.48 -3.09 -1.20
NZ MLY C 60 1.59 -3.14 -2.67
C MLY C 60 1.25 -4.95 3.87
O MLY C 60 1.49 -3.77 4.12
N ALA C 61 0.23 -5.58 4.45
CA ALA C 61 -0.60 -4.93 5.47
C ALA C 61 0.14 -4.45 6.76
N TYR C 62 1.09 -5.22 7.23
CA TYR C 62 1.95 -4.87 8.37
C TYR C 62 2.82 -3.73 7.94
N GLU C 63 3.34 -3.80 6.71
CA GLU C 63 4.05 -2.67 6.09
C GLU C 63 3.30 -1.34 6.13
N MLY C 64 2.03 -1.34 5.75
CA MLY C 64 1.22 -0.08 5.62
CB MLY C 64 0.30 -0.20 4.40
CG MLY C 64 1.07 -0.47 3.12
CD MLY C 64 1.76 0.78 2.57
CE MLY C 64 2.58 0.43 1.32
NZ MLY C 64 3.68 1.42 1.15
C MLY C 64 0.41 0.18 6.86
O MLY C 64 -0.42 1.09 6.87
N ASN C 65 0.67 -0.56 7.95
CA ASN C 65 -0.05 -0.42 9.22
C ASN C 65 -1.56 -0.45 8.96
N GLU C 66 -2.00 -1.50 8.26
CA GLU C 66 -3.40 -1.71 7.86
C GLU C 66 -4.03 -2.79 8.70
N ILE C 67 -3.28 -3.31 9.69
CA ILE C 67 -3.79 -4.37 10.57
C ILE C 67 -3.09 -4.13 11.90
N MLY C 68 -3.86 -4.08 12.98
CA MLY C 68 -3.26 -3.85 14.28
CB MLY C 68 -4.20 -3.03 15.15
CG MLY C 68 -4.45 -1.65 14.54
CD MLY C 68 -5.16 -0.71 15.50
CE MLY C 68 -6.67 -0.85 15.40
NZ MLY C 68 -7.24 0.27 14.63
C MLY C 68 -2.96 -5.17 14.92
O MLY C 68 -3.59 -6.18 14.59
N MLY C 69 -1.99 -5.19 15.82
CA MLY C 69 -1.62 -6.38 16.63
CB MLY C 69 -0.68 -5.95 17.75
CG MLY C 69 -0.10 -7.16 18.49
CD MLY C 69 -0.15 -6.97 20.01
CE MLY C 69 1.13 -7.46 20.68
NZ MLY C 69 1.02 -7.30 22.14
C MLY C 69 -2.87 -6.99 17.21
O MLY C 69 -3.73 -6.28 17.70
N GLY C 70 -3.03 -8.32 17.08
CA GLY C 70 -4.17 -9.02 17.67
C GLY C 70 -5.52 -8.83 16.97
N ALA C 71 -5.59 -7.99 15.92
CA ALA C 71 -6.82 -7.81 15.13
C ALA C 71 -7.25 -9.12 14.38
N PRO C 72 -8.57 -9.36 14.32
CA PRO C 72 -9.04 -10.61 13.76
C PRO C 72 -8.91 -10.57 12.22
N ILE C 73 -8.49 -11.71 11.63
CA ILE C 73 -8.41 -11.85 10.18
C ILE C 73 -9.63 -12.65 9.76
N VAL C 74 -10.45 -12.07 8.88
CA VAL C 74 -11.71 -12.69 8.52
C VAL C 74 -11.86 -12.80 6.98
N GLU C 75 -12.05 -14.03 6.52
CA GLU C 75 -12.03 -14.31 5.10
C GLU C 75 -13.08 -15.33 4.70
N ALA C 76 -13.52 -15.22 3.44
CA ALA C 76 -14.37 -16.24 2.84
C ALA C 76 -13.44 -17.03 1.91
N THR C 77 -13.64 -18.32 1.86
CA THR C 77 -12.61 -19.21 1.20
C THR C 77 -13.24 -20.44 0.57
N SER C 78 -12.53 -21.02 -0.43
CA SER C 78 -12.83 -22.41 -0.89
C SER C 78 -12.08 -23.53 -0.13
N GLY C 79 -11.17 -23.15 0.79
CA GLY C 79 -10.31 -24.09 1.49
C GLY C 79 -8.87 -23.62 1.63
N ASN C 80 -8.07 -23.68 0.55
CA ASN C 80 -6.65 -23.35 0.69
C ASN C 80 -6.38 -21.93 1.24
N THR C 81 -7.13 -20.93 0.85
CA THR C 81 -6.86 -19.59 1.32
C THR C 81 -7.11 -19.48 2.87
N GLY C 82 -8.15 -20.16 3.36
CA GLY C 82 -8.44 -20.32 4.77
C GLY C 82 -7.35 -20.96 5.56
N ILE C 83 -6.83 -22.08 5.04
CA ILE C 83 -5.76 -22.78 5.63
C ILE C 83 -4.57 -21.84 5.72
N ALA C 84 -4.21 -21.21 4.59
CA ALA C 84 -3.06 -20.30 4.54
C ALA C 84 -3.10 -19.09 5.52
N PHE C 85 -4.25 -18.41 5.54
CA PHE C 85 -4.50 -17.29 6.44
C PHE C 85 -4.62 -17.79 7.92
N SER C 86 -5.20 -18.96 8.16
CA SER C 86 -5.21 -19.52 9.54
C SER C 86 -3.78 -19.76 10.05
N ALA C 87 -2.94 -20.36 9.22
CA ALA C 87 -1.59 -20.69 9.68
C ALA C 87 -0.72 -19.42 9.83
N MET C 88 -0.74 -18.54 8.85
CA MET C 88 0.08 -17.34 8.88
C MET C 88 -0.47 -16.27 9.86
N GLY C 89 -1.79 -16.22 9.99
CA GLY C 89 -2.43 -15.42 11.02
C GLY C 89 -1.97 -15.83 12.42
N ALA C 90 -1.98 -17.13 12.71
CA ALA C 90 -1.53 -17.65 13.99
C ALA C 90 -0.07 -17.29 14.23
N ILE C 91 0.77 -17.47 13.22
CA ILE C 91 2.19 -17.13 13.35
C ILE C 91 2.34 -15.65 13.76
N LEU C 92 1.54 -14.77 13.16
CA LEU C 92 1.68 -13.33 13.40
C LEU C 92 0.87 -12.80 14.62
N GLY C 93 0.20 -13.67 15.36
CA GLY C 93 -0.50 -13.31 16.60
C GLY C 93 -1.93 -12.89 16.40
N HIS C 94 -2.59 -13.44 15.38
CA HIS C 94 -3.97 -13.02 15.08
C HIS C 94 -5.00 -14.10 15.25
N PRO C 95 -6.14 -13.78 15.88
CA PRO C 95 -7.29 -14.67 15.70
C PRO C 95 -7.77 -14.64 14.21
N VAL C 96 -8.27 -15.78 13.74
CA VAL C 96 -8.71 -15.92 12.36
C VAL C 96 -10.10 -16.50 12.41
N ILE C 97 -10.94 -15.91 11.62
CA ILE C 97 -12.29 -16.35 11.48
C ILE C 97 -12.59 -16.62 9.99
N ILE C 98 -13.03 -17.84 9.71
CA ILE C 98 -13.16 -18.24 8.32
C ILE C 98 -14.62 -18.56 8.00
N TYR C 99 -15.08 -17.99 6.87
CA TYR C 99 -16.34 -18.46 6.25
C TYR C 99 -16.09 -19.27 4.94
N MET C 100 -16.70 -20.44 4.90
CA MET C 100 -16.47 -21.40 3.78
C MET C 100 -17.79 -22.11 3.42
N PRO C 101 -18.02 -22.32 2.10
CA PRO C 101 -19.22 -23.10 1.74
C PRO C 101 -19.12 -24.55 2.23
N ASP C 102 -20.29 -25.11 2.59
CA ASP C 102 -20.32 -26.41 3.31
C ASP C 102 -20.00 -27.68 2.46
N TRP C 103 -19.85 -27.50 1.14
CA TRP C 103 -19.62 -28.61 0.19
C TRP C 103 -18.14 -28.89 -0.11
N MET C 104 -17.25 -28.03 0.40
CA MET C 104 -15.79 -28.19 0.18
C MET C 104 -15.32 -29.46 0.92
N SER C 105 -14.24 -30.07 0.44
CA SER C 105 -13.65 -31.26 1.13
C SER C 105 -13.54 -31.07 2.68
N GLU C 106 -14.10 -32.01 3.45
CA GLU C 106 -13.96 -32.10 4.91
C GLU C 106 -12.53 -31.81 5.43
N GLU C 107 -11.51 -32.29 4.73
CA GLU C 107 -10.09 -32.03 5.07
C GLU C 107 -9.83 -30.53 5.29
N ARG C 108 -10.46 -29.69 4.49
CA ARG C 108 -10.34 -28.22 4.62
C ARG C 108 -10.84 -27.71 6.01
N MLY C 109 -12.00 -28.22 6.45
CA MLY C 109 -12.61 -27.89 7.77
CB MLY C 109 -13.93 -28.64 7.92
CG MLY C 109 -14.79 -28.04 9.03
CD MLY C 109 -15.65 -29.10 9.71
CE MLY C 109 -17.09 -29.02 9.22
NZ MLY C 109 -17.95 -29.90 10.03
C MLY C 109 -11.69 -28.29 8.89
O MLY C 109 -11.40 -27.47 9.80
N SER C 110 -11.27 -29.56 8.90
CA SER C 110 -10.49 -30.16 10.02
C SER C 110 -9.20 -29.40 10.16
N LEU C 111 -8.58 -29.17 8.99
CA LEU C 111 -7.32 -28.45 8.90
C LEU C 111 -7.45 -27.07 9.35
N ILE C 112 -8.51 -26.37 8.92
CA ILE C 112 -8.67 -24.97 9.30
C ILE C 112 -8.79 -24.86 10.82
N ARG C 113 -9.54 -25.78 11.42
CA ARG C 113 -9.68 -25.86 12.90
C ARG C 113 -8.34 -26.14 13.51
N SER C 114 -7.56 -27.09 12.92
CA SER C 114 -6.27 -27.50 13.47
C SER C 114 -5.36 -26.26 13.66
N PHE C 115 -5.51 -25.26 12.78
CA PHE C 115 -4.65 -24.06 12.81
C PHE C 115 -5.18 -22.95 13.75
N GLY C 116 -6.21 -23.28 14.51
CA GLY C 116 -6.72 -22.43 15.59
C GLY C 116 -7.85 -21.50 15.14
N ALA C 117 -8.24 -21.50 13.86
CA ALA C 117 -9.29 -20.60 13.40
C ALA C 117 -10.65 -21.07 13.82
N MLY C 118 -11.56 -20.10 13.98
CA MLY C 118 -12.99 -20.38 14.08
CB MLY C 118 -13.70 -19.25 14.83
CG MLY C 118 -13.01 -18.95 16.17
CD MLY C 118 -12.90 -20.19 17.05
CE MLY C 118 -12.22 -19.86 18.38
NZ MLY C 118 -13.08 -18.98 19.17
C MLY C 118 -13.56 -20.50 12.69
O MLY C 118 -13.30 -19.63 11.86
N ILE C 119 -14.25 -21.60 12.39
CA ILE C 119 -14.54 -21.93 10.96
C ILE C 119 -16.01 -22.12 10.81
N ILE C 120 -16.64 -21.21 10.04
CA ILE C 120 -18.09 -21.21 9.84
C ILE C 120 -18.44 -21.62 8.43
N LEU C 121 -19.21 -22.71 8.38
CA LEU C 121 -19.70 -23.27 7.14
C LEU C 121 -20.99 -22.61 6.71
N VAL C 122 -21.04 -22.38 5.40
CA VAL C 122 -22.16 -21.63 4.80
C VAL C 122 -22.89 -22.53 3.80
N SER C 123 -24.22 -22.64 3.98
CA SER C 123 -25.06 -23.44 3.06
C SER C 123 -25.29 -22.74 1.71
N ARG C 124 -25.74 -23.54 0.73
CA ARG C 124 -26.33 -22.99 -0.51
C ARG C 124 -27.47 -22.01 -0.21
N MLY C 125 -28.32 -22.37 0.77
CA MLY C 125 -29.44 -21.53 1.28
CB MLY C 125 -30.13 -22.23 2.45
CG MLY C 125 -31.14 -23.27 1.95
CD MLY C 125 -32.55 -22.70 1.92
CE MLY C 125 -33.40 -23.39 0.85
NZ MLY C 125 -34.42 -22.46 0.35
C MLY C 125 -28.94 -20.19 1.73
O MLY C 125 -29.49 -19.16 1.36
N GLU C 126 -27.89 -20.18 2.55
CA GLU C 126 -27.38 -18.94 3.08
C GLU C 126 -26.48 -18.22 2.07
N GLY C 127 -26.19 -18.84 0.91
CA GLY C 127 -25.63 -18.14 -0.27
C GLY C 127 -24.21 -18.50 -0.63
N GLY C 128 -23.73 -19.65 -0.15
CA GLY C 128 -22.42 -20.21 -0.55
C GLY C 128 -21.30 -19.19 -0.53
N PHE C 129 -20.54 -19.08 -1.61
CA PHE C 129 -19.44 -18.12 -1.63
C PHE C 129 -19.86 -16.64 -1.45
N LEU C 130 -20.90 -16.20 -2.17
CA LEU C 130 -21.33 -14.82 -2.08
C LEU C 130 -21.86 -14.54 -0.66
N GLY C 131 -22.54 -15.53 -0.06
CA GLY C 131 -23.10 -15.40 1.25
C GLY C 131 -22.03 -15.40 2.32
N SER C 132 -20.98 -16.17 2.05
CA SER C 132 -19.81 -16.22 2.87
C SER C 132 -19.11 -14.93 2.84
N ILE C 133 -18.96 -14.38 1.66
CA ILE C 133 -18.35 -13.07 1.51
C ILE C 133 -19.17 -12.00 2.31
N GLU C 134 -20.50 -12.09 2.22
CA GLU C 134 -21.40 -11.13 2.90
C GLU C 134 -21.27 -11.16 4.42
N MLY C 135 -21.21 -12.34 5.03
CA MLY C 135 -20.96 -12.48 6.48
CB MLY C 135 -21.06 -13.93 6.92
CG MLY C 135 -22.50 -14.44 6.81
CD MLY C 135 -22.89 -15.32 8.00
CE MLY C 135 -23.86 -16.42 7.60
NZ MLY C 135 -25.19 -16.15 8.14
C MLY C 135 -19.59 -11.93 6.82
O MLY C 135 -19.46 -11.33 7.87
N THR C 136 -18.56 -12.03 6.00
CA THR C 136 -17.28 -11.35 6.36
C THR C 136 -17.46 -9.82 6.48
N MLY C 137 -18.15 -9.23 5.52
CA MLY C 137 -18.47 -7.81 5.48
CB MLY C 137 -19.24 -7.46 4.21
CG MLY C 137 -18.35 -7.52 2.98
CD MLY C 137 -19.13 -7.06 1.74
CE MLY C 137 -18.40 -7.44 0.47
NZ MLY C 137 -18.90 -6.63 -0.66
CH1 MLY C 137 -17.76 -6.07 -1.39
CH2 MLY C 137 -19.72 -7.45 -1.55
C MLY C 137 -19.31 -7.44 6.68
O MLY C 137 -19.09 -6.39 7.23
N GLU C 138 -20.28 -8.27 7.04
CA GLU C 138 -21.16 -8.03 8.21
C GLU C 138 -20.26 -8.01 9.48
N PHE C 139 -19.30 -8.94 9.58
CA PHE C 139 -18.40 -9.03 10.72
C PHE C 139 -17.57 -7.75 10.83
N ALA C 140 -16.92 -7.37 9.73
CA ALA C 140 -16.12 -6.14 9.64
C ALA C 140 -16.92 -4.91 10.11
N MLY C 141 -18.19 -4.80 9.75
CA MLY C 141 -18.99 -3.62 10.10
CB MLY C 141 -20.26 -3.55 9.25
CG MLY C 141 -19.96 -3.04 7.85
CD MLY C 141 -21.25 -2.84 7.05
CE MLY C 141 -20.96 -2.73 5.55
NZ MLY C 141 -21.41 -1.41 5.04
C MLY C 141 -19.33 -3.62 11.56
O MLY C 141 -19.52 -2.58 12.11
N ASN C 142 -19.45 -4.80 12.19
CA ASN C 142 -19.63 -4.90 13.64
C ASN C 142 -18.33 -4.84 14.46
N ASN C 143 -17.17 -5.09 13.86
CA ASN C 143 -15.89 -5.17 14.58
C ASN C 143 -14.86 -4.33 13.82
N PRO C 144 -14.75 -3.05 14.17
CA PRO C 144 -13.93 -2.12 13.35
C PRO C 144 -12.44 -2.39 13.17
N ASP C 145 -11.79 -3.21 14.00
CA ASP C 145 -10.34 -3.52 13.82
C ASP C 145 -10.11 -4.68 12.85
N THR C 146 -11.20 -5.25 12.31
CA THR C 146 -11.12 -6.41 11.43
C THR C 146 -10.25 -6.18 10.21
N TYR C 147 -9.33 -7.10 9.96
CA TYR C 147 -8.73 -7.15 8.61
C TYR C 147 -9.40 -8.19 7.69
N LEU C 148 -9.85 -7.70 6.53
CA LEU C 148 -10.46 -8.51 5.48
C LEU C 148 -9.40 -8.66 4.38
N PRO C 149 -8.85 -9.86 4.20
CA PRO C 149 -7.90 -10.03 3.08
C PRO C 149 -8.54 -9.78 1.73
N SER C 150 -9.85 -10.04 1.64
CA SER C 150 -10.66 -9.71 0.47
C SER C 150 -10.09 -10.33 -0.84
N GLN C 151 -9.75 -11.61 -0.75
CA GLN C 151 -9.03 -12.31 -1.84
C GLN C 151 -9.72 -12.21 -3.20
N PHE C 152 -11.05 -12.05 -3.25
CA PHE C 152 -11.73 -11.93 -4.52
C PHE C 152 -11.60 -10.57 -5.17
N SER C 153 -11.15 -9.55 -4.42
CA SER C 153 -10.93 -8.25 -5.02
C SER C 153 -9.64 -7.54 -4.67
N ASN C 154 -8.85 -8.06 -3.76
CA ASN C 154 -7.73 -7.30 -3.27
C ASN C 154 -6.54 -7.52 -4.24
N LEU C 155 -6.02 -6.40 -4.75
CA LEU C 155 -4.86 -6.41 -5.61
C LEU C 155 -3.59 -7.00 -5.02
N TYR C 156 -3.52 -7.10 -3.69
CA TYR C 156 -2.44 -7.76 -2.98
C TYR C 156 -2.40 -9.24 -3.39
N ASN C 157 -3.56 -9.81 -3.70
CA ASN C 157 -3.60 -11.20 -4.23
C ASN C 157 -2.74 -11.35 -5.50
N SER C 158 -3.14 -10.67 -6.59
CA SER C 158 -2.37 -10.72 -7.83
C SER C 158 -0.94 -10.17 -7.70
N GLU C 159 -0.73 -9.12 -6.89
CA GLU C 159 0.65 -8.60 -6.66
C GLU C 159 1.54 -9.67 -6.10
N ALA C 160 1.03 -10.44 -5.14
CA ALA C 160 1.77 -11.56 -4.55
C ALA C 160 2.37 -12.48 -5.67
N HIS C 161 1.57 -12.77 -6.69
CA HIS C 161 1.99 -13.73 -7.76
C HIS C 161 2.81 -13.06 -8.83
N TYR C 162 2.52 -11.80 -9.12
CA TYR C 162 3.47 -10.94 -9.85
C TYR C 162 4.89 -10.89 -9.26
N TYR C 163 5.02 -10.61 -7.96
CA TYR C 163 6.34 -10.54 -7.27
C TYR C 163 6.98 -11.89 -6.94
N GLY C 164 6.16 -12.91 -6.68
CA GLY C 164 6.69 -14.21 -6.24
C GLY C 164 6.73 -15.21 -7.40
N ILE C 165 5.67 -16.01 -7.51
CA ILE C 165 5.67 -17.17 -8.37
C ILE C 165 5.92 -16.76 -9.85
N GLY C 166 5.36 -15.63 -10.24
CA GLY C 166 5.50 -15.09 -11.60
C GLY C 166 6.93 -14.82 -11.97
N LEU C 167 7.68 -14.22 -11.04
CA LEU C 167 9.10 -13.96 -11.25
C LEU C 167 9.93 -15.23 -11.26
N GLU C 168 9.62 -16.18 -10.37
CA GLU C 168 10.31 -17.49 -10.42
C GLU C 168 10.13 -18.15 -11.82
N ILE C 169 8.89 -18.12 -12.34
CA ILE C 169 8.55 -18.69 -13.62
C ILE C 169 9.40 -18.05 -14.76
N VAL C 170 9.45 -16.73 -14.80
CA VAL C 170 10.23 -16.02 -15.82
C VAL C 170 11.72 -16.34 -15.69
N ASN C 171 12.29 -16.24 -14.48
CA ASN C 171 13.71 -16.56 -14.29
C ASN C 171 14.05 -18.03 -14.65
N GLU C 172 13.15 -18.96 -14.32
CA GLU C 172 13.35 -20.37 -14.61
C GLU C 172 13.31 -20.62 -16.13
N MET C 173 12.31 -20.08 -16.80
CA MET C 173 12.25 -20.28 -18.26
C MET C 173 13.36 -19.53 -19.01
N MLY C 174 13.75 -18.34 -18.53
CA MLY C 174 14.91 -17.60 -19.07
CB MLY C 174 15.03 -16.23 -18.40
CG MLY C 174 13.98 -15.26 -18.96
CD MLY C 174 14.18 -13.84 -18.43
CE MLY C 174 14.81 -12.92 -19.48
NZ MLY C 174 13.91 -11.79 -19.78
C MLY C 174 16.17 -18.41 -18.86
O MLY C 174 17.02 -18.48 -19.78
N SER C 175 16.34 -19.11 -17.73
CA SER C 175 17.54 -19.97 -17.57
C SER C 175 17.62 -21.18 -18.56
N LEU C 176 16.49 -21.66 -19.05
CA LEU C 176 16.48 -22.68 -20.12
C LEU C 176 16.49 -22.06 -21.53
N ASN C 177 16.54 -20.72 -21.62
CA ASN C 177 16.49 -19.97 -22.86
C ASN C 177 15.31 -20.37 -23.70
N LEU C 178 14.15 -20.41 -23.06
CA LEU C 178 12.93 -20.64 -23.77
C LEU C 178 12.06 -19.41 -23.64
N ASN C 179 11.39 -19.08 -24.72
CA ASN C 179 10.33 -18.11 -24.71
C ASN C 179 9.08 -18.82 -24.29
N ILE C 180 8.36 -18.20 -23.38
CA ILE C 180 7.06 -18.64 -22.97
C ILE C 180 6.04 -18.19 -23.99
N ASP C 181 5.32 -19.15 -24.52
CA ASP C 181 4.26 -18.87 -25.46
C ASP C 181 2.91 -18.77 -24.80
N GLY C 182 2.77 -19.39 -23.63
CA GLY C 182 1.46 -19.56 -23.06
C GLY C 182 1.47 -19.94 -21.58
N PHE C 183 0.47 -19.43 -20.89
CA PHE C 183 0.21 -19.77 -19.49
C PHE C 183 -1.28 -19.95 -19.24
N VAL C 184 -1.58 -21.03 -18.54
CA VAL C 184 -2.90 -21.40 -18.19
C VAL C 184 -3.03 -21.57 -16.65
N ALA C 185 -4.14 -21.09 -16.10
CA ALA C 185 -4.51 -21.39 -14.67
C ALA C 185 -5.98 -21.31 -14.39
N GLY C 186 -6.50 -22.34 -13.72
CA GLY C 186 -7.84 -22.28 -13.11
C GLY C 186 -8.06 -21.02 -12.29
N VAL C 187 -9.26 -20.45 -12.42
CA VAL C 187 -9.65 -19.18 -11.78
C VAL C 187 -10.60 -19.46 -10.62
N GLY C 188 -10.08 -19.18 -9.44
CA GLY C 188 -10.91 -19.02 -8.20
C GLY C 188 -11.09 -17.56 -7.92
N THR C 189 -10.07 -16.94 -7.34
CA THR C 189 -10.02 -15.47 -7.23
C THR C 189 -9.52 -14.83 -8.50
N GLY C 190 -8.72 -15.59 -9.28
CA GLY C 190 -8.10 -15.01 -10.46
C GLY C 190 -6.72 -14.45 -10.17
N GLY C 191 -6.27 -14.48 -8.90
CA GLY C 191 -4.99 -13.91 -8.50
C GLY C 191 -3.77 -14.53 -9.19
N THR C 192 -3.82 -15.85 -9.32
CA THR C 192 -2.80 -16.62 -9.95
C THR C 192 -2.64 -16.20 -11.37
N VAL C 193 -3.73 -16.25 -12.08
CA VAL C 193 -3.65 -15.97 -13.50
C VAL C 193 -3.35 -14.49 -13.80
N MET C 194 -3.91 -13.56 -13.00
CA MET C 194 -3.63 -12.14 -13.22
C MET C 194 -2.22 -11.75 -12.87
N GLY C 195 -1.73 -12.21 -11.74
CA GLY C 195 -0.36 -11.87 -11.27
C GLY C 195 0.75 -12.46 -12.12
N ILE C 196 0.65 -13.75 -12.37
CA ILE C 196 1.60 -14.43 -13.27
C ILE C 196 1.49 -13.80 -14.65
N GLY C 197 0.28 -13.66 -15.15
CA GLY C 197 0.07 -13.07 -16.48
C GLY C 197 0.76 -11.73 -16.66
N MLY C 198 0.57 -10.83 -15.69
CA MLY C 198 1.22 -9.50 -15.70
CB MLY C 198 0.82 -8.74 -14.43
CG MLY C 198 1.38 -7.31 -14.40
CD MLY C 198 0.91 -6.59 -13.14
CE MLY C 198 1.79 -5.38 -12.79
NZ MLY C 198 1.23 -4.71 -11.59
CH1 MLY C 198 1.78 -5.29 -10.36
CH2 MLY C 198 1.54 -3.27 -11.63
C MLY C 198 2.71 -9.67 -15.79
O MLY C 198 3.35 -9.04 -16.64
N ARG C 199 3.30 -10.60 -15.03
CA ARG C 199 4.78 -10.79 -15.05
C ARG C 199 5.31 -11.35 -16.38
N ILE C 200 4.69 -12.43 -16.89
CA ILE C 200 5.02 -13.07 -18.13
C ILE C 200 4.95 -12.06 -19.33
N MLY C 201 3.93 -11.21 -19.37
CA MLY C 201 3.71 -10.33 -20.54
CB MLY C 201 2.28 -9.83 -20.58
CG MLY C 201 1.35 -10.90 -21.16
CD MLY C 201 0.00 -10.30 -21.55
CE MLY C 201 0.05 -9.82 -23.00
NZ MLY C 201 -0.96 -8.78 -23.21
C MLY C 201 4.68 -9.17 -20.52
O MLY C 201 5.04 -8.71 -21.59
N GLU C 202 5.17 -8.74 -19.36
CA GLU C 202 6.29 -7.78 -19.30
C GLU C 202 7.60 -8.29 -19.89
N ASN C 203 7.76 -9.62 -19.91
CA ASN C 203 8.90 -10.30 -20.52
C ASN C 203 8.58 -10.96 -21.88
N PHE C 204 7.31 -11.29 -22.14
CA PHE C 204 6.92 -11.91 -23.40
C PHE C 204 5.62 -11.31 -23.88
N SER C 205 5.71 -10.20 -24.63
CA SER C 205 4.48 -9.43 -25.02
C SER C 205 3.44 -10.28 -25.79
N ASN C 206 3.98 -11.26 -26.50
CA ASN C 206 3.30 -12.34 -27.25
C ASN C 206 2.48 -13.37 -26.49
N ALA C 207 2.91 -13.68 -25.26
CA ALA C 207 2.46 -14.88 -24.54
C ALA C 207 0.97 -14.83 -24.37
N MLY C 208 0.28 -15.93 -24.62
CA MLY C 208 -1.14 -15.98 -24.27
CB MLY C 208 -1.86 -17.00 -25.15
CG MLY C 208 -1.64 -16.69 -26.64
CD MLY C 208 -2.67 -15.70 -27.17
CE MLY C 208 -2.54 -15.54 -28.69
NZ MLY C 208 -3.28 -14.35 -29.15
CH1 MLY C 208 -2.62 -13.12 -28.68
CH2 MLY C 208 -3.31 -14.36 -30.63
C MLY C 208 -1.30 -16.36 -22.81
O MLY C 208 -0.73 -17.37 -22.32
N ILE C 209 -2.07 -15.55 -22.09
CA ILE C 209 -2.41 -15.80 -20.64
C ILE C 209 -3.87 -16.20 -20.60
N CYS C 210 -4.14 -17.46 -20.27
CA CYS C 210 -5.50 -18.04 -20.33
C CYS C 210 -6.14 -18.49 -19.00
N PRO C 211 -7.31 -17.90 -18.62
CA PRO C 211 -8.06 -18.41 -17.44
C PRO C 211 -8.75 -19.72 -17.74
N LEU C 212 -8.82 -20.59 -16.75
CA LEU C 212 -9.47 -21.86 -16.87
C LEU C 212 -10.71 -21.98 -15.99
N GLU C 213 -11.72 -22.65 -16.53
CA GLU C 213 -13.00 -22.87 -15.86
C GLU C 213 -13.43 -24.33 -16.00
N PRO C 214 -14.36 -24.79 -15.16
CA PRO C 214 -14.95 -26.09 -15.39
C PRO C 214 -15.95 -26.04 -16.58
N LEU C 215 -15.91 -27.06 -17.44
CA LEU C 215 -16.83 -27.18 -18.57
C LEU C 215 -18.27 -27.27 -18.04
N ASN C 216 -18.42 -28.05 -16.96
CA ASN C 216 -19.65 -28.20 -16.14
C ASN C 216 -20.28 -26.88 -15.63
N SER C 217 -19.44 -25.89 -15.30
CA SER C 217 -19.87 -24.61 -14.73
C SER C 217 -19.08 -23.47 -15.38
N PRO C 218 -19.45 -23.10 -16.64
CA PRO C 218 -18.61 -22.23 -17.47
C PRO C 218 -18.90 -20.74 -17.26
N THR C 219 -18.67 -20.30 -16.02
CA THR C 219 -19.11 -18.97 -15.56
C THR C 219 -18.32 -17.89 -16.27
N LEU C 220 -17.02 -18.12 -16.49
CA LEU C 220 -16.18 -17.10 -17.13
C LEU C 220 -16.50 -16.89 -18.61
N SER C 221 -16.72 -17.99 -19.33
CA SER C 221 -17.03 -17.88 -20.77
C SER C 221 -18.46 -17.39 -21.04
N THR C 222 -19.42 -17.78 -20.21
CA THR C 222 -20.82 -17.40 -20.41
C THR C 222 -21.23 -16.08 -19.75
N GLY C 223 -20.61 -15.77 -18.62
CA GLY C 223 -20.99 -14.65 -17.83
C GLY C 223 -22.15 -14.92 -16.89
N TYR C 224 -22.60 -16.18 -16.80
CA TYR C 224 -23.79 -16.50 -15.99
C TYR C 224 -23.97 -17.96 -15.54
N MLY C 225 -23.56 -18.97 -16.33
CA MLY C 225 -23.86 -20.33 -15.94
CB MLY C 225 -23.55 -21.27 -17.11
CG MLY C 225 -24.36 -22.56 -17.03
CD MLY C 225 -24.64 -23.12 -18.42
CE MLY C 225 -26.07 -23.65 -18.55
NZ MLY C 225 -26.94 -22.62 -19.15
C MLY C 225 -23.03 -20.70 -14.75
O MLY C 225 -21.82 -20.52 -14.75
N VAL C 226 -23.72 -21.11 -13.68
CA VAL C 226 -23.12 -21.59 -12.46
C VAL C 226 -23.75 -22.97 -12.24
N ALA C 227 -22.93 -23.98 -12.00
CA ALA C 227 -23.42 -25.33 -11.64
C ALA C 227 -22.43 -26.03 -10.74
N MLY C 228 -22.86 -27.16 -10.20
CA MLY C 228 -22.06 -27.98 -9.31
CB MLY C 228 -22.93 -29.12 -8.77
CG MLY C 228 -22.98 -29.15 -7.25
CD MLY C 228 -22.63 -30.55 -6.73
CE MLY C 228 -21.14 -30.86 -6.86
NZ MLY C 228 -20.91 -31.86 -7.91
C MLY C 228 -20.89 -28.55 -10.08
O MLY C 228 -21.05 -28.97 -11.21
N HIS C 229 -19.69 -28.56 -9.49
CA HIS C 229 -18.54 -29.19 -10.14
C HIS C 229 -17.54 -29.56 -9.06
N ARG C 230 -16.60 -30.44 -9.37
CA ARG C 230 -15.69 -31.04 -8.40
C ARG C 230 -14.24 -30.50 -8.46
N ILE C 231 -14.00 -29.43 -9.25
CA ILE C 231 -12.69 -28.83 -9.36
C ILE C 231 -12.50 -27.82 -8.22
N GLU C 232 -12.26 -28.36 -7.03
CA GLU C 232 -12.18 -27.59 -5.80
C GLU C 232 -11.11 -26.56 -5.90
N GLY C 233 -11.49 -25.33 -5.63
CA GLY C 233 -10.61 -24.17 -5.60
C GLY C 233 -10.85 -23.19 -6.72
N ILE C 234 -11.55 -23.64 -7.76
CA ILE C 234 -11.86 -22.77 -8.86
C ILE C 234 -13.35 -22.62 -9.06
N SER C 235 -13.77 -21.61 -9.79
CA SER C 235 -15.19 -21.41 -10.17
C SER C 235 -16.16 -21.40 -9.00
N ASP C 236 -16.08 -20.33 -8.24
CA ASP C 236 -16.76 -20.21 -6.94
C ASP C 236 -18.08 -19.43 -7.08
N GLU C 237 -18.85 -19.78 -8.11
CA GLU C 237 -20.22 -19.28 -8.37
C GLU C 237 -20.37 -17.84 -8.88
N PHE C 238 -19.29 -17.15 -9.18
CA PHE C 238 -19.39 -15.80 -9.76
C PHE C 238 -18.04 -15.46 -10.37
N ILE C 239 -17.97 -14.31 -11.02
CA ILE C 239 -16.74 -13.89 -11.66
C ILE C 239 -16.10 -12.90 -10.71
N PRO C 240 -14.92 -13.25 -10.16
CA PRO C 240 -14.34 -12.32 -9.17
C PRO C 240 -13.95 -10.97 -9.76
N ASP C 241 -14.05 -9.90 -8.97
CA ASP C 241 -13.64 -8.55 -9.44
C ASP C 241 -12.16 -8.47 -9.86
N LEU C 242 -11.33 -9.26 -9.21
CA LEU C 242 -9.87 -9.32 -9.51
C LEU C 242 -9.54 -9.75 -10.94
N VAL C 243 -10.35 -10.66 -11.48
CA VAL C 243 -10.03 -11.16 -12.78
C VAL C 243 -10.64 -10.27 -13.86
N MLY C 244 -9.82 -9.87 -14.80
CA MLY C 244 -10.21 -8.97 -15.88
CB MLY C 244 -9.28 -7.75 -15.90
CG MLY C 244 -9.21 -7.02 -14.55
CD MLY C 244 -10.59 -6.60 -14.06
CE MLY C 244 -10.48 -5.45 -13.05
NZ MLY C 244 -11.78 -5.20 -12.42
C MLY C 244 -10.15 -9.72 -17.18
O MLY C 244 -9.10 -9.80 -17.85
N LEU C 245 -11.27 -10.35 -17.54
CA LEU C 245 -11.31 -11.25 -18.68
C LEU C 245 -11.02 -10.54 -20.02
N ASP C 246 -11.29 -9.24 -20.09
CA ASP C 246 -10.93 -8.45 -21.26
C ASP C 246 -9.47 -8.14 -21.40
N MLY C 247 -8.69 -8.24 -20.34
CA MLY C 247 -7.24 -8.10 -20.43
CB MLY C 247 -6.71 -7.40 -19.18
CG MLY C 247 -7.16 -5.94 -19.12
CD MLY C 247 -6.64 -5.26 -17.86
CE MLY C 247 -6.76 -3.74 -17.97
NZ MLY C 247 -8.10 -3.30 -17.53
C MLY C 247 -6.59 -9.45 -20.59
O MLY C 247 -5.42 -9.49 -20.86
N LEU C 248 -7.31 -10.56 -20.43
CA LEU C 248 -6.71 -11.91 -20.64
C LEU C 248 -7.03 -12.45 -22.03
N ASP C 249 -6.37 -13.53 -22.41
CA ASP C 249 -6.71 -14.24 -23.65
C ASP C 249 -7.85 -15.23 -23.37
N ASN C 250 -8.20 -16.08 -24.33
CA ASN C 250 -9.45 -16.83 -24.25
C ASN C 250 -9.53 -17.87 -23.16
N VAL C 251 -10.76 -18.04 -22.63
CA VAL C 251 -11.11 -18.97 -21.57
C VAL C 251 -10.88 -20.42 -22.03
N VAL C 252 -10.28 -21.24 -21.17
CA VAL C 252 -10.17 -22.68 -21.39
C VAL C 252 -11.11 -23.40 -20.43
N SER C 253 -11.78 -24.42 -20.95
CA SER C 253 -12.79 -25.13 -20.20
C SER C 253 -12.44 -26.58 -20.17
N VAL C 254 -12.35 -27.13 -18.96
CA VAL C 254 -12.00 -28.53 -18.76
C VAL C 254 -13.12 -29.22 -17.99
N ASP C 255 -13.47 -30.43 -18.42
CA ASP C 255 -14.48 -31.24 -17.75
C ASP C 255 -13.86 -31.76 -16.45
N ASP C 256 -14.63 -31.65 -15.38
CA ASP C 256 -14.18 -32.02 -14.04
C ASP C 256 -13.77 -33.48 -13.91
N GLY C 257 -14.43 -34.37 -14.64
CA GLY C 257 -14.00 -35.76 -14.72
C GLY C 257 -12.69 -35.97 -15.49
N ASP C 258 -12.50 -35.23 -16.58
CA ASP C 258 -11.19 -35.17 -17.32
C ASP C 258 -10.08 -34.71 -16.34
N ALA C 259 -10.39 -33.69 -15.53
CA ALA C 259 -9.47 -33.17 -14.49
C ALA C 259 -9.08 -34.24 -13.48
N ILE C 260 -10.08 -34.93 -12.95
CA ILE C 260 -9.84 -36.00 -11.98
C ILE C 260 -8.97 -37.11 -12.55
N VAL C 261 -9.23 -37.51 -13.77
CA VAL C 261 -8.48 -38.62 -14.33
C VAL C 261 -7.03 -38.18 -14.59
N MET C 262 -6.84 -36.92 -15.01
CA MET C 262 -5.49 -36.37 -15.22
C MET C 262 -4.71 -36.29 -13.93
N ALA C 263 -5.37 -35.95 -12.83
CA ALA C 263 -4.70 -35.88 -11.54
C ALA C 263 -4.28 -37.30 -11.07
N GLN C 264 -5.14 -38.28 -11.32
CA GLN C 264 -4.83 -39.71 -11.01
C GLN C 264 -3.58 -40.17 -11.79
N MLY C 265 -3.53 -39.87 -13.09
CA MLY C 265 -2.34 -40.23 -13.93
CB MLY C 265 -2.56 -39.81 -15.37
CG MLY C 265 -3.57 -40.69 -16.11
CD MLY C 265 -3.54 -40.37 -17.60
CE MLY C 265 -4.75 -40.91 -18.37
NZ MLY C 265 -4.77 -42.39 -18.51
CH1 MLY C 265 -3.44 -43.03 -18.57
CH2 MLY C 265 -5.61 -43.01 -17.46
C MLY C 265 -1.12 -39.53 -13.41
O MLY C 265 -0.04 -40.09 -13.45
N LEU C 266 -1.25 -38.26 -12.94
CA LEU C 266 -0.11 -37.53 -12.38
C LEU C 266 0.41 -38.20 -11.12
N ALA C 267 -0.48 -38.60 -10.22
CA ALA C 267 -0.07 -39.30 -9.04
C ALA C 267 0.64 -40.64 -9.40
N MLY C 268 0.14 -41.36 -10.41
CA MLY C 268 0.77 -42.68 -10.76
CB MLY C 268 -0.10 -43.49 -11.73
CG MLY C 268 -1.53 -43.68 -11.19
CD MLY C 268 -1.88 -45.15 -10.99
CE MLY C 268 -2.28 -45.83 -12.29
NZ MLY C 268 -3.72 -46.18 -12.25
C MLY C 268 2.12 -42.46 -11.37
O MLY C 268 2.92 -43.39 -11.36
N CYS C 269 2.43 -41.25 -11.86
CA CYS C 269 3.82 -40.91 -12.21
C CYS C 269 4.65 -40.21 -11.08
N GLY C 270 4.18 -40.24 -9.84
CA GLY C 270 4.94 -39.72 -8.71
C GLY C 270 4.61 -38.29 -8.29
N LEU C 271 3.62 -37.65 -8.92
CA LEU C 271 3.22 -36.28 -8.63
C LEU C 271 1.87 -36.28 -8.04
N GLY C 272 1.82 -36.30 -6.71
CA GLY C 272 0.51 -36.31 -6.03
C GLY C 272 -0.09 -34.94 -5.92
N VAL C 273 -1.15 -34.69 -6.68
CA VAL C 273 -1.68 -33.35 -6.94
C VAL C 273 -3.16 -33.30 -6.76
N GLY C 274 -3.65 -32.09 -6.47
CA GLY C 274 -5.07 -31.85 -6.28
C GLY C 274 -5.80 -31.89 -7.60
N ILE C 275 -7.12 -31.88 -7.49
CA ILE C 275 -7.98 -31.96 -8.67
C ILE C 275 -7.77 -30.78 -9.65
N SER C 276 -7.58 -29.56 -9.15
CA SER C 276 -7.36 -28.39 -10.02
C SER C 276 -6.02 -28.45 -10.75
N SER C 277 -5.07 -29.22 -10.19
CA SER C 277 -3.80 -29.46 -10.86
C SER C 277 -3.96 -30.31 -12.15
N GLY C 278 -4.73 -31.38 -12.03
CA GLY C 278 -5.20 -32.18 -13.15
C GLY C 278 -5.97 -31.34 -14.15
N ALA C 279 -6.83 -30.44 -13.67
CA ALA C 279 -7.47 -29.53 -14.59
C ALA C 279 -6.47 -28.65 -15.31
N ASN C 280 -5.47 -28.11 -14.60
CA ASN C 280 -4.52 -27.20 -15.23
C ASN C 280 -3.66 -27.91 -16.31
N PHE C 281 -3.36 -29.18 -16.02
CA PHE C 281 -2.59 -29.99 -16.98
C PHE C 281 -3.32 -30.06 -18.32
N ILE C 282 -4.58 -30.50 -18.26
CA ILE C 282 -5.44 -30.55 -19.45
C ILE C 282 -5.50 -29.17 -20.07
N GLY C 283 -5.78 -28.14 -19.27
CA GLY C 283 -5.77 -26.77 -19.79
C GLY C 283 -4.53 -26.40 -20.62
N ALA C 284 -3.38 -26.76 -20.08
CA ALA C 284 -2.12 -26.40 -20.69
C ALA C 284 -1.94 -27.19 -22.06
N LEU C 285 -2.45 -28.41 -22.09
CA LEU C 285 -2.50 -29.19 -23.32
C LEU C 285 -3.45 -28.47 -24.29
N MET C 286 -4.61 -28.01 -23.83
CA MET C 286 -5.57 -27.40 -24.75
C MET C 286 -4.99 -26.16 -25.38
N LEU C 287 -4.31 -25.32 -24.60
CA LEU C 287 -3.60 -24.16 -25.15
C LEU C 287 -2.45 -24.56 -26.07
N GLN C 288 -1.71 -25.59 -25.68
CA GLN C 288 -0.65 -26.12 -26.56
C GLN C 288 -1.22 -26.47 -27.94
N ASN C 289 -2.35 -27.17 -27.97
CA ASN C 289 -3.03 -27.51 -29.21
C ASN C 289 -3.39 -26.28 -30.04
N MLY C 290 -3.79 -25.21 -29.38
CA MLY C 290 -4.08 -23.95 -30.07
CB MLY C 290 -4.77 -22.97 -29.13
CG MLY C 290 -6.20 -23.40 -28.82
CD MLY C 290 -6.88 -22.34 -27.96
CE MLY C 290 -8.12 -22.92 -27.27
NZ MLY C 290 -8.95 -21.84 -26.68
CH1 MLY C 290 -10.18 -22.44 -26.15
CH2 MLY C 290 -8.22 -21.18 -25.58
C MLY C 290 -2.81 -23.33 -30.59
O MLY C 290 -2.81 -22.84 -31.72
N LEU C 291 -1.75 -23.26 -29.80
CA LEU C 291 -0.58 -22.46 -30.20
C LEU C 291 0.46 -23.23 -31.03
N GLY C 292 0.30 -24.56 -31.14
CA GLY C 292 1.23 -25.44 -31.88
C GLY C 292 2.01 -26.38 -30.98
N MLY C 293 2.33 -27.54 -31.54
CA MLY C 293 2.77 -28.76 -30.83
CB MLY C 293 3.11 -29.85 -31.83
CG MLY C 293 1.88 -30.36 -32.55
CD MLY C 293 2.26 -31.37 -33.64
CE MLY C 293 3.19 -30.74 -34.68
NZ MLY C 293 3.04 -31.42 -35.97
C MLY C 293 3.98 -28.51 -29.97
O MLY C 293 4.14 -29.17 -28.94
N ASP C 294 4.87 -27.62 -30.39
CA ASP C 294 6.10 -27.35 -29.68
C ASP C 294 6.11 -26.04 -28.93
N SER C 295 4.93 -25.40 -28.82
CA SER C 295 4.77 -24.20 -28.02
C SER C 295 5.14 -24.50 -26.52
N VAL C 296 5.76 -23.48 -25.91
CA VAL C 296 6.23 -23.51 -24.53
C VAL C 296 5.06 -23.00 -23.65
N ILE C 297 4.36 -23.95 -23.03
CA ILE C 297 3.25 -23.67 -22.13
C ILE C 297 3.62 -24.01 -20.69
N VAL C 298 3.32 -23.06 -19.79
CA VAL C 298 3.55 -23.15 -18.34
C VAL C 298 2.22 -23.18 -17.61
N THR C 299 2.14 -23.97 -16.52
CA THR C 299 1.02 -23.92 -15.62
C THR C 299 1.47 -24.20 -14.16
N VAL C 300 0.51 -24.39 -13.25
CA VAL C 300 0.83 -24.59 -11.86
C VAL C 300 -0.02 -25.71 -11.33
N PHE C 301 0.54 -26.46 -10.37
CA PHE C 301 -0.19 -27.44 -9.60
C PHE C 301 -0.40 -26.81 -8.19
N PRO C 302 -1.59 -26.27 -7.90
CA PRO C 302 -1.84 -25.50 -6.69
C PRO C 302 -1.63 -26.25 -5.40
N ASP C 303 -1.94 -27.53 -5.35
CA ASP C 303 -1.76 -28.27 -4.07
C ASP C 303 -1.54 -29.77 -4.27
N ASP C 304 -1.35 -30.52 -3.19
CA ASP C 304 -1.12 -31.97 -3.32
C ASP C 304 -2.44 -32.74 -3.22
N ASN C 305 -2.37 -34.06 -3.29
CA ASN C 305 -3.56 -34.87 -3.20
C ASN C 305 -4.10 -35.18 -1.80
N MLY C 306 -3.48 -34.68 -0.72
CA MLY C 306 -3.77 -35.16 0.67
CB MLY C 306 -2.67 -34.75 1.62
CG MLY C 306 -1.39 -35.55 1.41
CD MLY C 306 -0.36 -35.22 2.47
CE MLY C 306 0.97 -35.92 2.22
NZ MLY C 306 1.71 -35.23 1.15
C MLY C 306 -5.08 -34.62 1.17
O MLY C 306 -5.75 -35.29 1.98
N MLY C 307 -5.53 -33.44 0.72
CA MLY C 307 -6.85 -33.01 1.12
CB MLY C 307 -6.96 -31.50 1.03
CG MLY C 307 -6.05 -30.84 2.08
CD MLY C 307 -6.25 -29.32 2.18
CE MLY C 307 -6.25 -28.61 0.82
NZ MLY C 307 -4.93 -28.65 0.18
C MLY C 307 -7.90 -33.68 0.27
O MLY C 307 -9.07 -33.41 0.49
N TYR C 308 -7.60 -34.59 -0.66
CA TYR C 308 -8.67 -35.04 -1.62
C TYR C 308 -9.01 -36.55 -1.48
N LEU C 309 -8.51 -37.18 -0.40
CA LEU C 309 -8.67 -38.62 -0.19
C LEU C 309 -10.16 -39.00 0.07
N SER C 310 -10.99 -38.07 0.57
CA SER C 310 -12.45 -38.27 0.74
C SER C 310 -13.31 -37.91 -0.49
N THR C 311 -12.69 -37.66 -1.65
CA THR C 311 -13.37 -37.11 -2.84
C THR C 311 -13.32 -38.10 -4.02
N ASP C 312 -13.88 -37.67 -5.14
CA ASP C 312 -13.91 -38.49 -6.36
C ASP C 312 -12.56 -38.70 -6.99
N LEU C 313 -11.56 -37.93 -6.58
CA LEU C 313 -10.18 -38.25 -6.88
C LEU C 313 -9.80 -39.69 -6.54
N MET C 314 -10.32 -40.22 -5.43
CA MET C 314 -10.01 -41.61 -5.01
C MET C 314 -10.96 -42.70 -5.52
N ARG C 315 -11.88 -42.32 -6.41
CA ARG C 315 -12.85 -43.23 -7.02
C ARG C 315 -12.59 -43.33 -8.52
N GLU C 316 -13.16 -44.39 -9.07
CA GLU C 316 -13.09 -44.67 -10.49
C GLU C 316 -13.98 -43.66 -11.22
N GLU C 317 -13.48 -43.07 -12.31
CA GLU C 317 -14.18 -41.98 -13.02
C GLU C 317 -14.63 -42.40 -14.41
N MLY C 318 -15.93 -42.31 -14.68
CA MLY C 318 -16.46 -42.62 -16.01
CB MLY C 318 -17.97 -42.36 -16.04
CG MLY C 318 -18.58 -42.67 -17.41
CD MLY C 318 -19.78 -43.61 -17.32
CE MLY C 318 -21.06 -42.85 -16.94
NZ MLY C 318 -21.89 -42.63 -18.14
C MLY C 318 -15.76 -41.77 -17.03
O MLY C 318 -15.86 -40.54 -16.99
N VAL C 319 -15.01 -42.42 -17.91
CA VAL C 319 -14.38 -41.74 -19.05
C VAL C 319 -15.48 -41.35 -20.06
N MLY C 320 -15.39 -40.15 -20.63
CA MLY C 320 -16.25 -39.76 -21.75
CB MLY C 320 -16.99 -38.46 -21.43
CG MLY C 320 -17.91 -38.60 -20.22
CD MLY C 320 -18.93 -37.45 -20.18
CE MLY C 320 -19.15 -36.93 -18.77
NZ MLY C 320 -19.60 -38.00 -17.88
C MLY C 320 -15.42 -39.58 -22.98
O MLY C 320 -14.18 -39.51 -22.91
N GLU C 321 -16.10 -39.49 -24.12
CA GLU C 321 -15.47 -39.45 -25.45
C GLU C 321 -14.60 -38.22 -25.66
N ASP C 322 -15.03 -37.10 -25.12
CA ASP C 322 -14.35 -35.83 -25.33
C ASP C 322 -13.23 -35.50 -24.34
N PHE C 323 -12.94 -36.41 -23.41
CA PHE C 323 -11.79 -36.24 -22.49
C PHE C 323 -10.45 -36.27 -23.21
N LEU C 324 -9.59 -35.29 -22.93
CA LEU C 324 -8.25 -35.31 -23.47
C LEU C 324 -7.41 -36.33 -22.75
N SER C 325 -7.72 -36.60 -21.48
CA SER C 325 -6.85 -37.49 -20.69
C SER C 325 -6.82 -38.93 -21.17
N MLY C 326 -7.87 -39.38 -21.86
CA MLY C 326 -7.88 -40.76 -22.36
CB MLY C 326 -9.29 -41.18 -22.81
CG MLY C 326 -9.58 -40.88 -24.28
CD MLY C 326 -11.04 -41.16 -24.58
CE MLY C 326 -11.37 -40.93 -26.05
NZ MLY C 326 -10.92 -42.09 -26.84
C MLY C 326 -6.87 -40.92 -23.46
O MLY C 326 -6.41 -42.01 -23.64
N ASP C 327 -6.45 -39.85 -24.16
CA ASP C 327 -5.32 -39.95 -25.12
C ASP C 327 -3.91 -39.54 -24.60
N ILE C 328 -3.80 -39.34 -23.28
CA ILE C 328 -2.54 -38.90 -22.65
C ILE C 328 -1.96 -40.05 -21.90
N THR C 329 -0.66 -40.28 -22.13
CA THR C 329 0.17 -41.22 -21.44
C THR C 329 1.40 -40.46 -20.95
N LEU C 330 1.64 -40.44 -19.64
CA LEU C 330 2.79 -39.69 -19.12
C LEU C 330 4.07 -40.48 -19.34
N MLY C 331 5.12 -39.82 -19.82
CA MLY C 331 6.40 -40.50 -20.12
CB MLY C 331 6.96 -39.99 -21.44
CG MLY C 331 6.30 -40.68 -22.64
CD MLY C 331 7.35 -41.19 -23.63
CE MLY C 331 6.73 -41.92 -24.82
NZ MLY C 331 6.20 -40.94 -25.80
C MLY C 331 7.38 -40.28 -18.99
O MLY C 331 7.80 -41.25 -18.36
N GLU C 332 7.78 -39.03 -18.71
CA GLU C 332 8.79 -38.77 -17.67
C GLU C 332 8.87 -37.34 -17.16
N ILE C 333 9.51 -37.17 -16.00
CA ILE C 333 10.01 -35.87 -15.57
C ILE C 333 11.40 -35.66 -16.19
N MLY C 334 11.45 -34.74 -17.14
CA MLY C 334 12.61 -34.56 -18.00
CB MLY C 334 12.14 -34.03 -19.35
CG MLY C 334 13.28 -33.77 -20.33
CD MLY C 334 14.06 -35.05 -20.62
CE MLY C 334 14.72 -35.01 -22.00
NZ MLY C 334 15.64 -33.87 -22.09
C MLY C 334 13.58 -33.61 -17.38
O MLY C 334 14.72 -33.61 -17.72
N ASN C 335 13.11 -32.77 -16.45
CA ASN C 335 13.98 -31.79 -15.81
C ASN C 335 13.26 -31.24 -14.59
N VAL C 336 14.04 -30.80 -13.60
CA VAL C 336 13.52 -30.11 -12.42
C VAL C 336 14.45 -28.96 -12.12
N LEU C 337 13.89 -27.75 -12.06
CA LEU C 337 14.67 -26.54 -11.78
C LEU C 337 14.23 -26.03 -10.44
N ARG C 338 15.18 -25.47 -9.68
CA ARG C 338 14.83 -24.80 -8.44
C ARG C 338 15.92 -23.88 -7.91
N VAL C 339 15.54 -22.65 -7.53
CA VAL C 339 16.49 -21.54 -7.22
C VAL C 339 16.32 -20.90 -5.84
N MLY D 8 22.77 -36.33 -15.44
CA MLY D 8 21.99 -37.48 -14.91
CB MLY D 8 22.71 -38.04 -13.68
CG MLY D 8 23.02 -39.53 -13.85
CD MLY D 8 21.78 -40.38 -13.66
CE MLY D 8 22.02 -41.83 -14.07
NZ MLY D 8 20.82 -42.63 -13.84
C MLY D 8 20.60 -37.03 -14.55
O MLY D 8 20.42 -35.91 -14.11
N MLY D 9 19.61 -37.91 -14.73
CA MLY D 9 18.32 -37.83 -14.06
CB MLY D 9 17.61 -39.17 -14.09
CG MLY D 9 16.70 -39.31 -15.31
CD MLY D 9 15.44 -40.10 -14.98
CE MLY D 9 14.46 -40.09 -16.15
NZ MLY D 9 13.92 -41.43 -16.44
CH1 MLY D 9 14.98 -42.41 -16.70
CH2 MLY D 9 13.02 -41.88 -15.37
C MLY D 9 18.49 -37.40 -12.63
O MLY D 9 17.78 -36.49 -12.16
N MET D 10 19.41 -38.07 -11.92
CA MET D 10 19.53 -37.93 -10.45
C MET D 10 19.94 -36.55 -9.98
N MLY D 11 20.76 -35.90 -10.80
CA MLY D 11 21.22 -34.57 -10.43
CB MLY D 11 22.32 -34.09 -11.37
CG MLY D 11 23.46 -33.46 -10.58
CD MLY D 11 24.16 -34.47 -9.65
CE MLY D 11 24.82 -35.63 -10.40
NZ MLY D 11 24.08 -36.88 -10.17
C MLY D 11 20.08 -33.57 -10.43
O MLY D 11 19.98 -32.80 -9.51
N TYR D 12 19.18 -33.61 -11.43
CA TYR D 12 18.02 -32.72 -11.36
C TYR D 12 16.91 -33.21 -10.46
N LEU D 13 16.69 -34.52 -10.36
CA LEU D 13 15.65 -35.01 -9.42
C LEU D 13 15.90 -34.69 -7.93
N GLU D 14 17.16 -34.53 -7.57
CA GLU D 14 17.55 -34.13 -6.22
C GLU D 14 16.87 -32.79 -5.81
N ASN D 15 16.54 -31.97 -6.81
CA ASN D 15 15.79 -30.72 -6.55
C ASN D 15 14.39 -30.92 -6.01
N LEU D 16 13.89 -32.14 -6.04
CA LEU D 16 12.62 -32.44 -5.39
C LEU D 16 12.68 -32.75 -3.88
N VAL D 17 13.87 -32.81 -3.29
CA VAL D 17 13.98 -33.16 -1.86
C VAL D 17 14.91 -32.22 -1.18
N GLY D 18 14.77 -32.07 0.14
CA GLY D 18 15.68 -31.31 0.94
C GLY D 18 15.58 -29.83 0.79
N MLY D 19 16.60 -29.14 1.32
CA MLY D 19 16.68 -27.67 1.36
CB MLY D 19 16.74 -27.10 -0.06
CG MLY D 19 17.83 -27.76 -0.91
CD MLY D 19 19.22 -27.49 -0.34
CE MLY D 19 20.33 -27.86 -1.33
NZ MLY D 19 21.55 -28.27 -0.59
CH1 MLY D 19 22.63 -28.61 -1.53
CH2 MLY D 19 21.99 -27.19 0.32
C MLY D 19 15.49 -27.10 2.08
O MLY D 19 14.87 -26.16 1.63
N THR D 20 15.14 -27.68 3.21
CA THR D 20 13.92 -27.31 3.95
C THR D 20 14.17 -26.16 4.95
N PRO D 21 13.10 -25.48 5.43
CA PRO D 21 13.33 -24.41 6.43
C PRO D 21 13.82 -24.91 7.78
N MET D 22 14.70 -24.15 8.40
CA MET D 22 15.04 -24.36 9.82
C MET D 22 14.36 -23.26 10.63
N LEU D 23 13.58 -23.63 11.64
CA LEU D 23 12.81 -22.67 12.39
C LEU D 23 13.39 -22.53 13.83
N GLU D 24 13.45 -21.29 14.31
CA GLU D 24 13.87 -21.02 15.69
C GLU D 24 12.60 -20.71 16.40
N LEU D 25 12.15 -21.65 17.23
CA LEU D 25 10.89 -21.55 17.90
C LEU D 25 11.09 -21.11 19.38
N ILE D 26 10.45 -20.00 19.77
CA ILE D 26 10.49 -19.49 21.17
C ILE D 26 9.23 -19.90 21.88
N PHE D 27 9.38 -20.38 23.11
CA PHE D 27 8.26 -20.74 23.93
C PHE D 27 8.53 -20.56 25.43
N ASP D 28 7.47 -20.64 26.19
CA ASP D 28 7.54 -20.59 27.65
C ASP D 28 7.34 -21.96 28.24
N TYR D 29 8.29 -22.34 29.10
CA TYR D 29 8.18 -23.51 29.93
C TYR D 29 8.16 -23.08 31.43
N MLY D 30 7.00 -23.24 32.09
CA MLY D 30 6.76 -22.97 33.55
CB MLY D 30 6.51 -24.30 34.30
CG MLY D 30 7.48 -25.41 33.87
CD MLY D 30 8.19 -26.03 35.07
CE MLY D 30 7.37 -27.14 35.71
NZ MLY D 30 8.23 -28.26 36.11
CH1 MLY D 30 9.19 -27.85 37.14
CH2 MLY D 30 7.39 -29.35 36.63
C MLY D 30 7.90 -22.25 34.20
O MLY D 30 8.83 -22.87 34.71
N GLY D 31 7.94 -20.91 34.16
CA GLY D 31 7.36 -20.06 33.15
C GLY D 31 8.54 -19.28 32.63
N GLU D 32 9.41 -20.04 31.95
CA GLU D 32 10.74 -19.65 31.53
C GLU D 32 10.79 -19.61 29.98
N GLU D 33 11.49 -18.62 29.41
CA GLU D 33 11.67 -18.51 27.96
C GLU D 33 12.76 -19.44 27.42
N ARG D 34 12.37 -20.35 26.53
CA ARG D 34 13.30 -21.28 25.92
C ARG D 34 13.22 -21.17 24.40
N ARG D 35 14.12 -21.85 23.71
CA ARG D 35 14.02 -21.99 22.26
C ARG D 35 14.52 -23.34 21.84
N ILE D 36 13.98 -23.81 20.71
CA ILE D 36 14.39 -25.05 20.06
C ILE D 36 14.48 -24.74 18.56
N PHE D 37 15.45 -25.34 17.91
CA PHE D 37 15.62 -25.20 16.47
C PHE D 37 15.07 -26.47 15.85
N VAL D 38 14.30 -26.31 14.78
CA VAL D 38 13.68 -27.46 14.13
C VAL D 38 13.67 -27.39 12.57
N MLY D 39 13.96 -28.51 11.92
CA MLY D 39 13.83 -28.63 10.45
CB MLY D 39 14.83 -29.67 9.97
CG MLY D 39 16.28 -29.17 10.04
CD MLY D 39 16.58 -28.10 9.00
CE MLY D 39 17.08 -28.71 7.69
NZ MLY D 39 17.25 -27.65 6.69
C MLY D 39 12.41 -29.05 10.08
O MLY D 39 11.90 -30.02 10.58
N ASN D 40 11.72 -28.28 9.24
CA ASN D 40 10.36 -28.59 8.79
C ASN D 40 10.44 -29.44 7.51
N GLU D 41 10.33 -30.75 7.68
CA GLU D 41 10.44 -31.73 6.60
C GLU D 41 9.18 -32.00 5.81
N SER D 42 8.13 -31.20 5.96
CA SER D 42 7.02 -31.31 5.03
C SER D 42 7.32 -30.75 3.61
N TYR D 43 8.37 -29.95 3.48
CA TYR D 43 8.71 -29.26 2.24
C TYR D 43 9.57 -30.20 1.32
N ASN D 44 8.99 -31.33 0.97
CA ASN D 44 9.59 -32.38 0.21
C ASN D 44 8.46 -32.95 -0.67
N LEU D 45 8.88 -33.64 -1.72
CA LEU D 45 8.01 -34.24 -2.73
C LEU D 45 6.72 -34.83 -2.25
N THR D 46 6.79 -35.74 -1.29
CA THR D 46 5.56 -36.35 -0.75
C THR D 46 5.26 -35.90 0.67
N GLY D 47 5.94 -34.86 1.13
CA GLY D 47 5.59 -34.22 2.40
C GLY D 47 6.27 -34.78 3.64
N SER D 48 7.36 -35.54 3.47
CA SER D 48 8.14 -35.99 4.65
C SER D 48 9.64 -36.16 4.41
N ILE D 49 10.32 -36.32 5.54
CA ILE D 49 11.76 -36.53 5.60
C ILE D 49 12.21 -37.77 4.86
N LYS D 50 11.32 -38.75 4.74
CA LYS D 50 11.65 -40.01 4.11
C LYS D 50 11.93 -39.84 2.63
N ASP D 51 11.41 -38.76 2.02
CA ASP D 51 11.72 -38.45 0.62
C ASP D 51 13.20 -38.32 0.41
N ARG D 52 13.88 -37.67 1.35
CA ARG D 52 15.32 -37.52 1.26
C ARG D 52 16.04 -38.90 1.21
N MET D 53 15.52 -39.82 2.02
CA MET D 53 16.14 -41.14 2.23
C MET D 53 15.87 -42.06 1.05
N ALA D 54 14.65 -42.01 0.54
CA ALA D 54 14.30 -42.83 -0.62
C ALA D 54 15.12 -42.45 -1.86
N PHE D 55 15.23 -41.15 -2.10
CA PHE D 55 16.00 -40.63 -3.21
C PHE D 55 17.49 -40.96 -3.11
N TYR D 56 18.08 -40.68 -1.94
CA TYR D 56 19.49 -41.06 -1.69
C TYR D 56 19.72 -42.58 -1.94
N THR D 57 18.86 -43.44 -1.44
CA THR D 57 19.00 -44.87 -1.49
C THR D 57 18.93 -45.31 -2.96
N LEU D 58 17.93 -44.82 -3.71
CA LEU D 58 17.84 -45.20 -5.10
C LEU D 58 19.01 -44.68 -5.92
N MLY D 59 19.38 -43.44 -5.71
CA MLY D 59 20.54 -42.84 -6.38
CB MLY D 59 20.75 -41.43 -5.81
CG MLY D 59 21.89 -40.69 -6.49
CD MLY D 59 22.02 -39.27 -5.96
CE MLY D 59 23.29 -38.61 -6.46
NZ MLY D 59 23.35 -37.21 -5.99
C MLY D 59 21.74 -43.70 -6.14
O MLY D 59 22.46 -44.09 -7.12
N MLY D 60 22.04 -44.02 -4.88
CA MLY D 60 23.28 -44.80 -4.59
CB MLY D 60 23.54 -44.83 -3.09
CG MLY D 60 24.95 -45.39 -2.83
CD MLY D 60 25.51 -44.95 -1.49
CE MLY D 60 26.94 -45.48 -1.35
NZ MLY D 60 27.51 -45.10 -0.05
CH1 MLY D 60 28.55 -46.09 0.32
CH2 MLY D 60 28.14 -43.76 -0.15
C MLY D 60 23.17 -46.20 -5.15
O MLY D 60 24.14 -46.74 -5.69
N ALA D 61 22.00 -46.84 -5.02
CA ALA D 61 21.80 -48.16 -5.60
C ALA D 61 22.03 -48.18 -7.08
N TYR D 62 21.60 -47.13 -7.76
CA TYR D 62 21.90 -46.96 -9.17
C TYR D 62 23.41 -46.79 -9.36
N GLU D 63 24.05 -45.91 -8.60
CA GLU D 63 25.50 -45.70 -8.74
C GLU D 63 26.30 -47.03 -8.60
N MLY D 64 25.84 -47.97 -7.77
CA MLY D 64 26.60 -49.18 -7.45
CB MLY D 64 26.61 -49.36 -5.94
CG MLY D 64 27.59 -48.38 -5.32
CD MLY D 64 27.54 -48.38 -3.79
CE MLY D 64 28.41 -49.49 -3.19
NZ MLY D 64 27.89 -49.87 -1.87
C MLY D 64 26.01 -50.37 -8.15
O MLY D 64 26.41 -51.52 -7.88
N ASN D 65 25.13 -50.12 -9.12
CA ASN D 65 24.50 -51.15 -9.92
C ASN D 65 23.82 -52.24 -9.07
N GLU D 66 23.09 -51.83 -8.04
CA GLU D 66 22.34 -52.77 -7.18
C GLU D 66 20.88 -52.93 -7.54
N ILE D 67 20.42 -52.22 -8.58
CA ILE D 67 19.01 -52.24 -8.98
C ILE D 67 19.01 -52.25 -10.51
N MLY D 68 18.32 -53.21 -11.14
CA MLY D 68 18.15 -53.16 -12.61
CB MLY D 68 17.89 -54.55 -13.23
CG MLY D 68 18.74 -55.67 -12.63
CD MLY D 68 20.23 -55.33 -12.53
CE MLY D 68 20.79 -55.62 -11.14
NZ MLY D 68 21.51 -56.90 -11.15
C MLY D 68 16.99 -52.26 -12.94
O MLY D 68 16.02 -52.13 -12.15
N MLY D 69 17.11 -51.61 -14.10
CA MLY D 69 16.01 -50.86 -14.72
CB MLY D 69 16.40 -50.44 -16.14
CG MLY D 69 15.46 -49.37 -16.69
CD MLY D 69 14.94 -49.74 -18.08
CE MLY D 69 16.01 -49.55 -19.15
NZ MLY D 69 15.37 -49.22 -20.44
C MLY D 69 14.79 -51.72 -14.75
O MLY D 69 14.87 -52.89 -15.14
N GLY D 70 13.67 -51.19 -14.29
CA GLY D 70 12.40 -51.93 -14.27
C GLY D 70 12.24 -52.92 -13.12
N ALA D 71 13.23 -53.04 -12.24
CA ALA D 71 13.13 -53.98 -11.13
C ALA D 71 12.11 -53.47 -10.12
N PRO D 72 11.37 -54.38 -9.48
CA PRO D 72 10.41 -53.97 -8.46
C PRO D 72 11.12 -53.52 -7.18
N ILE D 73 10.57 -52.48 -6.55
CA ILE D 73 11.07 -51.99 -5.28
C ILE D 73 10.08 -52.44 -4.23
N VAL D 74 10.57 -53.18 -3.25
CA VAL D 74 9.72 -53.81 -2.27
C VAL D 74 10.21 -53.49 -0.87
N GLU D 75 9.29 -53.05 -0.02
CA GLU D 75 9.64 -52.43 1.25
C GLU D 75 8.49 -52.56 2.22
N ALA D 76 8.82 -52.68 3.49
CA ALA D 76 7.82 -52.70 4.56
C ALA D 76 7.84 -51.33 5.21
N THR D 77 6.70 -50.81 5.64
CA THR D 77 6.66 -49.37 6.01
C THR D 77 5.67 -49.09 7.09
N SER D 78 5.92 -48.02 7.87
CA SER D 78 4.91 -47.37 8.73
C SER D 78 4.10 -46.34 7.98
N GLY D 79 4.53 -46.01 6.75
CA GLY D 79 3.70 -45.16 5.90
C GLY D 79 4.52 -44.24 5.04
N ASN D 80 5.36 -43.40 5.64
CA ASN D 80 6.11 -42.35 4.90
C ASN D 80 7.14 -42.90 3.99
N THR D 81 7.83 -43.94 4.43
CA THR D 81 8.83 -44.52 3.56
C THR D 81 8.15 -45.18 2.36
N GLY D 82 7.01 -45.82 2.59
CA GLY D 82 6.23 -46.42 1.47
C GLY D 82 5.76 -45.43 0.45
N ILE D 83 5.29 -44.28 0.92
CA ILE D 83 4.83 -43.18 0.06
C ILE D 83 6.02 -42.67 -0.73
N ALA D 84 7.14 -42.42 -0.03
CA ALA D 84 8.33 -41.90 -0.67
C ALA D 84 8.86 -42.78 -1.79
N PHE D 85 8.94 -44.09 -1.51
CA PHE D 85 9.42 -45.03 -2.53
C PHE D 85 8.40 -45.23 -3.65
N SER D 86 7.13 -45.15 -3.34
CA SER D 86 6.09 -45.24 -4.37
C SER D 86 6.21 -44.07 -5.32
N ALA D 87 6.35 -42.85 -4.77
CA ALA D 87 6.50 -41.67 -5.63
C ALA D 87 7.78 -41.76 -6.43
N MET D 88 8.91 -41.91 -5.74
CA MET D 88 10.19 -41.80 -6.42
C MET D 88 10.42 -43.02 -7.36
N GLY D 89 9.90 -44.17 -6.95
CA GLY D 89 9.87 -45.37 -7.78
C GLY D 89 9.09 -45.19 -9.06
N ALA D 90 7.92 -44.56 -8.98
CA ALA D 90 7.17 -44.26 -10.18
C ALA D 90 7.92 -43.30 -11.12
N ILE D 91 8.60 -42.30 -10.57
CA ILE D 91 9.40 -41.37 -11.37
C ILE D 91 10.51 -42.11 -12.12
N LEU D 92 11.10 -43.08 -11.46
CA LEU D 92 12.25 -43.75 -12.00
C LEU D 92 11.89 -44.97 -12.84
N GLY D 93 10.60 -45.21 -13.07
CA GLY D 93 10.16 -46.35 -13.84
C GLY D 93 10.08 -47.68 -13.08
N HIS D 94 9.99 -47.72 -11.75
CA HIS D 94 9.96 -49.02 -11.03
C HIS D 94 8.58 -49.37 -10.54
N PRO D 95 8.14 -50.63 -10.69
CA PRO D 95 6.99 -51.06 -9.91
C PRO D 95 7.36 -51.05 -8.44
N VAL D 96 6.39 -50.83 -7.57
CA VAL D 96 6.64 -50.73 -6.17
C VAL D 96 5.58 -51.56 -5.51
N ILE D 97 5.98 -52.32 -4.48
CA ILE D 97 5.07 -53.17 -3.69
C ILE D 97 5.45 -52.88 -2.25
N ILE D 98 4.43 -52.63 -1.47
CA ILE D 98 4.58 -52.15 -0.11
C ILE D 98 3.75 -52.99 0.81
N TYR D 99 4.38 -53.45 1.89
CA TYR D 99 3.68 -54.15 2.95
C TYR D 99 3.63 -53.21 4.13
N MET D 100 2.45 -53.06 4.70
CA MET D 100 2.23 -52.11 5.78
C MET D 100 1.33 -52.71 6.81
N PRO D 101 1.64 -52.50 8.10
CA PRO D 101 0.67 -52.92 9.11
C PRO D 101 -0.64 -52.19 8.96
N ASP D 102 -1.73 -52.92 9.20
CA ASP D 102 -3.10 -52.42 8.94
C ASP D 102 -3.66 -51.40 9.94
N TRP D 103 -2.94 -51.10 11.01
CA TRP D 103 -3.37 -50.07 11.97
C TRP D 103 -2.74 -48.67 11.70
N MET D 104 -1.86 -48.52 10.69
CA MET D 104 -1.34 -47.19 10.31
C MET D 104 -2.48 -46.35 9.67
N SER D 105 -2.32 -45.01 9.62
CA SER D 105 -3.36 -44.11 9.04
C SER D 105 -3.95 -44.67 7.77
N GLU D 106 -5.27 -44.60 7.64
CA GLU D 106 -5.93 -44.89 6.38
C GLU D 106 -5.42 -44.01 5.18
N GLU D 107 -5.01 -42.78 5.48
CA GLU D 107 -4.48 -41.85 4.47
C GLU D 107 -3.21 -42.43 3.83
N ARG D 108 -2.37 -43.07 4.63
CA ARG D 108 -1.18 -43.76 4.11
C ARG D 108 -1.51 -44.78 3.03
N MLY D 109 -2.52 -45.61 3.29
CA MLY D 109 -2.98 -46.63 2.33
CB MLY D 109 -4.17 -47.35 2.95
CG MLY D 109 -4.58 -48.59 2.19
CD MLY D 109 -6.06 -48.89 2.41
CE MLY D 109 -6.29 -50.21 3.14
NZ MLY D 109 -7.71 -50.58 3.08
C MLY D 109 -3.39 -45.99 1.04
O MLY D 109 -2.95 -46.40 -0.05
N SER D 110 -4.26 -44.99 1.13
CA SER D 110 -4.80 -44.34 -0.06
C SER D 110 -3.73 -43.70 -0.85
N LEU D 111 -2.82 -43.01 -0.16
CA LEU D 111 -1.77 -42.30 -0.84
C LEU D 111 -0.87 -43.29 -1.57
N ILE D 112 -0.51 -44.40 -0.92
CA ILE D 112 0.40 -45.36 -1.53
C ILE D 112 -0.21 -45.89 -2.82
N ARG D 113 -1.49 -46.23 -2.81
CA ARG D 113 -2.20 -46.63 -4.04
C ARG D 113 -2.26 -45.56 -5.08
N SER D 114 -2.46 -44.31 -4.63
CA SER D 114 -2.55 -43.20 -5.60
C SER D 114 -1.26 -43.08 -6.39
N PHE D 115 -0.13 -43.45 -5.77
CA PHE D 115 1.20 -43.42 -6.46
C PHE D 115 1.47 -44.66 -7.33
N GLY D 116 0.50 -45.59 -7.39
CA GLY D 116 0.52 -46.71 -8.31
C GLY D 116 1.20 -47.95 -7.74
N ALA D 117 1.51 -47.94 -6.46
CA ALA D 117 2.14 -49.03 -5.81
C ALA D 117 1.06 -50.03 -5.43
N MLY D 118 1.42 -51.31 -5.40
CA MLY D 118 0.52 -52.29 -4.83
CB MLY D 118 0.79 -53.65 -5.46
CG MLY D 118 0.00 -54.78 -4.79
CD MLY D 118 -1.49 -54.73 -5.10
CE MLY D 118 -2.26 -55.38 -3.94
NZ MLY D 118 -3.70 -55.60 -4.20
CH1 MLY D 118 -4.45 -55.50 -2.95
CH2 MLY D 118 -4.27 -54.68 -5.20
C MLY D 118 0.74 -52.31 -3.34
O MLY D 118 1.87 -52.41 -2.89
N ILE D 119 -0.34 -52.21 -2.58
CA ILE D 119 -0.23 -52.17 -1.12
C ILE D 119 -0.85 -53.47 -0.57
N ILE D 120 -0.10 -54.20 0.24
CA ILE D 120 -0.64 -55.28 1.07
C ILE D 120 -0.65 -54.88 2.54
N LEU D 121 -1.83 -54.91 3.16
CA LEU D 121 -1.96 -54.65 4.58
C LEU D 121 -1.72 -55.91 5.41
N VAL D 122 -1.09 -55.74 6.56
CA VAL D 122 -0.69 -56.84 7.40
C VAL D 122 -1.25 -56.63 8.81
N SER D 123 -2.03 -57.60 9.28
CA SER D 123 -2.60 -57.55 10.65
C SER D 123 -1.59 -57.84 11.75
N ARG D 124 -2.01 -57.59 13.00
CA ARG D 124 -1.27 -58.07 14.19
C ARG D 124 -1.12 -59.60 14.06
N MLY D 125 -2.24 -60.27 13.77
CA MLY D 125 -2.31 -61.76 13.68
CB MLY D 125 -3.67 -62.20 13.16
CG MLY D 125 -4.68 -62.39 14.29
CD MLY D 125 -6.01 -62.89 13.72
CE MLY D 125 -6.95 -63.34 14.82
NZ MLY D 125 -6.72 -64.76 15.14
C MLY D 125 -1.26 -62.25 12.73
O MLY D 125 -0.63 -63.25 13.00
N GLU D 126 -1.08 -61.54 11.61
CA GLU D 126 -0.10 -61.91 10.60
C GLU D 126 1.31 -61.45 10.92
N GLY D 127 1.56 -60.87 12.09
CA GLY D 127 2.94 -60.53 12.52
C GLY D 127 3.30 -59.03 12.45
N GLY D 128 2.35 -58.15 12.12
CA GLY D 128 2.61 -56.69 12.13
C GLY D 128 3.84 -56.29 11.30
N PHE D 129 4.75 -55.52 11.89
CA PHE D 129 5.91 -55.00 11.17
C PHE D 129 6.89 -56.06 10.81
N LEU D 130 7.19 -56.95 11.76
CA LEU D 130 8.06 -58.09 11.51
C LEU D 130 7.50 -58.95 10.39
N GLY D 131 6.20 -59.21 10.41
CA GLY D 131 5.53 -59.91 9.32
C GLY D 131 5.64 -59.21 7.97
N SER D 132 5.57 -57.88 7.99
CA SER D 132 5.72 -57.07 6.79
C SER D 132 7.08 -57.22 6.19
N ILE D 133 8.09 -57.03 7.04
CA ILE D 133 9.48 -57.26 6.66
C ILE D 133 9.73 -58.68 6.11
N GLU D 134 9.20 -59.69 6.80
CA GLU D 134 9.35 -61.06 6.31
C GLU D 134 8.71 -61.23 4.91
N MLY D 135 7.54 -60.61 4.68
CA MLY D 135 6.90 -60.74 3.36
CB MLY D 135 5.48 -60.19 3.40
CG MLY D 135 4.51 -61.18 4.05
CD MLY D 135 3.11 -60.57 4.18
CE MLY D 135 2.14 -61.52 4.88
NZ MLY D 135 2.58 -61.76 6.26
C MLY D 135 7.72 -60.04 2.32
O MLY D 135 7.64 -60.41 1.13
N THR D 136 8.53 -59.04 2.67
CA THR D 136 9.48 -58.46 1.72
C THR D 136 10.56 -59.49 1.33
N MLY D 137 11.06 -60.25 2.30
CA MLY D 137 12.07 -61.27 1.99
CB MLY D 137 12.68 -61.81 3.28
CG MLY D 137 13.51 -60.72 3.97
CD MLY D 137 14.03 -61.19 5.33
CE MLY D 137 14.73 -60.04 6.05
NZ MLY D 137 15.38 -60.55 7.28
C MLY D 137 11.46 -62.38 1.16
O MLY D 137 12.08 -62.79 0.19
N GLU D 138 10.22 -62.80 1.41
CA GLU D 138 9.58 -63.83 0.57
C GLU D 138 9.31 -63.36 -0.86
N PHE D 139 9.00 -62.06 -1.05
CA PHE D 139 8.82 -61.54 -2.39
C PHE D 139 10.12 -61.66 -3.17
N ALA D 140 11.22 -61.29 -2.54
CA ALA D 140 12.50 -61.31 -3.18
C ALA D 140 12.93 -62.75 -3.53
N MLY D 141 12.65 -63.74 -2.66
CA MLY D 141 12.95 -65.16 -2.99
CB MLY D 141 12.65 -66.06 -1.78
CG MLY D 141 13.90 -66.27 -0.94
CD MLY D 141 13.59 -67.04 0.34
CE MLY D 141 13.58 -66.12 1.58
NZ MLY D 141 14.61 -66.55 2.53
CH1 MLY D 141 15.28 -65.38 3.12
CH2 MLY D 141 14.00 -67.36 3.60
C MLY D 141 12.16 -65.60 -4.17
O MLY D 141 12.64 -66.36 -4.99
N ASN D 142 10.93 -65.09 -4.34
CA ASN D 142 10.04 -65.55 -5.39
C ASN D 142 10.12 -64.83 -6.73
N ASN D 143 10.67 -63.62 -6.73
CA ASN D 143 10.71 -62.74 -7.91
C ASN D 143 12.18 -62.32 -8.03
N PRO D 144 12.89 -62.83 -9.06
CA PRO D 144 14.36 -62.77 -9.08
C PRO D 144 15.00 -61.40 -8.78
N ASP D 145 14.88 -60.42 -9.69
CA ASP D 145 15.70 -59.17 -9.61
C ASP D 145 15.08 -58.08 -8.69
N THR D 146 14.59 -58.48 -7.52
CA THR D 146 13.93 -57.58 -6.62
C THR D 146 14.91 -56.65 -5.97
N TYR D 147 14.59 -55.34 -5.91
CA TYR D 147 15.35 -54.45 -5.05
C TYR D 147 14.65 -54.18 -3.72
N LEU D 148 15.39 -54.44 -2.64
CA LEU D 148 14.92 -54.25 -1.29
C LEU D 148 15.67 -53.10 -0.71
N PRO D 149 15.02 -51.94 -0.44
CA PRO D 149 15.75 -50.87 0.23
C PRO D 149 16.17 -51.20 1.65
N SER D 150 15.47 -52.14 2.30
CA SER D 150 15.82 -52.68 3.63
C SER D 150 16.07 -51.56 4.61
N GLN D 151 15.06 -50.71 4.78
CA GLN D 151 15.25 -49.49 5.54
C GLN D 151 15.66 -49.67 6.98
N PHE D 152 15.29 -50.79 7.59
CA PHE D 152 15.59 -51.02 9.01
C PHE D 152 17.03 -51.49 9.24
N SER D 153 17.75 -51.86 8.18
CA SER D 153 19.17 -52.20 8.29
C SER D 153 20.11 -51.56 7.30
N ASN D 154 19.60 -50.95 6.22
CA ASN D 154 20.49 -50.45 5.16
C ASN D 154 21.22 -49.22 5.63
N LEU D 155 22.55 -49.24 5.54
CA LEU D 155 23.34 -48.07 5.88
C LEU D 155 23.04 -46.80 5.01
N TYR D 156 22.54 -47.00 3.78
CA TYR D 156 22.17 -45.88 2.91
C TYR D 156 21.10 -45.03 3.66
N ASN D 157 20.28 -45.60 4.52
CA ASN D 157 19.28 -44.82 5.27
C ASN D 157 20.00 -43.76 6.12
N SER D 158 20.86 -44.15 7.06
CA SER D 158 21.54 -43.16 7.92
C SER D 158 22.47 -42.29 7.11
N GLU D 159 23.09 -42.87 6.08
CA GLU D 159 23.93 -42.10 5.17
C GLU D 159 23.14 -40.94 4.50
N ALA D 160 21.93 -41.24 4.06
CA ALA D 160 21.12 -40.17 3.48
C ALA D 160 21.07 -38.91 4.37
N HIS D 161 20.90 -39.13 5.67
CA HIS D 161 20.74 -38.07 6.62
C HIS D 161 22.07 -37.49 7.08
N TYR D 162 23.14 -38.28 7.10
CA TYR D 162 24.50 -37.75 7.23
C TYR D 162 24.84 -36.75 6.11
N TYR D 163 24.59 -37.11 4.85
CA TYR D 163 24.94 -36.26 3.70
C TYR D 163 23.88 -35.17 3.40
N GLY D 164 22.64 -35.41 3.76
CA GLY D 164 21.57 -34.50 3.44
C GLY D 164 21.24 -33.55 4.58
N ILE D 165 20.22 -33.91 5.32
CA ILE D 165 19.69 -33.08 6.37
C ILE D 165 20.69 -32.75 7.50
N GLY D 166 21.50 -33.72 7.96
CA GLY D 166 22.51 -33.40 9.00
C GLY D 166 23.49 -32.30 8.57
N LEU D 167 23.92 -32.31 7.31
CA LEU D 167 24.80 -31.27 6.80
C LEU D 167 24.10 -29.94 6.74
N GLU D 168 22.83 -29.91 6.27
CA GLU D 168 22.09 -28.65 6.30
C GLU D 168 21.97 -28.13 7.72
N ILE D 169 21.68 -29.04 8.65
CA ILE D 169 21.57 -28.66 10.06
C ILE D 169 22.86 -27.98 10.59
N VAL D 170 23.99 -28.62 10.39
CA VAL D 170 25.28 -28.06 10.83
C VAL D 170 25.62 -26.75 10.10
N ASN D 171 25.48 -26.69 8.79
CA ASN D 171 25.71 -25.45 8.06
C ASN D 171 24.81 -24.31 8.56
N GLU D 172 23.53 -24.61 8.85
CA GLU D 172 22.60 -23.59 9.34
C GLU D 172 22.97 -23.09 10.76
N MET D 173 23.35 -24.01 11.63
CA MET D 173 23.66 -23.59 12.99
C MET D 173 24.99 -22.80 13.02
N MLY D 174 25.93 -23.12 12.15
CA MLY D 174 27.21 -22.36 12.01
CB MLY D 174 28.18 -23.10 11.10
CG MLY D 174 28.99 -24.11 11.91
CD MLY D 174 29.73 -25.10 11.02
CE MLY D 174 31.24 -24.96 11.12
NZ MLY D 174 31.89 -25.74 10.07
C MLY D 174 26.96 -20.98 11.46
O MLY D 174 27.60 -20.04 11.91
N SER D 175 25.99 -20.81 10.54
CA SER D 175 25.64 -19.49 10.03
C SER D 175 25.11 -18.56 11.12
N LEU D 176 24.53 -19.12 12.18
CA LEU D 176 24.10 -18.35 13.36
C LEU D 176 25.17 -18.20 14.50
N ASN D 177 26.38 -18.72 14.27
CA ASN D 177 27.46 -18.77 15.25
C ASN D 177 27.08 -19.45 16.57
N LEU D 178 26.36 -20.57 16.47
CA LEU D 178 25.95 -21.35 17.61
C LEU D 178 26.62 -22.72 17.59
N ASN D 179 26.91 -23.20 18.78
CA ASN D 179 27.28 -24.58 19.03
C ASN D 179 26.01 -25.37 19.24
N ILE D 180 25.94 -26.55 18.67
CA ILE D 180 24.85 -27.47 18.92
C ILE D 180 25.20 -28.30 20.14
N ASP D 181 24.37 -28.18 21.16
CA ASP D 181 24.57 -28.89 22.42
C ASP D 181 23.80 -30.21 22.45
N GLY D 182 22.70 -30.30 21.70
CA GLY D 182 21.92 -31.53 21.65
C GLY D 182 21.05 -31.69 20.39
N PHE D 183 20.77 -32.95 20.06
CA PHE D 183 19.79 -33.31 19.04
C PHE D 183 18.93 -34.44 19.60
N VAL D 184 17.62 -34.38 19.34
CA VAL D 184 16.70 -35.48 19.60
C VAL D 184 15.92 -35.88 18.34
N ALA D 185 15.64 -37.19 18.20
CA ALA D 185 14.70 -37.68 17.17
C ALA D 185 14.13 -39.03 17.54
N GLY D 186 12.82 -39.17 17.36
CA GLY D 186 12.15 -40.47 17.48
C GLY D 186 12.71 -41.49 16.51
N VAL D 187 12.77 -42.74 16.95
CA VAL D 187 13.40 -43.82 16.18
C VAL D 187 12.31 -44.77 15.64
N GLY D 188 12.35 -44.95 14.32
CA GLY D 188 11.57 -45.96 13.64
C GLY D 188 12.56 -46.92 13.04
N THR D 189 13.22 -46.47 11.97
CA THR D 189 14.43 -47.11 11.49
C THR D 189 15.72 -46.74 12.25
N GLY D 190 15.72 -45.56 12.87
CA GLY D 190 16.96 -44.98 13.38
C GLY D 190 17.81 -44.23 12.37
N GLY D 191 17.42 -44.18 11.09
CA GLY D 191 18.22 -43.47 10.11
C GLY D 191 18.42 -42.02 10.48
N THR D 192 17.34 -41.37 10.86
CA THR D 192 17.39 -39.98 11.25
C THR D 192 18.41 -39.70 12.38
N VAL D 193 18.22 -40.34 13.53
CA VAL D 193 19.14 -40.08 14.68
C VAL D 193 20.60 -40.52 14.40
N MET D 194 20.80 -41.66 13.76
CA MET D 194 22.15 -42.15 13.43
C MET D 194 22.87 -41.25 12.43
N GLY D 195 22.15 -40.85 11.39
CA GLY D 195 22.75 -40.04 10.35
C GLY D 195 23.01 -38.62 10.71
N ILE D 196 22.04 -38.00 11.30
CA ILE D 196 22.21 -36.62 11.78
C ILE D 196 23.22 -36.61 12.95
N GLY D 197 23.06 -37.53 13.90
CA GLY D 197 23.98 -37.73 15.04
C GLY D 197 25.44 -37.76 14.66
N MLY D 198 25.80 -38.61 13.70
CA MLY D 198 27.14 -38.75 13.16
CB MLY D 198 27.15 -39.80 12.06
CG MLY D 198 28.56 -40.16 11.62
CD MLY D 198 28.54 -41.31 10.63
CE MLY D 198 29.90 -41.47 9.94
NZ MLY D 198 29.83 -42.35 8.77
CH1 MLY D 198 29.04 -43.57 9.05
CH2 MLY D 198 29.24 -41.65 7.61
C MLY D 198 27.61 -37.43 12.63
O MLY D 198 28.74 -37.01 12.95
N ARG D 199 26.80 -36.71 11.84
CA ARG D 199 27.25 -35.42 11.33
C ARG D 199 27.35 -34.38 12.47
N ILE D 200 26.38 -34.33 13.36
CA ILE D 200 26.48 -33.30 14.42
C ILE D 200 27.75 -33.51 15.28
N MLY D 201 28.02 -34.76 15.67
CA MLY D 201 29.18 -35.10 16.51
CB MLY D 201 29.17 -36.58 16.90
CG MLY D 201 28.23 -36.85 18.06
CD MLY D 201 28.80 -37.88 19.03
CE MLY D 201 27.69 -38.68 19.71
NZ MLY D 201 27.97 -38.83 21.15
C MLY D 201 30.46 -34.77 15.78
O MLY D 201 31.33 -34.18 16.40
N GLU D 202 30.58 -35.05 14.48
CA GLU D 202 31.77 -34.60 13.73
C GLU D 202 32.07 -33.08 13.80
N ASN D 203 31.07 -32.25 14.07
CA ASN D 203 31.29 -30.84 14.11
C ASN D 203 31.19 -30.24 15.53
N PHE D 204 30.62 -30.97 16.50
CA PHE D 204 30.40 -30.49 17.85
C PHE D 204 30.60 -31.69 18.76
N SER D 205 31.84 -31.90 19.20
CA SER D 205 32.18 -33.20 19.80
C SER D 205 31.43 -33.50 21.11
N ASN D 206 30.96 -32.46 21.81
CA ASN D 206 30.18 -32.62 23.05
C ASN D 206 28.68 -32.62 22.93
N ALA D 207 28.15 -32.69 21.70
CA ALA D 207 26.69 -32.66 21.50
C ALA D 207 26.08 -33.96 22.02
N MLY D 208 24.98 -33.93 22.76
CA MLY D 208 24.26 -35.18 23.10
CB MLY D 208 23.46 -35.02 24.39
CG MLY D 208 24.34 -34.60 25.57
CD MLY D 208 25.41 -35.64 25.90
CE MLY D 208 25.66 -35.69 27.41
NZ MLY D 208 26.81 -36.57 27.70
C MLY D 208 23.31 -35.54 21.99
O MLY D 208 22.53 -34.69 21.53
N ILE D 209 23.35 -36.79 21.52
CA ILE D 209 22.41 -37.27 20.50
C ILE D 209 21.47 -38.30 21.09
N CYS D 210 20.23 -37.92 21.34
CA CYS D 210 19.29 -38.78 22.02
C CYS D 210 18.18 -39.37 21.14
N PRO D 211 18.08 -40.73 21.09
CA PRO D 211 16.91 -41.35 20.46
C PRO D 211 15.69 -41.24 21.32
N LEU D 212 14.54 -41.07 20.68
CA LEU D 212 13.29 -40.98 21.37
C LEU D 212 12.43 -42.24 21.16
N GLU D 213 11.64 -42.58 22.18
CA GLU D 213 10.70 -43.67 22.12
C GLU D 213 9.41 -43.20 22.80
N PRO D 214 8.28 -43.90 22.55
CA PRO D 214 7.09 -43.65 23.32
C PRO D 214 7.22 -44.21 24.73
N LEU D 215 6.82 -43.44 25.73
CA LEU D 215 6.80 -43.91 27.11
C LEU D 215 6.05 -45.23 27.27
N ASN D 216 4.91 -45.32 26.57
CA ASN D 216 3.99 -46.47 26.57
C ASN D 216 4.59 -47.75 26.05
N SER D 217 5.57 -47.64 25.14
CA SER D 217 6.19 -48.78 24.49
C SER D 217 7.71 -48.53 24.48
N PRO D 218 8.35 -48.67 25.66
CA PRO D 218 9.74 -48.25 25.79
C PRO D 218 10.66 -49.33 25.29
N THR D 219 10.66 -49.50 23.97
CA THR D 219 11.34 -50.62 23.34
C THR D 219 12.86 -50.46 23.35
N LEU D 220 13.34 -49.22 23.26
CA LEU D 220 14.77 -48.98 23.20
C LEU D 220 15.44 -49.08 24.55
N SER D 221 14.88 -48.40 25.54
CA SER D 221 15.50 -48.39 26.87
C SER D 221 15.33 -49.74 27.63
N THR D 222 14.27 -50.51 27.37
CA THR D 222 14.14 -51.88 27.94
C THR D 222 14.83 -52.94 27.07
N GLY D 223 14.89 -52.68 25.75
CA GLY D 223 15.50 -53.60 24.81
C GLY D 223 14.56 -54.69 24.31
N TYR D 224 13.27 -54.60 24.65
CA TYR D 224 12.32 -55.70 24.43
C TYR D 224 10.85 -55.38 24.46
N MLY D 225 10.43 -54.50 25.37
CA MLY D 225 9.01 -54.25 25.67
CB MLY D 225 8.91 -53.31 26.86
CG MLY D 225 7.57 -53.40 27.56
CD MLY D 225 7.69 -52.98 29.02
CE MLY D 225 6.35 -53.06 29.74
NZ MLY D 225 6.59 -53.21 31.18
C MLY D 225 8.32 -53.63 24.47
O MLY D 225 8.80 -52.62 23.94
N VAL D 226 7.24 -54.24 24.03
CA VAL D 226 6.43 -53.69 22.93
C VAL D 226 4.98 -53.59 23.40
N ALA D 227 4.31 -52.52 23.00
CA ALA D 227 2.90 -52.31 23.32
C ALA D 227 2.33 -51.28 22.34
N MLY D 228 1.02 -51.08 22.43
CA MLY D 228 0.30 -50.13 21.59
CB MLY D 228 -1.20 -50.21 21.84
CG MLY D 228 -1.94 -50.90 20.71
CD MLY D 228 -3.46 -50.76 20.89
CE MLY D 228 -4.02 -49.63 20.02
NZ MLY D 228 -3.42 -48.34 20.39
C MLY D 228 0.76 -48.74 21.88
O MLY D 228 0.92 -48.37 23.06
N HIS D 229 1.00 -47.96 20.82
CA HIS D 229 1.14 -46.52 20.94
C HIS D 229 0.71 -45.84 19.62
N ARG D 230 0.46 -44.55 19.69
CA ARG D 230 -0.07 -43.78 18.55
C ARG D 230 0.92 -42.82 17.86
N ILE D 231 2.21 -42.84 18.23
CA ILE D 231 3.19 -41.93 17.67
C ILE D 231 3.62 -42.60 16.37
N GLU D 232 2.81 -42.42 15.32
CA GLU D 232 3.03 -43.15 14.06
C GLU D 232 4.37 -42.78 13.48
N GLY D 233 5.06 -43.80 12.99
CA GLY D 233 6.35 -43.67 12.37
C GLY D 233 7.52 -44.04 13.27
N ILE D 234 7.35 -43.95 14.61
CA ILE D 234 8.40 -44.41 15.52
C ILE D 234 7.99 -45.70 16.26
N SER D 235 8.99 -46.39 16.80
CA SER D 235 8.83 -47.61 17.62
C SER D 235 7.98 -48.70 16.99
N ASP D 236 8.58 -49.39 16.04
CA ASP D 236 7.93 -50.31 15.11
C ASP D 236 8.00 -51.81 15.55
N GLU D 237 7.95 -52.05 16.87
CA GLU D 237 7.83 -53.39 17.47
C GLU D 237 9.11 -54.19 17.57
N PHE D 238 10.25 -53.52 17.38
CA PHE D 238 11.57 -54.08 17.64
C PHE D 238 12.62 -52.96 17.65
N ILE D 239 13.88 -53.31 17.91
CA ILE D 239 15.01 -52.40 17.75
C ILE D 239 15.60 -52.70 16.40
N PRO D 240 15.55 -51.73 15.47
CA PRO D 240 16.18 -52.01 14.17
C PRO D 240 17.68 -52.20 14.27
N ASP D 241 18.25 -53.02 13.40
CA ASP D 241 19.71 -53.19 13.30
C ASP D 241 20.48 -51.90 12.95
N LEU D 242 19.87 -51.02 12.17
CA LEU D 242 20.49 -49.72 11.88
C LEU D 242 20.77 -48.85 13.13
N VAL D 243 19.90 -48.89 14.13
CA VAL D 243 20.08 -48.03 15.28
C VAL D 243 21.06 -48.69 16.28
N MLY D 244 22.13 -47.97 16.63
CA MLY D 244 23.17 -48.49 17.53
CB MLY D 244 24.55 -48.35 16.91
CG MLY D 244 24.66 -49.04 15.54
CD MLY D 244 24.45 -50.55 15.65
CE MLY D 244 24.73 -51.22 14.30
NZ MLY D 244 24.66 -52.69 14.38
CH1 MLY D 244 23.59 -53.16 15.30
CH2 MLY D 244 24.44 -53.25 13.04
C MLY D 244 23.13 -47.73 18.82
O MLY D 244 23.76 -46.68 18.95
N LEU D 245 22.39 -48.25 19.79
CA LEU D 245 22.18 -47.51 21.04
C LEU D 245 23.48 -47.21 21.80
N ASP D 246 24.53 -47.99 21.62
CA ASP D 246 25.79 -47.63 22.32
C ASP D 246 26.75 -46.76 21.48
N MLY D 247 26.26 -46.18 20.38
CA MLY D 247 26.90 -45.05 19.72
CB MLY D 247 27.06 -45.37 18.24
CG MLY D 247 28.01 -46.54 18.02
CD MLY D 247 28.45 -46.63 16.56
CE MLY D 247 28.95 -48.03 16.20
NZ MLY D 247 30.41 -48.01 16.05
C MLY D 247 26.08 -43.81 19.91
O MLY D 247 26.45 -42.75 19.38
N LEU D 248 25.00 -43.86 20.69
CA LEU D 248 24.15 -42.70 20.97
C LEU D 248 24.14 -42.41 22.45
N ASP D 249 23.53 -41.30 22.82
CA ASP D 249 23.37 -40.94 24.23
C ASP D 249 22.07 -41.52 24.78
N ASN D 250 21.60 -41.06 25.94
CA ASN D 250 20.49 -41.75 26.63
C ASN D 250 19.15 -41.49 25.94
N VAL D 251 18.27 -42.47 26.10
CA VAL D 251 16.94 -42.48 25.55
C VAL D 251 16.05 -41.47 26.25
N VAL D 252 15.30 -40.75 25.43
CA VAL D 252 14.34 -39.80 25.90
C VAL D 252 13.01 -40.48 25.58
N SER D 253 12.06 -40.42 26.53
CA SER D 253 10.79 -41.14 26.46
C SER D 253 9.67 -40.12 26.64
N VAL D 254 8.65 -40.17 25.76
CA VAL D 254 7.56 -39.19 25.72
C VAL D 254 6.21 -39.91 25.67
N ASP D 255 5.22 -39.44 26.41
CA ASP D 255 3.90 -40.09 26.39
C ASP D 255 3.16 -39.77 25.04
N ASP D 256 2.62 -40.82 24.42
CA ASP D 256 1.49 -40.86 23.49
C ASP D 256 0.68 -39.55 23.36
N GLY D 257 0.00 -39.23 24.45
CA GLY D 257 -0.96 -38.18 24.50
C GLY D 257 -0.27 -36.85 24.70
N ASP D 258 0.91 -36.88 25.31
CA ASP D 258 1.72 -35.69 25.47
C ASP D 258 2.27 -35.21 24.05
N ALA D 259 2.63 -36.17 23.21
CA ALA D 259 3.07 -35.88 21.80
C ALA D 259 1.93 -35.40 20.91
N ILE D 260 0.78 -36.05 21.03
CA ILE D 260 -0.43 -35.57 20.37
C ILE D 260 -0.77 -34.11 20.79
N VAL D 261 -0.77 -33.82 22.08
CA VAL D 261 -1.15 -32.48 22.57
C VAL D 261 -0.13 -31.44 22.08
N MET D 262 1.16 -31.75 22.14
CA MET D 262 2.15 -30.80 21.66
C MET D 262 1.99 -30.53 20.12
N ALA D 263 1.67 -31.57 19.35
CA ALA D 263 1.48 -31.43 17.88
C ALA D 263 0.27 -30.57 17.59
N GLN D 264 -0.77 -30.69 18.43
CA GLN D 264 -1.91 -29.78 18.41
C GLN D 264 -1.57 -28.31 18.75
N MLY D 265 -0.76 -28.06 19.78
CA MLY D 265 -0.29 -26.69 20.09
CB MLY D 265 0.56 -26.70 21.37
CG MLY D 265 -0.30 -26.89 22.62
CD MLY D 265 0.52 -26.71 23.90
CE MLY D 265 -0.29 -27.03 25.17
NZ MLY D 265 -1.32 -26.03 25.53
CH1 MLY D 265 -0.98 -24.64 25.15
CH2 MLY D 265 -2.65 -26.40 25.01
C MLY D 265 0.52 -26.14 18.94
O MLY D 265 0.44 -24.98 18.59
N LEU D 266 1.31 -26.98 18.28
CA LEU D 266 2.11 -26.48 17.15
C LEU D 266 1.24 -26.04 16.00
N ALA D 267 0.22 -26.81 15.71
CA ALA D 267 -0.70 -26.45 14.65
C ALA D 267 -1.40 -25.12 14.94
N MLY D 268 -1.77 -24.87 16.22
CA MLY D 268 -2.41 -23.60 16.62
CB MLY D 268 -2.99 -23.71 18.04
CG MLY D 268 -4.41 -24.28 17.99
CD MLY D 268 -4.93 -24.60 19.39
CE MLY D 268 -5.14 -23.33 20.22
NZ MLY D 268 -6.53 -23.30 20.72
C MLY D 268 -1.44 -22.45 16.53
O MLY D 268 -1.87 -21.32 16.50
N CYS D 269 -0.14 -22.69 16.47
CA CYS D 269 0.83 -21.63 16.22
C CYS D 269 1.24 -21.50 14.72
N GLY D 270 0.61 -22.29 13.83
CA GLY D 270 0.80 -22.19 12.37
C GLY D 270 1.63 -23.29 11.72
N LEU D 271 2.00 -24.29 12.52
CA LEU D 271 2.91 -25.37 12.12
C LEU D 271 2.14 -26.67 12.21
N GLY D 272 1.53 -27.02 11.09
CA GLY D 272 0.70 -28.23 11.02
C GLY D 272 1.64 -29.41 10.89
N VAL D 273 1.79 -30.18 11.96
CA VAL D 273 2.84 -31.24 12.01
C VAL D 273 2.27 -32.55 12.51
N GLY D 274 2.89 -33.63 12.15
CA GLY D 274 2.44 -34.97 12.57
C GLY D 274 2.69 -35.18 14.08
N ILE D 275 2.21 -36.32 14.56
CA ILE D 275 2.27 -36.67 16.02
C ILE D 275 3.74 -36.80 16.46
N SER D 276 4.55 -37.50 15.66
CA SER D 276 5.97 -37.68 15.98
C SER D 276 6.75 -36.34 16.08
N SER D 277 6.27 -35.31 15.36
CA SER D 277 6.79 -33.95 15.45
C SER D 277 6.56 -33.32 16.83
N GLY D 278 5.39 -33.60 17.37
CA GLY D 278 5.01 -33.22 18.75
C GLY D 278 5.91 -33.92 19.75
N ALA D 279 6.06 -35.23 19.59
CA ALA D 279 6.98 -36.01 20.42
C ALA D 279 8.39 -35.43 20.40
N ASN D 280 8.87 -35.08 19.22
CA ASN D 280 10.25 -34.59 19.05
C ASN D 280 10.44 -33.26 19.73
N PHE D 281 9.43 -32.40 19.67
CA PHE D 281 9.51 -31.12 20.34
C PHE D 281 9.64 -31.36 21.87
N ILE D 282 8.79 -32.24 22.41
CA ILE D 282 8.85 -32.61 23.83
C ILE D 282 10.20 -33.16 24.13
N GLY D 283 10.65 -34.06 23.26
CA GLY D 283 11.95 -34.70 23.36
C GLY D 283 13.09 -33.73 23.50
N ALA D 284 13.10 -32.72 22.65
CA ALA D 284 14.07 -31.65 22.72
C ALA D 284 14.05 -30.91 24.05
N LEU D 285 12.87 -30.54 24.50
CA LEU D 285 12.68 -29.86 25.78
C LEU D 285 13.26 -30.67 26.93
N MET D 286 12.87 -31.94 27.03
CA MET D 286 13.44 -32.87 28.01
C MET D 286 14.99 -32.87 27.99
N LEU D 287 15.61 -32.98 26.81
CA LEU D 287 17.05 -32.84 26.69
C LEU D 287 17.60 -31.46 27.13
N GLN D 288 16.95 -30.39 26.71
CA GLN D 288 17.33 -29.06 27.15
C GLN D 288 17.25 -28.92 28.71
N ASN D 289 16.29 -29.59 29.33
CA ASN D 289 16.15 -29.55 30.80
C ASN D 289 17.33 -30.19 31.51
N MLY D 290 17.92 -31.23 30.92
CA MLY D 290 19.12 -31.90 31.43
CB MLY D 290 19.41 -33.17 30.64
CG MLY D 290 18.47 -34.32 31.00
CD MLY D 290 18.83 -35.57 30.19
CE MLY D 290 17.62 -36.46 29.96
NZ MLY D 290 18.07 -37.82 29.58
CH1 MLY D 290 16.94 -38.76 29.70
CH2 MLY D 290 18.56 -37.82 28.19
C MLY D 290 20.32 -31.02 31.30
O MLY D 290 21.12 -30.94 32.19
N LEU D 291 20.51 -30.43 30.11
CA LEU D 291 21.77 -29.79 29.75
C LEU D 291 21.88 -28.33 30.10
N GLY D 292 20.76 -27.70 30.35
CA GLY D 292 20.77 -26.30 30.70
C GLY D 292 19.77 -25.52 29.88
N MLY D 293 19.21 -24.52 30.55
CA MLY D 293 18.16 -23.65 30.04
CB MLY D 293 17.96 -22.51 31.04
CG MLY D 293 17.42 -21.24 30.40
CD MLY D 293 17.12 -20.19 31.47
CE MLY D 293 17.99 -18.95 31.30
NZ MLY D 293 17.51 -18.18 30.14
C MLY D 293 18.53 -23.11 28.69
O MLY D 293 17.66 -23.08 27.80
N ASP D 294 19.76 -22.64 28.56
CA ASP D 294 20.21 -21.90 27.40
C ASP D 294 20.78 -22.80 26.31
N SER D 295 20.93 -24.11 26.56
CA SER D 295 21.53 -25.04 25.59
C SER D 295 20.80 -25.07 24.24
N VAL D 296 21.58 -25.23 23.18
CA VAL D 296 21.11 -25.19 21.80
C VAL D 296 20.73 -26.62 21.39
N ILE D 297 19.43 -26.85 21.26
CA ILE D 297 18.90 -28.18 20.97
C ILE D 297 18.16 -28.13 19.63
N VAL D 298 18.51 -29.06 18.73
CA VAL D 298 17.92 -29.15 17.41
C VAL D 298 17.02 -30.41 17.39
N THR D 299 15.92 -30.33 16.67
CA THR D 299 15.14 -31.53 16.32
C THR D 299 14.51 -31.38 14.92
N VAL D 300 13.67 -32.34 14.54
CA VAL D 300 13.05 -32.35 13.21
C VAL D 300 11.58 -32.60 13.36
N PHE D 301 10.81 -32.05 12.43
CA PHE D 301 9.39 -32.33 12.27
C PHE D 301 9.22 -33.21 11.00
N PRO D 302 9.07 -34.53 11.17
CA PRO D 302 9.10 -35.39 10.00
C PRO D 302 8.06 -35.22 8.85
N ASP D 303 6.85 -34.78 9.17
CA ASP D 303 5.75 -34.62 8.20
C ASP D 303 4.69 -33.63 8.71
N ASP D 304 3.69 -33.34 7.85
CA ASP D 304 2.62 -32.41 8.24
C ASP D 304 1.46 -33.18 8.92
N ASN D 305 0.42 -32.44 9.26
CA ASN D 305 -0.73 -33.02 9.92
C ASN D 305 -1.77 -33.70 8.98
N MLY D 306 -1.63 -33.54 7.68
CA MLY D 306 -2.69 -33.92 6.73
CB MLY D 306 -2.32 -33.43 5.34
CG MLY D 306 -2.39 -31.90 5.26
CD MLY D 306 -2.26 -31.46 3.80
CE MLY D 306 -2.16 -29.95 3.68
NZ MLY D 306 -0.83 -29.51 4.13
C MLY D 306 -2.91 -35.41 6.69
O MLY D 306 -4.04 -35.81 6.41
N MLY D 307 -1.93 -36.29 6.97
CA MLY D 307 -2.21 -37.73 6.94
CB MLY D 307 -0.93 -38.54 6.69
CG MLY D 307 -0.37 -38.32 5.28
CD MLY D 307 0.70 -39.35 4.93
CE MLY D 307 1.86 -39.36 5.92
NZ MLY D 307 2.56 -38.06 5.94
C MLY D 307 -2.83 -38.19 8.23
O MLY D 307 -3.06 -39.43 8.35
N TYR D 308 -3.15 -37.31 9.20
CA TYR D 308 -3.54 -37.68 10.54
C TYR D 308 -4.95 -37.20 10.95
N LEU D 309 -5.74 -36.79 9.97
CA LEU D 309 -7.11 -36.34 10.17
C LEU D 309 -8.02 -37.49 10.65
N SER D 310 -7.67 -38.72 10.29
CA SER D 310 -8.42 -39.91 10.74
C SER D 310 -8.02 -40.42 12.10
N THR D 311 -6.97 -39.83 12.67
CA THR D 311 -6.36 -40.33 13.89
C THR D 311 -6.76 -39.47 15.06
N ASP D 312 -6.25 -39.86 16.23
CA ASP D 312 -6.43 -39.18 17.51
C ASP D 312 -5.81 -37.79 17.61
N LEU D 313 -4.90 -37.42 16.70
CA LEU D 313 -4.51 -36.01 16.58
C LEU D 313 -5.70 -35.05 16.43
N MET D 314 -6.79 -35.52 15.80
CA MET D 314 -8.00 -34.70 15.52
C MET D 314 -9.14 -34.97 16.54
N ARG D 315 -8.80 -35.48 17.71
CA ARG D 315 -9.72 -35.59 18.85
C ARG D 315 -9.08 -34.93 20.07
N GLU D 316 -9.91 -34.52 21.02
CA GLU D 316 -9.40 -33.92 22.25
C GLU D 316 -8.65 -34.99 23.08
N GLU D 317 -7.45 -34.63 23.52
CA GLU D 317 -6.62 -35.55 24.25
C GLU D 317 -6.59 -35.15 25.72
N MLY D 318 -6.73 -36.17 26.58
CA MLY D 318 -6.48 -36.10 28.04
CB MLY D 318 -6.48 -37.51 28.63
CG MLY D 318 -7.90 -38.04 28.83
CD MLY D 318 -8.11 -38.55 30.25
CE MLY D 318 -9.22 -39.61 30.29
NZ MLY D 318 -10.33 -39.19 29.41
C MLY D 318 -5.15 -35.47 28.30
O MLY D 318 -4.11 -36.11 28.09
N VAL D 319 -5.19 -34.20 28.74
CA VAL D 319 -4.03 -33.45 29.20
C VAL D 319 -3.72 -33.88 30.63
N MLY D 320 -2.89 -34.91 30.81
CA MLY D 320 -2.60 -35.46 32.15
CB MLY D 320 -2.06 -36.89 32.04
CG MLY D 320 -3.10 -37.84 31.44
CD MLY D 320 -2.49 -39.22 31.22
CE MLY D 320 -3.43 -40.12 30.43
NZ MLY D 320 -2.79 -41.43 30.19
C MLY D 320 -1.57 -34.61 32.84
O MLY D 320 -0.70 -33.99 32.18
N GLU D 321 -1.63 -34.58 34.19
CA GLU D 321 -0.54 -34.05 35.03
C GLU D 321 0.69 -34.90 34.67
N ASP D 322 1.89 -34.33 34.76
CA ASP D 322 3.14 -35.01 34.36
C ASP D 322 3.48 -34.94 32.82
N PHE D 323 2.54 -34.61 31.95
CA PHE D 323 2.84 -34.23 30.53
C PHE D 323 3.65 -32.95 30.53
N LEU D 324 4.73 -32.86 29.79
CA LEU D 324 5.42 -31.55 29.71
C LEU D 324 4.57 -30.49 28.96
N SER D 325 3.72 -30.94 28.03
CA SER D 325 2.88 -30.03 27.20
C SER D 325 1.89 -29.15 27.99
N MLY D 326 1.30 -29.69 29.04
CA MLY D 326 0.53 -28.91 30.07
CB MLY D 326 0.24 -29.84 31.25
CG MLY D 326 -0.16 -29.11 32.53
CD MLY D 326 -1.68 -28.99 32.65
CE MLY D 326 -2.10 -28.75 34.10
NZ MLY D 326 -3.56 -28.71 34.19
C MLY D 326 1.30 -27.69 30.50
O MLY D 326 0.71 -26.66 30.77
N ASP D 327 2.63 -27.74 30.53
CA ASP D 327 3.43 -26.57 30.95
C ASP D 327 4.10 -25.77 29.84
N ILE D 328 3.76 -26.03 28.57
CA ILE D 328 4.35 -25.32 27.45
C ILE D 328 3.37 -24.26 26.93
N THR D 329 3.87 -23.02 26.72
CA THR D 329 3.18 -21.99 25.94
C THR D 329 4.05 -21.45 24.77
N LEU D 330 3.59 -21.64 23.53
CA LEU D 330 4.35 -21.18 22.37
C LEU D 330 4.26 -19.69 22.23
N MLY D 331 5.36 -19.05 21.87
CA MLY D 331 5.40 -17.58 21.79
CB MLY D 331 6.59 -17.07 22.59
CG MLY D 331 6.17 -16.11 23.69
CD MLY D 331 7.00 -16.32 24.96
CE MLY D 331 7.31 -15.01 25.68
NZ MLY D 331 8.54 -15.16 26.46
C MLY D 331 5.52 -17.17 20.34
O MLY D 331 4.72 -16.40 19.85
N GLU D 332 6.53 -17.68 19.64
CA GLU D 332 6.80 -17.19 18.28
C GLU D 332 7.83 -18.01 17.51
N ILE D 333 7.81 -17.71 16.22
CA ILE D 333 8.83 -18.04 15.28
C ILE D 333 9.78 -16.83 15.16
N MLY D 334 10.98 -16.99 15.72
CA MLY D 334 11.96 -15.92 15.91
CB MLY D 334 12.80 -16.26 17.15
CG MLY D 334 13.83 -15.19 17.47
CD MLY D 334 13.19 -13.89 17.91
CE MLY D 334 14.18 -13.01 18.64
NZ MLY D 334 15.30 -12.69 17.72
C MLY D 334 12.86 -15.81 14.72
O MLY D 334 13.46 -14.76 14.49
N ASN D 335 13.03 -16.92 14.00
CA ASN D 335 13.87 -16.92 12.83
C ASN D 335 13.52 -18.13 11.97
N VAL D 336 13.73 -17.97 10.67
CA VAL D 336 13.63 -19.06 9.68
C VAL D 336 14.83 -18.95 8.77
N LEU D 337 15.58 -20.05 8.62
CA LEU D 337 16.75 -20.08 7.73
C LEU D 337 16.45 -21.01 6.61
N ARG D 338 16.97 -20.72 5.43
CA ARG D 338 16.84 -21.65 4.31
C ARG D 338 17.81 -21.42 3.20
N VAL D 339 18.48 -22.47 2.77
CA VAL D 339 19.58 -22.32 1.81
C VAL D 339 19.33 -23.01 0.48
N1 PLP E . -10.87 35.65 -13.27
C2 PLP E . -9.73 34.93 -13.28
C2A PLP E . -8.55 35.34 -12.47
C3 PLP E . -9.63 33.71 -14.11
O3 PLP E . -8.52 32.95 -14.19
C4 PLP E . -10.80 33.36 -14.90
C4A PLP E . -10.72 32.16 -15.73
C5 PLP E . -12.00 34.22 -14.82
C6 PLP E . -11.95 35.33 -13.98
C5A PLP E . -13.23 33.88 -15.63
O4P PLP E . -13.82 32.60 -15.29
P PLP E . -14.59 31.75 -16.42
O1P PLP E . -15.56 32.70 -17.07
O2P PLP E . -13.56 31.27 -17.44
O3P PLP E . -15.15 30.59 -15.65
CL CL F . -7.91 30.64 -18.12
N1 PLP G . 8.57 28.06 6.53
C2 PLP G . 8.01 29.23 6.15
C2A PLP G . 7.70 29.54 4.71
C3 PLP G . 7.69 30.24 7.18
O3 PLP G . 7.15 31.43 6.84
C4 PLP G . 8.01 29.95 8.59
C4A PLP G . 7.72 30.93 9.65
C5 PLP G . 8.62 28.63 8.88
C6 PLP G . 8.87 27.76 7.83
C5A PLP G . 8.96 28.28 10.32
O4P PLP G . 7.80 28.18 11.17
P PLP G . 7.85 28.63 12.72
O1P PLP G . 8.02 30.12 12.70
O2P PLP G . 6.54 28.12 13.28
O3P PLP G . 9.03 27.86 13.27
N1 PLP H . -6.77 -24.50 -7.26
C2 PLP H . -6.80 -24.60 -5.91
C2A PLP H . -6.58 -25.94 -5.25
C3 PLP H . -7.03 -23.42 -5.07
O3 PLP H . -7.06 -23.51 -3.71
C4 PLP H . -7.25 -22.12 -5.76
C4A PLP H . -7.52 -20.88 -4.98
C5 PLP H . -7.20 -22.15 -7.24
C6 PLP H . -6.95 -23.36 -7.92
C5A PLP H . -7.40 -20.88 -8.03
O4P PLP H . -6.36 -19.95 -7.74
P PLP H . -6.69 -18.37 -7.76
O1P PLP H . -7.47 -18.12 -9.03
O2P PLP H . -7.59 -18.13 -6.58
O3P PLP H . -5.32 -17.72 -7.68
CL CL I . -9.70 -20.17 -1.61
N1 PLP J . 8.21 -39.83 12.16
C2 PLP J . 7.53 -40.13 11.02
C2A PLP J . 6.25 -39.41 10.71
C3 PLP J . 8.06 -41.18 10.11
O3 PLP J . 7.46 -41.56 8.95
C4 PLP J . 9.30 -41.85 10.51
C4A PLP J . 9.86 -42.90 9.63
C5 PLP J . 9.95 -41.42 11.78
C6 PLP J . 9.35 -40.42 12.54
C5A PLP J . 11.24 -42.05 12.26
O4P PLP J . 12.37 -41.77 11.47
P PLP J . 13.51 -42.90 11.27
O1P PLP J . 14.50 -42.16 10.43
O2P PLP J . 12.89 -44.09 10.56
O3P PLP J . 13.94 -43.25 12.69
CL CL K . 8.38 -45.83 7.43
#